data_1EC0
# 
_entry.id   1EC0 
# 
_audit_conform.dict_name       mmcif_pdbx.dic 
_audit_conform.dict_version    5.385 
_audit_conform.dict_location   http://mmcif.pdb.org/dictionaries/ascii/mmcif_pdbx.dic 
# 
loop_
_database_2.database_id 
_database_2.database_code 
_database_2.pdbx_database_accession 
_database_2.pdbx_DOI 
PDB   1EC0         pdb_00001ec0 10.2210/pdb1ec0/pdb 
RCSB  RCSB010443   ?            ?                   
WWPDB D_1000010443 ?            ?                   
# 
loop_
_pdbx_audit_revision_history.ordinal 
_pdbx_audit_revision_history.data_content_type 
_pdbx_audit_revision_history.major_revision 
_pdbx_audit_revision_history.minor_revision 
_pdbx_audit_revision_history.revision_date 
1 'Structure model' 1 0 2002-06-26 
2 'Structure model' 1 1 2008-04-27 
3 'Structure model' 1 2 2011-07-13 
4 'Structure model' 1 3 2018-03-07 
5 'Structure model' 1 4 2024-02-07 
# 
_pdbx_audit_revision_details.ordinal             1 
_pdbx_audit_revision_details.revision_ordinal    1 
_pdbx_audit_revision_details.data_content_type   'Structure model' 
_pdbx_audit_revision_details.provider            repository 
_pdbx_audit_revision_details.type                'Initial release' 
_pdbx_audit_revision_details.description         ? 
_pdbx_audit_revision_details.details             ? 
# 
loop_
_pdbx_audit_revision_group.ordinal 
_pdbx_audit_revision_group.revision_ordinal 
_pdbx_audit_revision_group.data_content_type 
_pdbx_audit_revision_group.group 
1 2 'Structure model' 'Version format compliance' 
2 3 'Structure model' 'Version format compliance' 
3 4 'Structure model' 'Data collection'           
4 5 'Structure model' 'Data collection'           
5 5 'Structure model' 'Database references'       
6 5 'Structure model' 'Derived calculations'      
# 
loop_
_pdbx_audit_revision_category.ordinal 
_pdbx_audit_revision_category.revision_ordinal 
_pdbx_audit_revision_category.data_content_type 
_pdbx_audit_revision_category.category 
1 4 'Structure model' diffrn_source  
2 5 'Structure model' chem_comp_atom 
3 5 'Structure model' chem_comp_bond 
4 5 'Structure model' database_2     
5 5 'Structure model' struct_site    
# 
loop_
_pdbx_audit_revision_item.ordinal 
_pdbx_audit_revision_item.revision_ordinal 
_pdbx_audit_revision_item.data_content_type 
_pdbx_audit_revision_item.item 
1 4 'Structure model' '_diffrn_source.pdbx_synchrotron_site' 
2 5 'Structure model' '_database_2.pdbx_DOI'                 
3 5 'Structure model' '_database_2.pdbx_database_accession'  
4 5 'Structure model' '_struct_site.pdbx_auth_asym_id'       
5 5 'Structure model' '_struct_site.pdbx_auth_comp_id'       
6 5 'Structure model' '_struct_site.pdbx_auth_seq_id'        
# 
_pdbx_database_status.status_code                     REL 
_pdbx_database_status.entry_id                        1EC0 
_pdbx_database_status.recvd_initial_deposition_date   2000-01-25 
_pdbx_database_status.deposit_site                    RCSB 
_pdbx_database_status.process_site                    RCSB 
_pdbx_database_status.status_code_sf                  REL 
_pdbx_database_status.status_code_mr                  ? 
_pdbx_database_status.SG_entry                        ? 
_pdbx_database_status.pdb_format_compatible           Y 
_pdbx_database_status.status_code_cs                  ? 
_pdbx_database_status.methods_development_category    ? 
_pdbx_database_status.status_code_nmr_data            ? 
# 
loop_
_pdbx_database_related.db_name 
_pdbx_database_related.db_id 
_pdbx_database_related.details 
_pdbx_database_related.content_type 
PDB 1AJV 
;1AJV contains the same protein complexed with 
                             the cyclic sulfamide inhibitor aha006
;
unspecified 
PDB 1AJX 
;1AJX contains the same protein complexed with 
                             the cyclic urea inhibitor aha001
;
unspecified 
PDB 1D4I 
;1D4I contains the same protein complexed with 
                             the inhibitor bea425
;
unspecified 
PDB 1D4H 
;1D4H contains the same protein complexed with 
                             the inhibitor bea435
;
unspecified 
PDB 1D4J 
;1D4J contains the same protein complexed with 
                             the inhibitor msl370
;
unspecified 
PDB 1EBW 'HIV-1 protease in complex with the inhibitor bea322'                                                               
unspecified 
PDB 1EBY 'HIV-1 protease in complex with the inhibitor bea369'                                                               
unspecified 
PDB 1EBZ 'HIV-1 protease in complex with the inhibitor bea388'                                                               
unspecified 
PDB 1EC1 'HIV-1 protease in complex with the inhibitor bea409'                                                               
unspecified 
PDB 1EC2 'HIV-1 protease in complex with the inhibitor bea428'                                                               
unspecified 
PDB 1EC3 'HIV-1 protease in complex with the inhibitor msa367'                                                               
unspecified 
# 
_audit_author.name           'Unge, T.' 
_audit_author.pdbx_ordinal   1 
# 
_citation.id                        primary 
_citation.title                     
;Symmetric fluoro-substituted diol-based HIV protease inhibitors. Ortho-fluorinated and meta-fluorinated P1/P1'-benzyloxy side groups significantly improve the antiviral activity and preserve binding efficacy
;
_citation.journal_abbrev            Eur.J.Biochem. 
_citation.journal_volume            271 
_citation.page_first                4594 
_citation.page_last                 4602 
_citation.year                      2004 
_citation.journal_id_ASTM           EJBCAI 
_citation.country                   IX 
_citation.journal_id_ISSN           0014-2956 
_citation.journal_id_CSD            0262 
_citation.book_publisher            ? 
_citation.pdbx_database_id_PubMed   15560801 
_citation.pdbx_database_id_DOI      10.1111/j.1432-1033.2004.04431.x 
# 
loop_
_citation_author.citation_id 
_citation_author.name 
_citation_author.ordinal 
_citation_author.identifier_ORCID 
primary 'Lindberg, J.'   1  ? 
primary 'Pyring, D.'     2  ? 
primary 'Lowgren, S.'    3  ? 
primary 'Rosenquist, A.' 4  ? 
primary 'Zuccarello, G.' 5  ? 
primary 'Kvarnstrom, I.' 6  ? 
primary 'Zhang, H.'      7  ? 
primary 'Vrang, L.'      8  ? 
primary 'Classon, B.'    9  ? 
primary 'Hallberg, A.'   10 ? 
primary 'Samuelsson, B.' 11 ? 
primary 'Unge, T.'       12 ? 
# 
loop_
_entity.id 
_entity.type 
_entity.src_method 
_entity.pdbx_description 
_entity.formula_weight 
_entity.pdbx_number_of_molecules 
_entity.pdbx_ec 
_entity.pdbx_mutation 
_entity.pdbx_fragment 
_entity.details 
1 polymer     man 'HIV-1 PROTEASE'                                                  10803.756 2   3.4.23.16 ? 'FRAGMENT 69-167' ? 
2 non-polymer syn 'N,N-[2,5-O-DI-2-FLUORO-BENZYL-GLUCARYL]-DI-[1-AMINO-INDAN-2-OL]' 688.714   1   ?         ? ?                 ? 
3 water       nat water                                                             18.015    102 ?         ? ?                 ? 
# 
_entity_poly.entity_id                      1 
_entity_poly.type                           'polypeptide(L)' 
_entity_poly.nstd_linkage                   no 
_entity_poly.nstd_monomer                   no 
_entity_poly.pdbx_seq_one_letter_code       
;PQITLWQRPLVTIKIGGQLKEALLDTGADDTVLEEMSLPGRWKPKMIGGIGGFIKVRQYDQILIEICGHKAIGTVLVGPT
PVNIIGRNLLTQIGCTLNF
;
_entity_poly.pdbx_seq_one_letter_code_can   
;PQITLWQRPLVTIKIGGQLKEALLDTGADDTVLEEMSLPGRWKPKMIGGIGGFIKVRQYDQILIEICGHKAIGTVLVGPT
PVNIIGRNLLTQIGCTLNF
;
_entity_poly.pdbx_strand_id                 A,B 
_entity_poly.pdbx_target_identifier         ? 
# 
loop_
_pdbx_entity_nonpoly.entity_id 
_pdbx_entity_nonpoly.name 
_pdbx_entity_nonpoly.comp_id 
2 'N,N-[2,5-O-DI-2-FLUORO-BENZYL-GLUCARYL]-DI-[1-AMINO-INDAN-2-OL]' BED 
3 water                                                             HOH 
# 
loop_
_entity_poly_seq.entity_id 
_entity_poly_seq.num 
_entity_poly_seq.mon_id 
_entity_poly_seq.hetero 
1 1  PRO n 
1 2  GLN n 
1 3  ILE n 
1 4  THR n 
1 5  LEU n 
1 6  TRP n 
1 7  GLN n 
1 8  ARG n 
1 9  PRO n 
1 10 LEU n 
1 11 VAL n 
1 12 THR n 
1 13 ILE n 
1 14 LYS n 
1 15 ILE n 
1 16 GLY n 
1 17 GLY n 
1 18 GLN n 
1 19 LEU n 
1 20 LYS n 
1 21 GLU n 
1 22 ALA n 
1 23 LEU n 
1 24 LEU n 
1 25 ASP n 
1 26 THR n 
1 27 GLY n 
1 28 ALA n 
1 29 ASP n 
1 30 ASP n 
1 31 THR n 
1 32 VAL n 
1 33 LEU n 
1 34 GLU n 
1 35 GLU n 
1 36 MET n 
1 37 SER n 
1 38 LEU n 
1 39 PRO n 
1 40 GLY n 
1 41 ARG n 
1 42 TRP n 
1 43 LYS n 
1 44 PRO n 
1 45 LYS n 
1 46 MET n 
1 47 ILE n 
1 48 GLY n 
1 49 GLY n 
1 50 ILE n 
1 51 GLY n 
1 52 GLY n 
1 53 PHE n 
1 54 ILE n 
1 55 LYS n 
1 56 VAL n 
1 57 ARG n 
1 58 GLN n 
1 59 TYR n 
1 60 ASP n 
1 61 GLN n 
1 62 ILE n 
1 63 LEU n 
1 64 ILE n 
1 65 GLU n 
1 66 ILE n 
1 67 CYS n 
1 68 GLY n 
1 69 HIS n 
1 70 LYS n 
1 71 ALA n 
1 72 ILE n 
1 73 GLY n 
1 74 THR n 
1 75 VAL n 
1 76 LEU n 
1 77 VAL n 
1 78 GLY n 
1 79 PRO n 
1 80 THR n 
1 81 PRO n 
1 82 VAL n 
1 83 ASN n 
1 84 ILE n 
1 85 ILE n 
1 86 GLY n 
1 87 ARG n 
1 88 ASN n 
1 89 LEU n 
1 90 LEU n 
1 91 THR n 
1 92 GLN n 
1 93 ILE n 
1 94 GLY n 
1 95 CYS n 
1 96 THR n 
1 97 LEU n 
1 98 ASN n 
1 99 PHE n 
# 
_entity_src_gen.entity_id                          1 
_entity_src_gen.pdbx_src_id                        1 
_entity_src_gen.pdbx_alt_source_flag               sample 
_entity_src_gen.pdbx_seq_type                      ? 
_entity_src_gen.pdbx_beg_seq_num                   ? 
_entity_src_gen.pdbx_end_seq_num                   ? 
_entity_src_gen.gene_src_common_name               ? 
_entity_src_gen.gene_src_genus                     Lentivirus 
_entity_src_gen.pdbx_gene_src_gene                 ? 
_entity_src_gen.gene_src_species                   ? 
_entity_src_gen.gene_src_strain                    ? 
_entity_src_gen.gene_src_tissue                    ? 
_entity_src_gen.gene_src_tissue_fraction           ? 
_entity_src_gen.gene_src_details                   ? 
_entity_src_gen.pdbx_gene_src_fragment             ? 
_entity_src_gen.pdbx_gene_src_scientific_name      'Human immunodeficiency virus 1' 
_entity_src_gen.pdbx_gene_src_ncbi_taxonomy_id     11676 
_entity_src_gen.pdbx_gene_src_variant              ? 
_entity_src_gen.pdbx_gene_src_cell_line            ? 
_entity_src_gen.pdbx_gene_src_atcc                 ? 
_entity_src_gen.pdbx_gene_src_organ                ? 
_entity_src_gen.pdbx_gene_src_organelle            ? 
_entity_src_gen.pdbx_gene_src_cell                 ? 
_entity_src_gen.pdbx_gene_src_cellular_location    ? 
_entity_src_gen.host_org_common_name               ? 
_entity_src_gen.pdbx_host_org_scientific_name      'Escherichia coli' 
_entity_src_gen.pdbx_host_org_ncbi_taxonomy_id     562 
_entity_src_gen.host_org_genus                     Escherichia 
_entity_src_gen.pdbx_host_org_gene                 ? 
_entity_src_gen.pdbx_host_org_organ                ? 
_entity_src_gen.host_org_species                   ? 
_entity_src_gen.pdbx_host_org_tissue               ? 
_entity_src_gen.pdbx_host_org_tissue_fraction      ? 
_entity_src_gen.pdbx_host_org_strain               ? 
_entity_src_gen.pdbx_host_org_variant              ? 
_entity_src_gen.pdbx_host_org_cell_line            ? 
_entity_src_gen.pdbx_host_org_atcc                 ? 
_entity_src_gen.pdbx_host_org_culture_collection   ? 
_entity_src_gen.pdbx_host_org_cell                 ? 
_entity_src_gen.pdbx_host_org_organelle            ? 
_entity_src_gen.pdbx_host_org_cellular_location    ? 
_entity_src_gen.pdbx_host_org_vector_type          ? 
_entity_src_gen.pdbx_host_org_vector               ? 
_entity_src_gen.host_org_details                   ? 
_entity_src_gen.expression_system_id               ? 
_entity_src_gen.plasmid_name                       PET11C 
_entity_src_gen.plasmid_details                    ? 
_entity_src_gen.pdbx_description                   ? 
# 
loop_
_chem_comp.id 
_chem_comp.type 
_chem_comp.mon_nstd_flag 
_chem_comp.name 
_chem_comp.pdbx_synonyms 
_chem_comp.formula 
_chem_comp.formula_weight 
ALA 'L-peptide linking' y ALANINE                                                           ?                  'C3 H7 N O2'       
89.093  
ARG 'L-peptide linking' y ARGININE                                                          ?                  'C6 H15 N4 O2 1'   
175.209 
ASN 'L-peptide linking' y ASPARAGINE                                                        ?                  'C4 H8 N2 O3'      
132.118 
ASP 'L-peptide linking' y 'ASPARTIC ACID'                                                   ?                  'C4 H7 N O4'       
133.103 
BED non-polymer         . 'N,N-[2,5-O-DI-2-FLUORO-BENZYL-GLUCARYL]-DI-[1-AMINO-INDAN-2-OL]' 'INHIBITOR BEA403' 'C38 H38 F2 N2 O8' 
688.714 
CYS 'L-peptide linking' y CYSTEINE                                                          ?                  'C3 H7 N O2 S'     
121.158 
GLN 'L-peptide linking' y GLUTAMINE                                                         ?                  'C5 H10 N2 O3'     
146.144 
GLU 'L-peptide linking' y 'GLUTAMIC ACID'                                                   ?                  'C5 H9 N O4'       
147.129 
GLY 'peptide linking'   y GLYCINE                                                           ?                  'C2 H5 N O2'       
75.067  
HIS 'L-peptide linking' y HISTIDINE                                                         ?                  'C6 H10 N3 O2 1'   
156.162 
HOH non-polymer         . WATER                                                             ?                  'H2 O'             
18.015  
ILE 'L-peptide linking' y ISOLEUCINE                                                        ?                  'C6 H13 N O2'      
131.173 
LEU 'L-peptide linking' y LEUCINE                                                           ?                  'C6 H13 N O2'      
131.173 
LYS 'L-peptide linking' y LYSINE                                                            ?                  'C6 H15 N2 O2 1'   
147.195 
MET 'L-peptide linking' y METHIONINE                                                        ?                  'C5 H11 N O2 S'    
149.211 
PHE 'L-peptide linking' y PHENYLALANINE                                                     ?                  'C9 H11 N O2'      
165.189 
PRO 'L-peptide linking' y PROLINE                                                           ?                  'C5 H9 N O2'       
115.130 
SER 'L-peptide linking' y SERINE                                                            ?                  'C3 H7 N O3'       
105.093 
THR 'L-peptide linking' y THREONINE                                                         ?                  'C4 H9 N O3'       
119.119 
TRP 'L-peptide linking' y TRYPTOPHAN                                                        ?                  'C11 H12 N2 O2'    
204.225 
TYR 'L-peptide linking' y TYROSINE                                                          ?                  'C9 H11 N O3'      
181.189 
VAL 'L-peptide linking' y VALINE                                                            ?                  'C5 H11 N O2'      
117.146 
# 
loop_
_pdbx_poly_seq_scheme.asym_id 
_pdbx_poly_seq_scheme.entity_id 
_pdbx_poly_seq_scheme.seq_id 
_pdbx_poly_seq_scheme.mon_id 
_pdbx_poly_seq_scheme.ndb_seq_num 
_pdbx_poly_seq_scheme.pdb_seq_num 
_pdbx_poly_seq_scheme.auth_seq_num 
_pdbx_poly_seq_scheme.pdb_mon_id 
_pdbx_poly_seq_scheme.auth_mon_id 
_pdbx_poly_seq_scheme.pdb_strand_id 
_pdbx_poly_seq_scheme.pdb_ins_code 
_pdbx_poly_seq_scheme.hetero 
A 1 1  PRO 1  1   1   PRO PRO A . n 
A 1 2  GLN 2  2   2   GLN GLN A . n 
A 1 3  ILE 3  3   3   ILE ILE A . n 
A 1 4  THR 4  4   4   THR THR A . n 
A 1 5  LEU 5  5   5   LEU LEU A . n 
A 1 6  TRP 6  6   6   TRP TRP A . n 
A 1 7  GLN 7  7   7   GLN GLN A . n 
A 1 8  ARG 8  8   8   ARG ARG A . n 
A 1 9  PRO 9  9   9   PRO PRO A . n 
A 1 10 LEU 10 10  10  LEU LEU A . n 
A 1 11 VAL 11 11  11  VAL VAL A . n 
A 1 12 THR 12 12  12  THR THR A . n 
A 1 13 ILE 13 13  13  ILE ILE A . n 
A 1 14 LYS 14 14  14  LYS LYS A . n 
A 1 15 ILE 15 15  15  ILE ILE A . n 
A 1 16 GLY 16 16  16  GLY GLY A . n 
A 1 17 GLY 17 17  17  GLY GLY A . n 
A 1 18 GLN 18 18  18  GLN GLN A . n 
A 1 19 LEU 19 19  19  LEU LEU A . n 
A 1 20 LYS 20 20  20  LYS LYS A . n 
A 1 21 GLU 21 21  21  GLU GLU A . n 
A 1 22 ALA 22 22  22  ALA ALA A . n 
A 1 23 LEU 23 23  23  LEU LEU A . n 
A 1 24 LEU 24 24  24  LEU LEU A . n 
A 1 25 ASP 25 25  25  ASP ASP A . n 
A 1 26 THR 26 26  26  THR THR A . n 
A 1 27 GLY 27 27  27  GLY GLY A . n 
A 1 28 ALA 28 28  28  ALA ALA A . n 
A 1 29 ASP 29 29  29  ASP ASP A . n 
A 1 30 ASP 30 30  30  ASP ASP A . n 
A 1 31 THR 31 31  31  THR THR A . n 
A 1 32 VAL 32 32  32  VAL VAL A . n 
A 1 33 LEU 33 33  33  LEU LEU A . n 
A 1 34 GLU 34 34  34  GLU GLU A . n 
A 1 35 GLU 35 35  35  GLU GLU A . n 
A 1 36 MET 36 36  36  MET MET A . n 
A 1 37 SER 37 37  37  SER SER A . n 
A 1 38 LEU 38 38  38  LEU LEU A . n 
A 1 39 PRO 39 39  39  PRO PRO A . n 
A 1 40 GLY 40 40  40  GLY GLY A . n 
A 1 41 ARG 41 41  41  ARG ALA A . n 
A 1 42 TRP 42 42  42  TRP TRP A . n 
A 1 43 LYS 43 43  43  LYS LYS A . n 
A 1 44 PRO 44 44  44  PRO PRO A . n 
A 1 45 LYS 45 45  45  LYS LYS A . n 
A 1 46 MET 46 46  46  MET MET A . n 
A 1 47 ILE 47 47  47  ILE ILE A . n 
A 1 48 GLY 48 48  48  GLY GLY A . n 
A 1 49 GLY 49 49  49  GLY GLY A . n 
A 1 50 ILE 50 50  50  ILE ILE A . n 
A 1 51 GLY 51 51  51  GLY GLY A . n 
A 1 52 GLY 52 52  52  GLY GLY A . n 
A 1 53 PHE 53 53  53  PHE PHE A . n 
A 1 54 ILE 54 54  54  ILE ILE A . n 
A 1 55 LYS 55 55  55  LYS LYS A . n 
A 1 56 VAL 56 56  56  VAL VAL A . n 
A 1 57 ARG 57 57  57  ARG ARG A . n 
A 1 58 GLN 58 58  58  GLN GLN A . n 
A 1 59 TYR 59 59  59  TYR TYR A . n 
A 1 60 ASP 60 60  60  ASP ASP A . n 
A 1 61 GLN 61 61  61  GLN GLN A . n 
A 1 62 ILE 62 62  62  ILE ILE A . n 
A 1 63 LEU 63 63  63  LEU LEU A . n 
A 1 64 ILE 64 64  64  ILE ILE A . n 
A 1 65 GLU 65 65  65  GLU GLU A . n 
A 1 66 ILE 66 66  66  ILE ILE A . n 
A 1 67 CYS 67 67  67  CYS CYS A . n 
A 1 68 GLY 68 68  68  GLY GLY A . n 
A 1 69 HIS 69 69  69  HIS HIS A . n 
A 1 70 LYS 70 70  70  LYS LYS A . n 
A 1 71 ALA 71 71  71  ALA ALA A . n 
A 1 72 ILE 72 72  72  ILE ILE A . n 
A 1 73 GLY 73 73  73  GLY GLY A . n 
A 1 74 THR 74 74  74  THR THR A . n 
A 1 75 VAL 75 75  75  VAL VAL A . n 
A 1 76 LEU 76 76  76  LEU LEU A . n 
A 1 77 VAL 77 77  77  VAL VAL A . n 
A 1 78 GLY 78 78  78  GLY GLY A . n 
A 1 79 PRO 79 79  79  PRO PRO A . n 
A 1 80 THR 80 80  80  THR THR A . n 
A 1 81 PRO 81 81  81  PRO PRO A . n 
A 1 82 VAL 82 82  82  VAL VAL A . n 
A 1 83 ASN 83 83  83  ASN ASN A . n 
A 1 84 ILE 84 84  84  ILE ILE A . n 
A 1 85 ILE 85 85  85  ILE ILE A . n 
A 1 86 GLY 86 86  86  GLY GLY A . n 
A 1 87 ARG 87 87  87  ARG ARG A . n 
A 1 88 ASN 88 88  88  ASN ASN A . n 
A 1 89 LEU 89 89  89  LEU LEU A . n 
A 1 90 LEU 90 90  90  LEU LEU A . n 
A 1 91 THR 91 91  91  THR THR A . n 
A 1 92 GLN 92 92  92  GLN GLN A . n 
A 1 93 ILE 93 93  93  ILE ILE A . n 
A 1 94 GLY 94 94  94  GLY GLY A . n 
A 1 95 CYS 95 95  95  CYS CYS A . n 
A 1 96 THR 96 96  96  THR THR A . n 
A 1 97 LEU 97 97  97  LEU LEU A . n 
A 1 98 ASN 98 98  98  ASN ASN A . n 
A 1 99 PHE 99 99  99  PHE PHE A . n 
B 1 1  PRO 1  101 101 PRO PRO B . n 
B 1 2  GLN 2  102 102 GLN GLN B . n 
B 1 3  ILE 3  103 103 ILE ILE B . n 
B 1 4  THR 4  104 104 THR THR B . n 
B 1 5  LEU 5  105 105 LEU LEU B . n 
B 1 6  TRP 6  106 106 TRP TRP B . n 
B 1 7  GLN 7  107 107 GLN GLN B . n 
B 1 8  ARG 8  108 108 ARG ARG B . n 
B 1 9  PRO 9  109 109 PRO PRO B . n 
B 1 10 LEU 10 110 110 LEU LEU B . n 
B 1 11 VAL 11 111 111 VAL VAL B . n 
B 1 12 THR 12 112 112 THR THR B . n 
B 1 13 ILE 13 113 113 ILE ILE B . n 
B 1 14 LYS 14 114 114 LYS LYS B . n 
B 1 15 ILE 15 115 115 ILE ILE B . n 
B 1 16 GLY 16 116 116 GLY GLY B . n 
B 1 17 GLY 17 117 117 GLY GLY B . n 
B 1 18 GLN 18 118 118 GLN GLN B . n 
B 1 19 LEU 19 119 119 LEU LEU B . n 
B 1 20 LYS 20 120 120 LYS LYS B . n 
B 1 21 GLU 21 121 121 GLU GLU B . n 
B 1 22 ALA 22 122 122 ALA ALA B . n 
B 1 23 LEU 23 123 123 LEU LEU B . n 
B 1 24 LEU 24 124 124 LEU LEU B . n 
B 1 25 ASP 25 125 125 ASP ASP B . n 
B 1 26 THR 26 126 126 THR THR B . n 
B 1 27 GLY 27 127 127 GLY GLY B . n 
B 1 28 ALA 28 128 128 ALA ALA B . n 
B 1 29 ASP 29 129 129 ASP ASP B . n 
B 1 30 ASP 30 130 130 ASP ASP B . n 
B 1 31 THR 31 131 131 THR THR B . n 
B 1 32 VAL 32 132 132 VAL VAL B . n 
B 1 33 LEU 33 133 133 LEU LEU B . n 
B 1 34 GLU 34 134 134 GLU GLU B . n 
B 1 35 GLU 35 135 135 GLU GLU B . n 
B 1 36 MET 36 136 136 MET MET B . n 
B 1 37 SER 37 137 137 SER SER B . n 
B 1 38 LEU 38 138 138 LEU LEU B . n 
B 1 39 PRO 39 139 139 PRO PRO B . n 
B 1 40 GLY 40 140 140 GLY GLY B . n 
B 1 41 ARG 41 141 141 ARG ARG B . n 
B 1 42 TRP 42 142 142 TRP TRP B . n 
B 1 43 LYS 43 143 143 LYS LYS B . n 
B 1 44 PRO 44 144 144 PRO PRO B . n 
B 1 45 LYS 45 145 145 LYS LYS B . n 
B 1 46 MET 46 146 146 MET MET B . n 
B 1 47 ILE 47 147 147 ILE ILE B . n 
B 1 48 GLY 48 148 148 GLY GLY B . n 
B 1 49 GLY 49 149 149 GLY GLY B . n 
B 1 50 ILE 50 150 150 ILE ILE B . n 
B 1 51 GLY 51 151 151 GLY GLY B . n 
B 1 52 GLY 52 152 152 GLY GLY B . n 
B 1 53 PHE 53 153 153 PHE PHE B . n 
B 1 54 ILE 54 154 154 ILE ILE B . n 
B 1 55 LYS 55 155 155 LYS ALA B . n 
B 1 56 VAL 56 156 156 VAL VAL B . n 
B 1 57 ARG 57 157 157 ARG ARG B . n 
B 1 58 GLN 58 158 158 GLN GLN B . n 
B 1 59 TYR 59 159 159 TYR TYR B . n 
B 1 60 ASP 60 160 160 ASP ASP B . n 
B 1 61 GLN 61 161 161 GLN GLN B . n 
B 1 62 ILE 62 162 162 ILE ILE B . n 
B 1 63 LEU 63 163 163 LEU LEU B . n 
B 1 64 ILE 64 164 164 ILE ILE B . n 
B 1 65 GLU 65 165 165 GLU GLU B . n 
B 1 66 ILE 66 166 166 ILE ILE B . n 
B 1 67 CYS 67 167 167 CYS CYS B . n 
B 1 68 GLY 68 168 168 GLY GLY B . n 
B 1 69 HIS 69 169 169 HIS HIS B . n 
B 1 70 LYS 70 170 170 LYS LYS B . n 
B 1 71 ALA 71 171 171 ALA ALA B . n 
B 1 72 ILE 72 172 172 ILE ILE B . n 
B 1 73 GLY 73 173 173 GLY GLY B . n 
B 1 74 THR 74 174 174 THR THR B . n 
B 1 75 VAL 75 175 175 VAL VAL B . n 
B 1 76 LEU 76 176 176 LEU LEU B . n 
B 1 77 VAL 77 177 177 VAL VAL B . n 
B 1 78 GLY 78 178 178 GLY GLY B . n 
B 1 79 PRO 79 179 179 PRO PRO B . n 
B 1 80 THR 80 180 180 THR THR B . n 
B 1 81 PRO 81 181 181 PRO PRO B . n 
B 1 82 VAL 82 182 182 VAL VAL B . n 
B 1 83 ASN 83 183 183 ASN ASN B . n 
B 1 84 ILE 84 184 184 ILE ILE B . n 
B 1 85 ILE 85 185 185 ILE ILE B . n 
B 1 86 GLY 86 186 186 GLY GLY B . n 
B 1 87 ARG 87 187 187 ARG ARG B . n 
B 1 88 ASN 88 188 188 ASN ASN B . n 
B 1 89 LEU 89 189 189 LEU LEU B . n 
B 1 90 LEU 90 190 190 LEU LEU B . n 
B 1 91 THR 91 191 191 THR THR B . n 
B 1 92 GLN 92 192 192 GLN GLN B . n 
B 1 93 ILE 93 193 193 ILE ILE B . n 
B 1 94 GLY 94 194 194 GLY GLY B . n 
B 1 95 CYS 95 195 195 CYS CYS B . n 
B 1 96 THR 96 196 196 THR THR B . n 
B 1 97 LEU 97 197 197 LEU LEU B . n 
B 1 98 ASN 98 198 198 ASN ASN B . n 
B 1 99 PHE 99 199 199 PHE PHE B . n 
# 
loop_
_pdbx_nonpoly_scheme.asym_id 
_pdbx_nonpoly_scheme.entity_id 
_pdbx_nonpoly_scheme.mon_id 
_pdbx_nonpoly_scheme.ndb_seq_num 
_pdbx_nonpoly_scheme.pdb_seq_num 
_pdbx_nonpoly_scheme.auth_seq_num 
_pdbx_nonpoly_scheme.pdb_mon_id 
_pdbx_nonpoly_scheme.auth_mon_id 
_pdbx_nonpoly_scheme.pdb_strand_id 
_pdbx_nonpoly_scheme.pdb_ins_code 
C 2 BED 1  501 501 BED BED A . 
D 3 HOH 1  601 601 HOH HOH A . 
D 3 HOH 2  605 605 HOH HOH A . 
D 3 HOH 3  606 606 HOH HOH A . 
D 3 HOH 4  607 607 HOH HOH A . 
D 3 HOH 5  608 608 HOH HOH A . 
D 3 HOH 6  613 613 HOH HOH A . 
D 3 HOH 7  614 614 HOH HOH A . 
D 3 HOH 8  615 615 HOH HOH A . 
D 3 HOH 9  619 619 HOH HOH A . 
D 3 HOH 10 620 620 HOH HOH A . 
D 3 HOH 11 621 621 HOH HOH A . 
D 3 HOH 12 622 622 HOH HOH A . 
D 3 HOH 13 624 624 HOH HOH A . 
D 3 HOH 14 625 625 HOH HOH A . 
D 3 HOH 15 627 627 HOH HOH A . 
D 3 HOH 16 628 628 HOH HOH A . 
D 3 HOH 17 630 630 HOH HOH A . 
D 3 HOH 18 632 632 HOH HOH A . 
D 3 HOH 19 633 633 HOH HOH A . 
D 3 HOH 20 638 638 HOH HOH A . 
D 3 HOH 21 639 639 HOH HOH A . 
D 3 HOH 22 641 641 HOH HOH A . 
D 3 HOH 23 643 643 HOH HOH A . 
D 3 HOH 24 645 645 HOH HOH A . 
D 3 HOH 25 646 646 HOH HOH A . 
D 3 HOH 26 652 652 HOH HOH A . 
D 3 HOH 27 653 653 HOH HOH A . 
D 3 HOH 28 654 654 HOH HOH A . 
D 3 HOH 29 655 655 HOH HOH A . 
D 3 HOH 30 657 657 HOH HOH A . 
D 3 HOH 31 660 660 HOH HOH A . 
D 3 HOH 32 668 668 HOH HOH A . 
D 3 HOH 33 672 672 HOH HOH A . 
D 3 HOH 34 673 673 HOH HOH A . 
D 3 HOH 35 679 679 HOH HOH A . 
D 3 HOH 36 680 680 HOH HOH A . 
D 3 HOH 37 683 683 HOH HOH A . 
D 3 HOH 38 685 685 HOH HOH A . 
D 3 HOH 39 686 686 HOH HOH A . 
D 3 HOH 40 687 687 HOH HOH A . 
D 3 HOH 41 688 688 HOH HOH A . 
D 3 HOH 42 689 689 HOH HOH A . 
D 3 HOH 43 690 690 HOH HOH A . 
D 3 HOH 44 691 691 HOH HOH A . 
D 3 HOH 45 696 696 HOH HOH A . 
D 3 HOH 46 698 698 HOH HOH A . 
D 3 HOH 47 702 702 HOH HOH A . 
E 3 HOH 1  602 602 HOH HOH B . 
E 3 HOH 2  603 603 HOH HOH B . 
E 3 HOH 3  604 604 HOH HOH B . 
E 3 HOH 4  609 609 HOH HOH B . 
E 3 HOH 5  610 610 HOH HOH B . 
E 3 HOH 6  611 611 HOH HOH B . 
E 3 HOH 7  612 612 HOH HOH B . 
E 3 HOH 8  616 616 HOH HOH B . 
E 3 HOH 9  617 617 HOH HOH B . 
E 3 HOH 10 618 618 HOH HOH B . 
E 3 HOH 11 623 623 HOH HOH B . 
E 3 HOH 12 626 626 HOH HOH B . 
E 3 HOH 13 629 629 HOH HOH B . 
E 3 HOH 14 631 631 HOH HOH B . 
E 3 HOH 15 634 634 HOH HOH B . 
E 3 HOH 16 635 635 HOH HOH B . 
E 3 HOH 17 636 636 HOH HOH B . 
E 3 HOH 18 637 637 HOH HOH B . 
E 3 HOH 19 640 640 HOH HOH B . 
E 3 HOH 20 642 642 HOH HOH B . 
E 3 HOH 21 644 644 HOH HOH B . 
E 3 HOH 22 647 647 HOH HOH B . 
E 3 HOH 23 648 648 HOH HOH B . 
E 3 HOH 24 649 649 HOH HOH B . 
E 3 HOH 25 650 650 HOH HOH B . 
E 3 HOH 26 651 651 HOH HOH B . 
E 3 HOH 27 656 656 HOH HOH B . 
E 3 HOH 28 658 658 HOH HOH B . 
E 3 HOH 29 659 659 HOH HOH B . 
E 3 HOH 30 661 661 HOH HOH B . 
E 3 HOH 31 662 662 HOH HOH B . 
E 3 HOH 32 663 663 HOH HOH B . 
E 3 HOH 33 664 664 HOH HOH B . 
E 3 HOH 34 665 665 HOH HOH B . 
E 3 HOH 35 666 666 HOH HOH B . 
E 3 HOH 36 667 667 HOH HOH B . 
E 3 HOH 37 669 669 HOH HOH B . 
E 3 HOH 38 670 670 HOH HOH B . 
E 3 HOH 39 671 671 HOH HOH B . 
E 3 HOH 40 674 674 HOH HOH B . 
E 3 HOH 41 675 675 HOH HOH B . 
E 3 HOH 42 676 676 HOH HOH B . 
E 3 HOH 43 677 677 HOH HOH B . 
E 3 HOH 44 678 678 HOH HOH B . 
E 3 HOH 45 681 681 HOH HOH B . 
E 3 HOH 46 682 682 HOH HOH B . 
E 3 HOH 47 684 684 HOH HOH B . 
E 3 HOH 48 692 692 HOH HOH B . 
E 3 HOH 49 693 693 HOH HOH B . 
E 3 HOH 50 694 694 HOH HOH B . 
E 3 HOH 51 695 695 HOH HOH B . 
E 3 HOH 52 697 697 HOH HOH B . 
E 3 HOH 53 699 699 HOH HOH B . 
E 3 HOH 54 700 700 HOH HOH B . 
E 3 HOH 55 701 701 HOH HOH B . 
# 
loop_
_pdbx_unobs_or_zero_occ_atoms.id 
_pdbx_unobs_or_zero_occ_atoms.PDB_model_num 
_pdbx_unobs_or_zero_occ_atoms.polymer_flag 
_pdbx_unobs_or_zero_occ_atoms.occupancy_flag 
_pdbx_unobs_or_zero_occ_atoms.auth_asym_id 
_pdbx_unobs_or_zero_occ_atoms.auth_comp_id 
_pdbx_unobs_or_zero_occ_atoms.auth_seq_id 
_pdbx_unobs_or_zero_occ_atoms.PDB_ins_code 
_pdbx_unobs_or_zero_occ_atoms.auth_atom_id 
_pdbx_unobs_or_zero_occ_atoms.label_alt_id 
_pdbx_unobs_or_zero_occ_atoms.label_asym_id 
_pdbx_unobs_or_zero_occ_atoms.label_comp_id 
_pdbx_unobs_or_zero_occ_atoms.label_seq_id 
_pdbx_unobs_or_zero_occ_atoms.label_atom_id 
1  1 Y 1 A ARG 41  ? CG  ? A ARG 41 CG  
2  1 Y 1 A ARG 41  ? CD  ? A ARG 41 CD  
3  1 Y 1 A ARG 41  ? NE  ? A ARG 41 NE  
4  1 Y 1 A ARG 41  ? CZ  ? A ARG 41 CZ  
5  1 Y 1 A ARG 41  ? NH1 ? A ARG 41 NH1 
6  1 Y 1 A ARG 41  ? NH2 ? A ARG 41 NH2 
7  1 Y 1 B LYS 155 ? CG  ? B LYS 55 CG  
8  1 Y 1 B LYS 155 ? CD  ? B LYS 55 CD  
9  1 Y 1 B LYS 155 ? CE  ? B LYS 55 CE  
10 1 Y 1 B LYS 155 ? NZ  ? B LYS 55 NZ  
# 
loop_
_software.name 
_software.classification 
_software.version 
_software.citation_id 
_software.pdbx_ordinal 
DENZO     'data reduction' .   ? 1 
SCALEPACK 'data scaling'   .   ? 2 
X-PLOR    'model building' .   ? 3 
CNS       refinement       0.9 ? 4 
X-PLOR    phasing          .   ? 5 
# 
_cell.entry_id           1EC0 
_cell.length_a           58.130 
_cell.length_b           86.050 
_cell.length_c           46.440 
_cell.angle_alpha        90.00 
_cell.angle_beta         90.00 
_cell.angle_gamma        90.00 
_cell.Z_PDB              8 
_cell.pdbx_unique_axis   ? 
# 
_symmetry.entry_id                         1EC0 
_symmetry.space_group_name_H-M             'P 21 21 2' 
_symmetry.pdbx_full_space_group_name_H-M   ? 
_symmetry.cell_setting                     ? 
_symmetry.Int_Tables_number                18 
_symmetry.space_group_name_Hall            ? 
# 
_exptl.entry_id          1EC0 
_exptl.method            'X-RAY DIFFRACTION' 
_exptl.crystals_number   5 
# 
_exptl_crystal.id                    1 
_exptl_crystal.density_meas          ? 
_exptl_crystal.density_Matthews      2.69 
_exptl_crystal.density_percent_sol   54.24 
_exptl_crystal.description           ? 
_exptl_crystal.F_000                 ? 
_exptl_crystal.preparation           ? 
# 
_exptl_crystal_grow.crystal_id      1 
_exptl_crystal_grow.method          'VAPOR DIFFUSION, HANGING DROP' 
_exptl_crystal_grow.temp            277 
_exptl_crystal_grow.temp_details    ? 
_exptl_crystal_grow.pH              5.5 
_exptl_crystal_grow.pdbx_details    
;0.4 M Sodium chloride, 0.05 M MES, 0.02 % (W/V) sodium 
                       azide, pH 5.5, VAPOR DIFFUSION, HANGING DROP, temperature 277K
;
_exptl_crystal_grow.pdbx_pH_range   . 
# 
_diffrn.id                     1 
_diffrn.ambient_temp           277 
_diffrn.ambient_temp_details   ? 
_diffrn.crystal_id             1 
# 
_diffrn_detector.diffrn_id              1 
_diffrn_detector.detector               'IMAGE PLATE' 
_diffrn_detector.type                   MARRESEARCH 
_diffrn_detector.pdbx_collection_date   1998-03-26 
_diffrn_detector.details                ? 
# 
_diffrn_radiation.diffrn_id                        1 
_diffrn_radiation.wavelength_id                    1 
_diffrn_radiation.pdbx_monochromatic_or_laue_m_l   M 
_diffrn_radiation.monochromator                    ? 
_diffrn_radiation.pdbx_diffrn_protocol             'SINGLE WAVELENGTH' 
_diffrn_radiation.pdbx_scattering_type             x-ray 
# 
_diffrn_radiation_wavelength.id           1 
_diffrn_radiation_wavelength.wavelength   0.958 
_diffrn_radiation_wavelength.wt           1.0 
# 
_diffrn_source.diffrn_id                   1 
_diffrn_source.source                      SYNCHROTRON 
_diffrn_source.type                        'MAX II BEAMLINE I711' 
_diffrn_source.pdbx_synchrotron_site       'MAX II' 
_diffrn_source.pdbx_synchrotron_beamline   I711 
_diffrn_source.pdbx_wavelength             0.958 
_diffrn_source.pdbx_wavelength_list        ? 
# 
_reflns.entry_id                     1EC0 
_reflns.observed_criterion_sigma_I   1. 
_reflns.observed_criterion_sigma_F   1. 
_reflns.d_resolution_low             24.64 
_reflns.d_resolution_high            1.79 
_reflns.number_obs                   20040 
_reflns.number_all                   22810 
_reflns.percent_possible_obs         84.1 
_reflns.pdbx_Rmerge_I_obs            0.107 
_reflns.pdbx_Rsym_value              ? 
_reflns.pdbx_netI_over_sigmaI        6.0 
_reflns.B_iso_Wilson_estimate        10.8 
_reflns.pdbx_redundancy              2.4 
_reflns.R_free_details               ? 
_reflns.limit_h_max                  ? 
_reflns.limit_h_min                  ? 
_reflns.limit_k_max                  ? 
_reflns.limit_k_min                  ? 
_reflns.limit_l_max                  ? 
_reflns.limit_l_min                  ? 
_reflns.observed_criterion_F_max     ? 
_reflns.observed_criterion_F_min     ? 
_reflns.pdbx_chi_squared             ? 
_reflns.pdbx_scaling_rejects         ? 
_reflns.pdbx_diffrn_id               1 
_reflns.pdbx_ordinal                 1 
# 
_reflns_shell.d_res_high             1.79 
_reflns_shell.d_res_low              1.90 
_reflns_shell.percent_possible_all   84.1 
_reflns_shell.Rmerge_I_obs           0.598 
_reflns_shell.pdbx_Rsym_value        ? 
_reflns_shell.meanI_over_sigI_obs    ? 
_reflns_shell.pdbx_redundancy        1.7 
_reflns_shell.percent_possible_obs   ? 
_reflns_shell.number_unique_all      2965 
_reflns_shell.number_measured_all    ? 
_reflns_shell.number_measured_obs    ? 
_reflns_shell.number_unique_obs      ? 
_reflns_shell.pdbx_chi_squared       ? 
_reflns_shell.pdbx_diffrn_id         ? 
_reflns_shell.pdbx_ordinal           1 
# 
_refine.entry_id                                 1EC0 
_refine.ls_number_reflns_obs                     20040 
_refine.ls_number_reflns_all                     22810 
_refine.pdbx_ls_sigma_I                          0. 
_refine.pdbx_ls_sigma_F                          0.0 
_refine.pdbx_data_cutoff_high_absF               1290151.56 
_refine.pdbx_data_cutoff_low_absF                0.00 
_refine.ls_d_res_low                             24.64 
_refine.ls_d_res_high                            1.79 
_refine.ls_percent_reflns_obs                    88.0 
_refine.ls_R_factor_obs                          ? 
_refine.ls_R_factor_all                          ? 
_refine.ls_R_factor_R_work                       0.191 
_refine.ls_R_factor_R_free                       0.222 
_refine.ls_R_factor_R_free_error                 0.007 
_refine.ls_R_factor_R_free_error_details         ? 
_refine.ls_percent_reflns_R_free                 5.1 
_refine.ls_number_reflns_R_free                  1021 
_refine.ls_number_parameters                     ? 
_refine.ls_number_restraints                     ? 
_refine.occupancy_min                            ? 
_refine.occupancy_max                            ? 
_refine.B_iso_mean                               19.1 
_refine.aniso_B[1][1]                            1.00 
_refine.aniso_B[2][2]                            -0.49 
_refine.aniso_B[3][3]                            -0.52 
_refine.aniso_B[1][2]                            0.00 
_refine.aniso_B[1][3]                            0.00 
_refine.aniso_B[2][3]                            0.00 
_refine.solvent_model_details                    'FLAT MODEL' 
_refine.solvent_model_param_ksol                 0.331 
_refine.solvent_model_param_bsol                 42.02 
_refine.pdbx_ls_cross_valid_method               THROUGHOUT 
_refine.details                                  'Refined with CNS program system' 
_refine.pdbx_starting_model                      ? 
_refine.pdbx_method_to_determine_struct          ? 
_refine.pdbx_isotropic_thermal_model             RESTRAINED 
_refine.pdbx_stereochemistry_target_values       ? 
_refine.pdbx_stereochem_target_val_spec_case     ? 
_refine.pdbx_R_Free_selection_details            RANDOM 
_refine.pdbx_overall_ESU_R_Free                  ? 
_refine.overall_SU_B                             ? 
_refine.ls_redundancy_reflns_obs                 ? 
_refine.B_iso_min                                ? 
_refine.B_iso_max                                ? 
_refine.overall_SU_ML                            ? 
_refine.pdbx_overall_ESU_R                       ? 
_refine.pdbx_data_cutoff_high_rms_absF           ? 
_refine.correlation_coeff_Fo_to_Fc               ? 
_refine.correlation_coeff_Fo_to_Fc_free          ? 
_refine.pdbx_solvent_vdw_probe_radii             ? 
_refine.pdbx_solvent_ion_probe_radii             ? 
_refine.pdbx_solvent_shrinkage_radii             ? 
_refine.overall_SU_R_Cruickshank_DPI             ? 
_refine.overall_SU_R_free                        ? 
_refine.ls_wR_factor_R_free                      ? 
_refine.ls_wR_factor_R_work                      ? 
_refine.overall_FOM_free_R_set                   ? 
_refine.overall_FOM_work_R_set                   ? 
_refine.pdbx_refine_id                           'X-RAY DIFFRACTION' 
_refine.pdbx_diffrn_id                           1 
_refine.pdbx_TLS_residual_ADP_flag               ? 
_refine.pdbx_overall_phase_error                 ? 
_refine.pdbx_overall_SU_R_free_Cruickshank_DPI   ? 
_refine.pdbx_overall_SU_R_Blow_DPI               ? 
_refine.pdbx_overall_SU_R_free_Blow_DPI          ? 
# 
_refine_analyze.entry_id                        1EC0 
_refine_analyze.Luzzati_coordinate_error_obs    0.20 
_refine_analyze.Luzzati_sigma_a_obs             0.19 
_refine_analyze.Luzzati_d_res_low_obs           5.00 
_refine_analyze.Luzzati_coordinate_error_free   0.23 
_refine_analyze.Luzzati_sigma_a_free            0.22 
_refine_analyze.Luzzati_d_res_low_free          ? 
_refine_analyze.number_disordered_residues      ? 
_refine_analyze.occupancy_sum_hydrogen          ? 
_refine_analyze.occupancy_sum_non_hydrogen      ? 
_refine_analyze.pdbx_Luzzati_d_res_high_obs     ? 
_refine_analyze.pdbx_refine_id                  'X-RAY DIFFRACTION' 
# 
_refine_hist.pdbx_refine_id                   'X-RAY DIFFRACTION' 
_refine_hist.cycle_id                         LAST 
_refine_hist.pdbx_number_atoms_protein        1506 
_refine_hist.pdbx_number_atoms_nucleic_acid   0 
_refine_hist.pdbx_number_atoms_ligand         50 
_refine_hist.number_atoms_solvent             102 
_refine_hist.number_atoms_total               1658 
_refine_hist.d_res_high                       1.79 
_refine_hist.d_res_low                        24.64 
# 
loop_
_refine_ls_restr.type 
_refine_ls_restr.dev_ideal 
_refine_ls_restr.dev_ideal_target 
_refine_ls_restr.weight 
_refine_ls_restr.number 
_refine_ls_restr.pdbx_refine_id 
_refine_ls_restr.pdbx_restraint_function 
c_bond_d           0.006 ?    ? ? 'X-RAY DIFFRACTION' ? 
c_angle_deg        1.2   ?    ? ? 'X-RAY DIFFRACTION' ? 
c_dihedral_angle_d 25.2  ?    ? ? 'X-RAY DIFFRACTION' ? 
c_improper_angle_d 0.66  ?    ? ? 'X-RAY DIFFRACTION' ? 
c_mcbond_it        1.54  1.50 ? ? 'X-RAY DIFFRACTION' ? 
c_mcangle_it       2.29  2.00 ? ? 'X-RAY DIFFRACTION' ? 
c_scbond_it        7.98  2.00 ? ? 'X-RAY DIFFRACTION' ? 
c_scangle_it       5.93  2.50 ? ? 'X-RAY DIFFRACTION' ? 
# 
_refine_ls_shell.pdbx_total_number_of_bins_used   6 
_refine_ls_shell.d_res_high                       1.79 
_refine_ls_shell.d_res_low                        1.90 
_refine_ls_shell.number_reflns_R_work             2965 
_refine_ls_shell.R_factor_R_work                  0.266 
_refine_ls_shell.percent_reflns_obs               84.1 
_refine_ls_shell.R_factor_R_free                  0.302 
_refine_ls_shell.R_factor_R_free_error            0.023 
_refine_ls_shell.percent_reflns_R_free            5.3 
_refine_ls_shell.number_reflns_R_free             165 
_refine_ls_shell.redundancy_reflns_obs            ? 
_refine_ls_shell.number_reflns_all                ? 
_refine_ls_shell.number_reflns_obs                ? 
_refine_ls_shell.pdbx_refine_id                   'X-RAY DIFFRACTION' 
_refine_ls_shell.R_factor_all                     ? 
# 
loop_
_pdbx_xplor_file.serial_no 
_pdbx_xplor_file.param_file 
_pdbx_xplor_file.topol_file 
_pdbx_xplor_file.pdbx_refine_id 
1 PROTEIN_REP.PA PROTEIN.TOP 'X-RAY DIFFRACTION' 
2 WATER_REP.PARA BEA403.TOP  'X-RAY DIFFRACTION' 
3 BEA403.PAR     ?           'X-RAY DIFFRACTION' 
# 
_struct.entry_id                  1EC0 
_struct.title                     'HIV-1 protease in complex with the inhibitor bea403' 
_struct.pdbx_model_details        ? 
_struct.pdbx_CASP_flag            ? 
_struct.pdbx_model_type_details   ? 
# 
_struct_keywords.entry_id        1EC0 
_struct_keywords.pdbx_keywords   'HYDROLASE/HYDROLASE INHIBITOR' 
_struct_keywords.text            'Dimer, protein-inhibitor complex, HYDROLASE-HYDROLASE INHIBITOR COMPLEX' 
# 
loop_
_struct_asym.id 
_struct_asym.pdbx_blank_PDB_chainid_flag 
_struct_asym.pdbx_modified 
_struct_asym.entity_id 
_struct_asym.details 
A N N 1 ? 
B N N 1 ? 
C N N 2 ? 
D N N 3 ? 
E N N 3 ? 
# 
_struct_ref.id                         1 
_struct_ref.db_name                    UNP 
_struct_ref.db_code                    POL_HV1B1 
_struct_ref.entity_id                  1 
_struct_ref.pdbx_db_accession          P03366 
_struct_ref.pdbx_align_begin           69 
_struct_ref.pdbx_seq_one_letter_code   
;PQITLWQRPLVTIKIGGQLKEALLDTGADDTVLEEMSLPGRWKPKMIGGIGGFIKVRQYDQILIEICGHKAIGTVLVGPT
PVNIIGRNLLTQIGCTLNF
;
_struct_ref.pdbx_db_isoform            ? 
# 
loop_
_struct_ref_seq.align_id 
_struct_ref_seq.ref_id 
_struct_ref_seq.pdbx_PDB_id_code 
_struct_ref_seq.pdbx_strand_id 
_struct_ref_seq.seq_align_beg 
_struct_ref_seq.pdbx_seq_align_beg_ins_code 
_struct_ref_seq.seq_align_end 
_struct_ref_seq.pdbx_seq_align_end_ins_code 
_struct_ref_seq.pdbx_db_accession 
_struct_ref_seq.db_align_beg 
_struct_ref_seq.pdbx_db_align_beg_ins_code 
_struct_ref_seq.db_align_end 
_struct_ref_seq.pdbx_db_align_end_ins_code 
_struct_ref_seq.pdbx_auth_seq_align_beg 
_struct_ref_seq.pdbx_auth_seq_align_end 
1 1 1EC0 A 1 ? 99 ? P03366 69 ? 167 ? 1   99  
2 1 1EC0 B 1 ? 99 ? P03366 69 ? 167 ? 101 199 
# 
_pdbx_struct_assembly.id                   1 
_pdbx_struct_assembly.details              author_and_software_defined_assembly 
_pdbx_struct_assembly.method_details       PISA 
_pdbx_struct_assembly.oligomeric_details   dimeric 
_pdbx_struct_assembly.oligomeric_count     2 
# 
loop_
_pdbx_struct_assembly_prop.biol_id 
_pdbx_struct_assembly_prop.type 
_pdbx_struct_assembly_prop.value 
_pdbx_struct_assembly_prop.details 
1 'ABSA (A^2)' 5100 ? 
1 MORE         -32  ? 
1 'SSA (A^2)'  9010 ? 
# 
_pdbx_struct_assembly_gen.assembly_id       1 
_pdbx_struct_assembly_gen.oper_expression   1 
_pdbx_struct_assembly_gen.asym_id_list      A,B,C,D,E 
# 
_pdbx_struct_oper_list.id                   1 
_pdbx_struct_oper_list.type                 'identity operation' 
_pdbx_struct_oper_list.name                 1_555 
_pdbx_struct_oper_list.symmetry_operation   x,y,z 
_pdbx_struct_oper_list.matrix[1][1]         1.0000000000 
_pdbx_struct_oper_list.matrix[1][2]         0.0000000000 
_pdbx_struct_oper_list.matrix[1][3]         0.0000000000 
_pdbx_struct_oper_list.vector[1]            0.0000000000 
_pdbx_struct_oper_list.matrix[2][1]         0.0000000000 
_pdbx_struct_oper_list.matrix[2][2]         1.0000000000 
_pdbx_struct_oper_list.matrix[2][3]         0.0000000000 
_pdbx_struct_oper_list.vector[2]            0.0000000000 
_pdbx_struct_oper_list.matrix[3][1]         0.0000000000 
_pdbx_struct_oper_list.matrix[3][2]         0.0000000000 
_pdbx_struct_oper_list.matrix[3][3]         1.0000000000 
_pdbx_struct_oper_list.vector[3]            0.0000000000 
# 
_struct_biol.id                    1 
_struct_biol.details               'The biological assembly is a dimer' 
_struct_biol.pdbx_parent_biol_id   ? 
# 
loop_
_struct_conf.conf_type_id 
_struct_conf.id 
_struct_conf.pdbx_PDB_helix_id 
_struct_conf.beg_label_comp_id 
_struct_conf.beg_label_asym_id 
_struct_conf.beg_label_seq_id 
_struct_conf.pdbx_beg_PDB_ins_code 
_struct_conf.end_label_comp_id 
_struct_conf.end_label_asym_id 
_struct_conf.end_label_seq_id 
_struct_conf.pdbx_end_PDB_ins_code 
_struct_conf.beg_auth_comp_id 
_struct_conf.beg_auth_asym_id 
_struct_conf.beg_auth_seq_id 
_struct_conf.end_auth_comp_id 
_struct_conf.end_auth_asym_id 
_struct_conf.end_auth_seq_id 
_struct_conf.pdbx_PDB_helix_class 
_struct_conf.details 
_struct_conf.pdbx_PDB_helix_length 
HELX_P HELX_P1 1 GLY A 86 ? THR A 91 ? GLY A 86  THR A 91  1 ? 6 
HELX_P HELX_P2 2 GLN A 92 ? GLY A 94 ? GLN A 92  GLY A 94  5 ? 3 
HELX_P HELX_P3 3 GLY B 86 ? THR B 91 ? GLY B 186 THR B 191 1 ? 6 
# 
_struct_conf_type.id          HELX_P 
_struct_conf_type.criteria    ? 
_struct_conf_type.reference   ? 
# 
loop_
_struct_sheet.id 
_struct_sheet.type 
_struct_sheet.number_strands 
_struct_sheet.details 
A ? 4 ? 
B ? 8 ? 
C ? 8 ? 
# 
loop_
_struct_sheet_order.sheet_id 
_struct_sheet_order.range_id_1 
_struct_sheet_order.range_id_2 
_struct_sheet_order.offset 
_struct_sheet_order.sense 
A 1 2 ? anti-parallel 
A 2 3 ? anti-parallel 
A 3 4 ? anti-parallel 
B 1 2 ? anti-parallel 
B 2 3 ? anti-parallel 
B 3 4 ? anti-parallel 
B 4 5 ? parallel      
B 5 6 ? anti-parallel 
B 6 7 ? parallel      
B 7 8 ? anti-parallel 
C 1 2 ? anti-parallel 
C 2 3 ? anti-parallel 
C 3 4 ? anti-parallel 
C 4 5 ? parallel      
C 5 6 ? anti-parallel 
C 6 7 ? parallel      
C 7 8 ? anti-parallel 
# 
loop_
_struct_sheet_range.sheet_id 
_struct_sheet_range.id 
_struct_sheet_range.beg_label_comp_id 
_struct_sheet_range.beg_label_asym_id 
_struct_sheet_range.beg_label_seq_id 
_struct_sheet_range.pdbx_beg_PDB_ins_code 
_struct_sheet_range.end_label_comp_id 
_struct_sheet_range.end_label_asym_id 
_struct_sheet_range.end_label_seq_id 
_struct_sheet_range.pdbx_end_PDB_ins_code 
_struct_sheet_range.beg_auth_comp_id 
_struct_sheet_range.beg_auth_asym_id 
_struct_sheet_range.beg_auth_seq_id 
_struct_sheet_range.end_auth_comp_id 
_struct_sheet_range.end_auth_asym_id 
_struct_sheet_range.end_auth_seq_id 
A 1 GLN A 2  ? ILE A 3  ? GLN A 2   ILE A 3   
A 2 THR B 96 ? ASN B 98 ? THR B 196 ASN B 198 
A 3 THR A 96 ? ASN A 98 ? THR A 96  ASN A 98  
A 4 GLN B 2  ? ILE B 3  ? GLN B 102 ILE B 103 
B 1 LYS A 43 ? GLY A 49 ? LYS A 43  GLY A 49  
B 2 GLY A 52 ? ILE A 66 ? GLY A 52  ILE A 66  
B 3 LEU A 10 ? ILE A 15 ? LEU A 10  ILE A 15  
B 4 GLN A 18 ? LEU A 24 ? GLN A 18  LEU A 24  
B 5 ILE A 84 ? ILE A 85 ? ILE A 84  ILE A 85  
B 6 VAL A 32 ? LEU A 33 ? VAL A 32  LEU A 33  
B 7 HIS A 69 ? VAL A 77 ? HIS A 69  VAL A 77  
B 8 GLY A 52 ? ILE A 66 ? GLY A 52  ILE A 66  
C 1 LYS B 43 ? GLY B 49 ? LYS B 143 GLY B 149 
C 2 GLY B 52 ? ILE B 66 ? GLY B 152 ILE B 166 
C 3 LEU B 10 ? ILE B 15 ? LEU B 110 ILE B 115 
C 4 GLN B 18 ? LEU B 24 ? GLN B 118 LEU B 124 
C 5 ILE B 84 ? ILE B 85 ? ILE B 184 ILE B 185 
C 6 VAL B 32 ? LEU B 33 ? VAL B 132 LEU B 133 
C 7 HIS B 69 ? VAL B 77 ? HIS B 169 VAL B 177 
C 8 GLY B 52 ? ILE B 66 ? GLY B 152 ILE B 166 
# 
loop_
_pdbx_struct_sheet_hbond.sheet_id 
_pdbx_struct_sheet_hbond.range_id_1 
_pdbx_struct_sheet_hbond.range_id_2 
_pdbx_struct_sheet_hbond.range_1_label_atom_id 
_pdbx_struct_sheet_hbond.range_1_label_comp_id 
_pdbx_struct_sheet_hbond.range_1_label_asym_id 
_pdbx_struct_sheet_hbond.range_1_label_seq_id 
_pdbx_struct_sheet_hbond.range_1_PDB_ins_code 
_pdbx_struct_sheet_hbond.range_1_auth_atom_id 
_pdbx_struct_sheet_hbond.range_1_auth_comp_id 
_pdbx_struct_sheet_hbond.range_1_auth_asym_id 
_pdbx_struct_sheet_hbond.range_1_auth_seq_id 
_pdbx_struct_sheet_hbond.range_2_label_atom_id 
_pdbx_struct_sheet_hbond.range_2_label_comp_id 
_pdbx_struct_sheet_hbond.range_2_label_asym_id 
_pdbx_struct_sheet_hbond.range_2_label_seq_id 
_pdbx_struct_sheet_hbond.range_2_PDB_ins_code 
_pdbx_struct_sheet_hbond.range_2_auth_atom_id 
_pdbx_struct_sheet_hbond.range_2_auth_comp_id 
_pdbx_struct_sheet_hbond.range_2_auth_asym_id 
_pdbx_struct_sheet_hbond.range_2_auth_seq_id 
A 1 2 N ILE A 3  ? N ILE A 3   O LEU B 97 ? O LEU B 197 
A 2 3 O ASN B 98 ? O ASN B 198 N THR A 96 ? N THR A 96  
A 3 4 O LEU A 97 ? O LEU A 97  N ILE B 3  ? N ILE B 103 
B 1 2 N GLY A 49 ? N GLY A 49  O GLY A 52 ? O GLY A 52  
B 2 3 N GLU A 65 ? N GLU A 65  O LYS A 14 ? O LYS A 14  
B 3 4 N ILE A 15 ? N ILE A 15  O GLN A 18 ? O GLN A 18  
B 4 5 O LEU A 23 ? O LEU A 23  N ILE A 85 ? N ILE A 85  
B 5 6 N ILE A 84 ? N ILE A 84  O VAL A 32 ? O VAL A 32  
B 6 7 N LEU A 33 ? N LEU A 33  O LEU A 76 ? O LEU A 76  
B 7 8 O VAL A 77 ? O VAL A 77  N ARG A 57 ? N ARG A 57  
C 1 2 N GLY B 49 ? N GLY B 149 O GLY B 52 ? O GLY B 152 
C 2 3 N GLU B 65 ? N GLU B 165 O LYS B 14 ? O LYS B 114 
C 3 4 N ILE B 15 ? N ILE B 115 O GLN B 18 ? O GLN B 118 
C 4 5 O LEU B 23 ? O LEU B 123 N ILE B 85 ? N ILE B 185 
C 5 6 N ILE B 84 ? N ILE B 184 O VAL B 32 ? O VAL B 132 
C 6 7 N LEU B 33 ? N LEU B 133 O LEU B 76 ? O LEU B 176 
C 7 8 O VAL B 77 ? O VAL B 177 N ARG B 57 ? N ARG B 157 
# 
_struct_site.id                   AC1 
_struct_site.pdbx_evidence_code   Software 
_struct_site.pdbx_auth_asym_id    A 
_struct_site.pdbx_auth_comp_id    BED 
_struct_site.pdbx_auth_seq_id     501 
_struct_site.pdbx_auth_ins_code   ? 
_struct_site.pdbx_num_residues    28 
_struct_site.details              'BINDING SITE FOR RESIDUE BED A 501' 
# 
loop_
_struct_site_gen.id 
_struct_site_gen.site_id 
_struct_site_gen.pdbx_num_res 
_struct_site_gen.label_comp_id 
_struct_site_gen.label_asym_id 
_struct_site_gen.label_seq_id 
_struct_site_gen.pdbx_auth_ins_code 
_struct_site_gen.auth_comp_id 
_struct_site_gen.auth_asym_id 
_struct_site_gen.auth_seq_id 
_struct_site_gen.label_atom_id 
_struct_site_gen.label_alt_id 
_struct_site_gen.symmetry 
_struct_site_gen.details 
1  AC1 28 ARG A 8  ? ARG A 8   . ? 1_555 ? 
2  AC1 28 LEU A 23 ? LEU A 23  . ? 1_555 ? 
3  AC1 28 ASP A 25 ? ASP A 25  . ? 1_555 ? 
4  AC1 28 GLY A 27 ? GLY A 27  . ? 1_555 ? 
5  AC1 28 ALA A 28 ? ALA A 28  . ? 1_555 ? 
6  AC1 28 ASP A 29 ? ASP A 29  . ? 1_555 ? 
7  AC1 28 ASP A 30 ? ASP A 30  . ? 1_555 ? 
8  AC1 28 GLY A 48 ? GLY A 48  . ? 1_555 ? 
9  AC1 28 GLY A 49 ? GLY A 49  . ? 1_555 ? 
10 AC1 28 ILE A 50 ? ILE A 50  . ? 1_555 ? 
11 AC1 28 PRO A 81 ? PRO A 81  . ? 1_555 ? 
12 AC1 28 VAL A 82 ? VAL A 82  . ? 1_555 ? 
13 AC1 28 ILE A 84 ? ILE A 84  . ? 1_555 ? 
14 AC1 28 HOH D .  ? HOH A 627 . ? 1_555 ? 
15 AC1 28 ARG B 8  ? ARG B 108 . ? 1_555 ? 
16 AC1 28 LEU B 23 ? LEU B 123 . ? 1_555 ? 
17 AC1 28 ASP B 25 ? ASP B 125 . ? 1_555 ? 
18 AC1 28 GLY B 27 ? GLY B 127 . ? 1_555 ? 
19 AC1 28 ALA B 28 ? ALA B 128 . ? 1_555 ? 
20 AC1 28 ASP B 29 ? ASP B 129 . ? 1_555 ? 
21 AC1 28 ASP B 30 ? ASP B 130 . ? 1_555 ? 
22 AC1 28 VAL B 32 ? VAL B 132 . ? 1_555 ? 
23 AC1 28 GLY B 48 ? GLY B 148 . ? 1_555 ? 
24 AC1 28 GLY B 49 ? GLY B 149 . ? 1_555 ? 
25 AC1 28 ILE B 50 ? ILE B 150 . ? 1_555 ? 
26 AC1 28 PRO B 81 ? PRO B 181 . ? 1_555 ? 
27 AC1 28 VAL B 82 ? VAL B 182 . ? 1_555 ? 
28 AC1 28 ILE B 84 ? ILE B 184 . ? 1_555 ? 
# 
loop_
_pdbx_validate_torsion.id 
_pdbx_validate_torsion.PDB_model_num 
_pdbx_validate_torsion.auth_comp_id 
_pdbx_validate_torsion.auth_asym_id 
_pdbx_validate_torsion.auth_seq_id 
_pdbx_validate_torsion.PDB_ins_code 
_pdbx_validate_torsion.label_alt_id 
_pdbx_validate_torsion.phi 
_pdbx_validate_torsion.psi 
1 1 PRO A 79  ? ? -71.42 49.33  
2 1 GLU B 135 ? ? -38.07 127.70 
# 
loop_
_chem_comp_atom.comp_id 
_chem_comp_atom.atom_id 
_chem_comp_atom.type_symbol 
_chem_comp_atom.pdbx_aromatic_flag 
_chem_comp_atom.pdbx_stereo_config 
_chem_comp_atom.pdbx_ordinal 
ALA N    N N N 1   
ALA CA   C N S 2   
ALA C    C N N 3   
ALA O    O N N 4   
ALA CB   C N N 5   
ALA OXT  O N N 6   
ALA H    H N N 7   
ALA H2   H N N 8   
ALA HA   H N N 9   
ALA HB1  H N N 10  
ALA HB2  H N N 11  
ALA HB3  H N N 12  
ALA HXT  H N N 13  
ARG N    N N N 14  
ARG CA   C N S 15  
ARG C    C N N 16  
ARG O    O N N 17  
ARG CB   C N N 18  
ARG CG   C N N 19  
ARG CD   C N N 20  
ARG NE   N N N 21  
ARG CZ   C N N 22  
ARG NH1  N N N 23  
ARG NH2  N N N 24  
ARG OXT  O N N 25  
ARG H    H N N 26  
ARG H2   H N N 27  
ARG HA   H N N 28  
ARG HB2  H N N 29  
ARG HB3  H N N 30  
ARG HG2  H N N 31  
ARG HG3  H N N 32  
ARG HD2  H N N 33  
ARG HD3  H N N 34  
ARG HE   H N N 35  
ARG HH11 H N N 36  
ARG HH12 H N N 37  
ARG HH21 H N N 38  
ARG HH22 H N N 39  
ARG HXT  H N N 40  
ASN N    N N N 41  
ASN CA   C N S 42  
ASN C    C N N 43  
ASN O    O N N 44  
ASN CB   C N N 45  
ASN CG   C N N 46  
ASN OD1  O N N 47  
ASN ND2  N N N 48  
ASN OXT  O N N 49  
ASN H    H N N 50  
ASN H2   H N N 51  
ASN HA   H N N 52  
ASN HB2  H N N 53  
ASN HB3  H N N 54  
ASN HD21 H N N 55  
ASN HD22 H N N 56  
ASN HXT  H N N 57  
ASP N    N N N 58  
ASP CA   C N S 59  
ASP C    C N N 60  
ASP O    O N N 61  
ASP CB   C N N 62  
ASP CG   C N N 63  
ASP OD1  O N N 64  
ASP OD2  O N N 65  
ASP OXT  O N N 66  
ASP H    H N N 67  
ASP H2   H N N 68  
ASP HA   H N N 69  
ASP HB2  H N N 70  
ASP HB3  H N N 71  
ASP HD2  H N N 72  
ASP HXT  H N N 73  
BED C01  C Y N 74  
BED C02  C Y N 75  
BED C03  C Y N 76  
BED C04  C Y N 77  
BED C05  C Y N 78  
BED C06  C Y N 79  
BED C07  C Y N 80  
BED C08  C Y N 81  
BED C09  C Y N 82  
BED C10  C Y N 83  
BED C11  C Y N 84  
BED C12  C Y N 85  
BED C13  C N N 86  
BED O14  O N N 87  
BED C15  C N R 88  
BED C16  C N R 89  
BED C17  C N R 90  
BED C18  C N R 91  
BED C19  C N N 92  
BED O20  O N N 93  
BED N21  N N N 94  
BED O22  O N N 95  
BED C23  C N N 96  
BED O24  O N N 97  
BED O25  O N N 98  
BED C26  C N N 99  
BED O27  O N N 100 
BED N28  N N N 101 
BED C29  C N S 102 
BED C30  C Y N 103 
BED C31  C Y N 104 
BED C32  C Y N 105 
BED C33  C Y N 106 
BED C34  C Y N 107 
BED C35  C N R 108 
BED O36  O N N 109 
BED C37  C Y N 110 
BED C38  C N N 111 
BED C39  C N S 112 
BED C40  C Y N 113 
BED C41  C Y N 114 
BED C42  C Y N 115 
BED C43  C Y N 116 
BED C44  C Y N 117 
BED C45  C N R 118 
BED O46  O N N 119 
BED C47  C Y N 120 
BED C48  C N N 121 
BED F49  F N N 122 
BED F50  F N N 123 
BED H2   H N N 124 
BED H3   H N N 125 
BED H4   H N N 126 
BED H5   H N N 127 
BED H9   H N N 128 
BED H10  H N N 129 
BED H11  H N N 130 
BED H12  H N N 131 
BED H131 H N N 132 
BED H132 H N N 133 
BED H15  H N N 134 
BED H16  H N N 135 
BED H17  H N N 136 
BED H18  H N N 137 
BED H21  H N N 138 
BED H231 H N N 139 
BED H232 H N N 140 
BED H24  H N N 141 
BED H25  H N N 142 
BED H28  H N N 143 
BED H29  H N N 144 
BED H32  H N N 145 
BED H33  H N N 146 
BED H34  H N N 147 
BED H35  H N N 148 
BED H36  H N N 149 
BED H37  H N N 150 
BED H381 H N N 151 
BED H382 H N N 152 
BED H39  H N N 153 
BED H42  H N N 154 
BED H43  H N N 155 
BED H44  H N N 156 
BED H45  H N N 157 
BED H46  H N N 158 
BED H47  H N N 159 
BED H481 H N N 160 
BED H482 H N N 161 
CYS N    N N N 162 
CYS CA   C N R 163 
CYS C    C N N 164 
CYS O    O N N 165 
CYS CB   C N N 166 
CYS SG   S N N 167 
CYS OXT  O N N 168 
CYS H    H N N 169 
CYS H2   H N N 170 
CYS HA   H N N 171 
CYS HB2  H N N 172 
CYS HB3  H N N 173 
CYS HG   H N N 174 
CYS HXT  H N N 175 
GLN N    N N N 176 
GLN CA   C N S 177 
GLN C    C N N 178 
GLN O    O N N 179 
GLN CB   C N N 180 
GLN CG   C N N 181 
GLN CD   C N N 182 
GLN OE1  O N N 183 
GLN NE2  N N N 184 
GLN OXT  O N N 185 
GLN H    H N N 186 
GLN H2   H N N 187 
GLN HA   H N N 188 
GLN HB2  H N N 189 
GLN HB3  H N N 190 
GLN HG2  H N N 191 
GLN HG3  H N N 192 
GLN HE21 H N N 193 
GLN HE22 H N N 194 
GLN HXT  H N N 195 
GLU N    N N N 196 
GLU CA   C N S 197 
GLU C    C N N 198 
GLU O    O N N 199 
GLU CB   C N N 200 
GLU CG   C N N 201 
GLU CD   C N N 202 
GLU OE1  O N N 203 
GLU OE2  O N N 204 
GLU OXT  O N N 205 
GLU H    H N N 206 
GLU H2   H N N 207 
GLU HA   H N N 208 
GLU HB2  H N N 209 
GLU HB3  H N N 210 
GLU HG2  H N N 211 
GLU HG3  H N N 212 
GLU HE2  H N N 213 
GLU HXT  H N N 214 
GLY N    N N N 215 
GLY CA   C N N 216 
GLY C    C N N 217 
GLY O    O N N 218 
GLY OXT  O N N 219 
GLY H    H N N 220 
GLY H2   H N N 221 
GLY HA2  H N N 222 
GLY HA3  H N N 223 
GLY HXT  H N N 224 
HIS N    N N N 225 
HIS CA   C N S 226 
HIS C    C N N 227 
HIS O    O N N 228 
HIS CB   C N N 229 
HIS CG   C Y N 230 
HIS ND1  N Y N 231 
HIS CD2  C Y N 232 
HIS CE1  C Y N 233 
HIS NE2  N Y N 234 
HIS OXT  O N N 235 
HIS H    H N N 236 
HIS H2   H N N 237 
HIS HA   H N N 238 
HIS HB2  H N N 239 
HIS HB3  H N N 240 
HIS HD1  H N N 241 
HIS HD2  H N N 242 
HIS HE1  H N N 243 
HIS HE2  H N N 244 
HIS HXT  H N N 245 
HOH O    O N N 246 
HOH H1   H N N 247 
HOH H2   H N N 248 
ILE N    N N N 249 
ILE CA   C N S 250 
ILE C    C N N 251 
ILE O    O N N 252 
ILE CB   C N S 253 
ILE CG1  C N N 254 
ILE CG2  C N N 255 
ILE CD1  C N N 256 
ILE OXT  O N N 257 
ILE H    H N N 258 
ILE H2   H N N 259 
ILE HA   H N N 260 
ILE HB   H N N 261 
ILE HG12 H N N 262 
ILE HG13 H N N 263 
ILE HG21 H N N 264 
ILE HG22 H N N 265 
ILE HG23 H N N 266 
ILE HD11 H N N 267 
ILE HD12 H N N 268 
ILE HD13 H N N 269 
ILE HXT  H N N 270 
LEU N    N N N 271 
LEU CA   C N S 272 
LEU C    C N N 273 
LEU O    O N N 274 
LEU CB   C N N 275 
LEU CG   C N N 276 
LEU CD1  C N N 277 
LEU CD2  C N N 278 
LEU OXT  O N N 279 
LEU H    H N N 280 
LEU H2   H N N 281 
LEU HA   H N N 282 
LEU HB2  H N N 283 
LEU HB3  H N N 284 
LEU HG   H N N 285 
LEU HD11 H N N 286 
LEU HD12 H N N 287 
LEU HD13 H N N 288 
LEU HD21 H N N 289 
LEU HD22 H N N 290 
LEU HD23 H N N 291 
LEU HXT  H N N 292 
LYS N    N N N 293 
LYS CA   C N S 294 
LYS C    C N N 295 
LYS O    O N N 296 
LYS CB   C N N 297 
LYS CG   C N N 298 
LYS CD   C N N 299 
LYS CE   C N N 300 
LYS NZ   N N N 301 
LYS OXT  O N N 302 
LYS H    H N N 303 
LYS H2   H N N 304 
LYS HA   H N N 305 
LYS HB2  H N N 306 
LYS HB3  H N N 307 
LYS HG2  H N N 308 
LYS HG3  H N N 309 
LYS HD2  H N N 310 
LYS HD3  H N N 311 
LYS HE2  H N N 312 
LYS HE3  H N N 313 
LYS HZ1  H N N 314 
LYS HZ2  H N N 315 
LYS HZ3  H N N 316 
LYS HXT  H N N 317 
MET N    N N N 318 
MET CA   C N S 319 
MET C    C N N 320 
MET O    O N N 321 
MET CB   C N N 322 
MET CG   C N N 323 
MET SD   S N N 324 
MET CE   C N N 325 
MET OXT  O N N 326 
MET H    H N N 327 
MET H2   H N N 328 
MET HA   H N N 329 
MET HB2  H N N 330 
MET HB3  H N N 331 
MET HG2  H N N 332 
MET HG3  H N N 333 
MET HE1  H N N 334 
MET HE2  H N N 335 
MET HE3  H N N 336 
MET HXT  H N N 337 
PHE N    N N N 338 
PHE CA   C N S 339 
PHE C    C N N 340 
PHE O    O N N 341 
PHE CB   C N N 342 
PHE CG   C Y N 343 
PHE CD1  C Y N 344 
PHE CD2  C Y N 345 
PHE CE1  C Y N 346 
PHE CE2  C Y N 347 
PHE CZ   C Y N 348 
PHE OXT  O N N 349 
PHE H    H N N 350 
PHE H2   H N N 351 
PHE HA   H N N 352 
PHE HB2  H N N 353 
PHE HB3  H N N 354 
PHE HD1  H N N 355 
PHE HD2  H N N 356 
PHE HE1  H N N 357 
PHE HE2  H N N 358 
PHE HZ   H N N 359 
PHE HXT  H N N 360 
PRO N    N N N 361 
PRO CA   C N S 362 
PRO C    C N N 363 
PRO O    O N N 364 
PRO CB   C N N 365 
PRO CG   C N N 366 
PRO CD   C N N 367 
PRO OXT  O N N 368 
PRO H    H N N 369 
PRO HA   H N N 370 
PRO HB2  H N N 371 
PRO HB3  H N N 372 
PRO HG2  H N N 373 
PRO HG3  H N N 374 
PRO HD2  H N N 375 
PRO HD3  H N N 376 
PRO HXT  H N N 377 
SER N    N N N 378 
SER CA   C N S 379 
SER C    C N N 380 
SER O    O N N 381 
SER CB   C N N 382 
SER OG   O N N 383 
SER OXT  O N N 384 
SER H    H N N 385 
SER H2   H N N 386 
SER HA   H N N 387 
SER HB2  H N N 388 
SER HB3  H N N 389 
SER HG   H N N 390 
SER HXT  H N N 391 
THR N    N N N 392 
THR CA   C N S 393 
THR C    C N N 394 
THR O    O N N 395 
THR CB   C N R 396 
THR OG1  O N N 397 
THR CG2  C N N 398 
THR OXT  O N N 399 
THR H    H N N 400 
THR H2   H N N 401 
THR HA   H N N 402 
THR HB   H N N 403 
THR HG1  H N N 404 
THR HG21 H N N 405 
THR HG22 H N N 406 
THR HG23 H N N 407 
THR HXT  H N N 408 
TRP N    N N N 409 
TRP CA   C N S 410 
TRP C    C N N 411 
TRP O    O N N 412 
TRP CB   C N N 413 
TRP CG   C Y N 414 
TRP CD1  C Y N 415 
TRP CD2  C Y N 416 
TRP NE1  N Y N 417 
TRP CE2  C Y N 418 
TRP CE3  C Y N 419 
TRP CZ2  C Y N 420 
TRP CZ3  C Y N 421 
TRP CH2  C Y N 422 
TRP OXT  O N N 423 
TRP H    H N N 424 
TRP H2   H N N 425 
TRP HA   H N N 426 
TRP HB2  H N N 427 
TRP HB3  H N N 428 
TRP HD1  H N N 429 
TRP HE1  H N N 430 
TRP HE3  H N N 431 
TRP HZ2  H N N 432 
TRP HZ3  H N N 433 
TRP HH2  H N N 434 
TRP HXT  H N N 435 
TYR N    N N N 436 
TYR CA   C N S 437 
TYR C    C N N 438 
TYR O    O N N 439 
TYR CB   C N N 440 
TYR CG   C Y N 441 
TYR CD1  C Y N 442 
TYR CD2  C Y N 443 
TYR CE1  C Y N 444 
TYR CE2  C Y N 445 
TYR CZ   C Y N 446 
TYR OH   O N N 447 
TYR OXT  O N N 448 
TYR H    H N N 449 
TYR H2   H N N 450 
TYR HA   H N N 451 
TYR HB2  H N N 452 
TYR HB3  H N N 453 
TYR HD1  H N N 454 
TYR HD2  H N N 455 
TYR HE1  H N N 456 
TYR HE2  H N N 457 
TYR HH   H N N 458 
TYR HXT  H N N 459 
VAL N    N N N 460 
VAL CA   C N S 461 
VAL C    C N N 462 
VAL O    O N N 463 
VAL CB   C N N 464 
VAL CG1  C N N 465 
VAL CG2  C N N 466 
VAL OXT  O N N 467 
VAL H    H N N 468 
VAL H2   H N N 469 
VAL HA   H N N 470 
VAL HB   H N N 471 
VAL HG11 H N N 472 
VAL HG12 H N N 473 
VAL HG13 H N N 474 
VAL HG21 H N N 475 
VAL HG22 H N N 476 
VAL HG23 H N N 477 
VAL HXT  H N N 478 
# 
loop_
_chem_comp_bond.comp_id 
_chem_comp_bond.atom_id_1 
_chem_comp_bond.atom_id_2 
_chem_comp_bond.value_order 
_chem_comp_bond.pdbx_aromatic_flag 
_chem_comp_bond.pdbx_stereo_config 
_chem_comp_bond.pdbx_ordinal 
ALA N   CA   sing N N 1   
ALA N   H    sing N N 2   
ALA N   H2   sing N N 3   
ALA CA  C    sing N N 4   
ALA CA  CB   sing N N 5   
ALA CA  HA   sing N N 6   
ALA C   O    doub N N 7   
ALA C   OXT  sing N N 8   
ALA CB  HB1  sing N N 9   
ALA CB  HB2  sing N N 10  
ALA CB  HB3  sing N N 11  
ALA OXT HXT  sing N N 12  
ARG N   CA   sing N N 13  
ARG N   H    sing N N 14  
ARG N   H2   sing N N 15  
ARG CA  C    sing N N 16  
ARG CA  CB   sing N N 17  
ARG CA  HA   sing N N 18  
ARG C   O    doub N N 19  
ARG C   OXT  sing N N 20  
ARG CB  CG   sing N N 21  
ARG CB  HB2  sing N N 22  
ARG CB  HB3  sing N N 23  
ARG CG  CD   sing N N 24  
ARG CG  HG2  sing N N 25  
ARG CG  HG3  sing N N 26  
ARG CD  NE   sing N N 27  
ARG CD  HD2  sing N N 28  
ARG CD  HD3  sing N N 29  
ARG NE  CZ   sing N N 30  
ARG NE  HE   sing N N 31  
ARG CZ  NH1  sing N N 32  
ARG CZ  NH2  doub N N 33  
ARG NH1 HH11 sing N N 34  
ARG NH1 HH12 sing N N 35  
ARG NH2 HH21 sing N N 36  
ARG NH2 HH22 sing N N 37  
ARG OXT HXT  sing N N 38  
ASN N   CA   sing N N 39  
ASN N   H    sing N N 40  
ASN N   H2   sing N N 41  
ASN CA  C    sing N N 42  
ASN CA  CB   sing N N 43  
ASN CA  HA   sing N N 44  
ASN C   O    doub N N 45  
ASN C   OXT  sing N N 46  
ASN CB  CG   sing N N 47  
ASN CB  HB2  sing N N 48  
ASN CB  HB3  sing N N 49  
ASN CG  OD1  doub N N 50  
ASN CG  ND2  sing N N 51  
ASN ND2 HD21 sing N N 52  
ASN ND2 HD22 sing N N 53  
ASN OXT HXT  sing N N 54  
ASP N   CA   sing N N 55  
ASP N   H    sing N N 56  
ASP N   H2   sing N N 57  
ASP CA  C    sing N N 58  
ASP CA  CB   sing N N 59  
ASP CA  HA   sing N N 60  
ASP C   O    doub N N 61  
ASP C   OXT  sing N N 62  
ASP CB  CG   sing N N 63  
ASP CB  HB2  sing N N 64  
ASP CB  HB3  sing N N 65  
ASP CG  OD1  doub N N 66  
ASP CG  OD2  sing N N 67  
ASP OD2 HD2  sing N N 68  
ASP OXT HXT  sing N N 69  
BED C01 C02  doub Y N 70  
BED C01 C06  sing Y N 71  
BED C01 C23  sing N N 72  
BED C02 C03  sing Y N 73  
BED C02 H2   sing N N 74  
BED C03 C04  doub Y N 75  
BED C03 H3   sing N N 76  
BED C04 C05  sing Y N 77  
BED C04 H4   sing N N 78  
BED C05 C06  doub Y N 79  
BED C05 H5   sing N N 80  
BED C06 F49  sing N N 81  
BED C07 C08  doub Y N 82  
BED C07 C12  sing Y N 83  
BED C07 C13  sing N N 84  
BED C08 C09  sing Y N 85  
BED C08 F50  sing N N 86  
BED C09 C10  doub Y N 87  
BED C09 H9   sing N N 88  
BED C10 C11  sing Y N 89  
BED C10 H10  sing N N 90  
BED C11 C12  doub Y N 91  
BED C11 H11  sing N N 92  
BED C12 H12  sing N N 93  
BED C13 O14  sing N N 94  
BED C13 H131 sing N N 95  
BED C13 H132 sing N N 96  
BED O14 C15  sing N N 97  
BED C15 C16  sing N N 98  
BED C15 C26  sing N N 99  
BED C15 H15  sing N N 100 
BED C16 C17  sing N N 101 
BED C16 O25  sing N N 102 
BED C16 H16  sing N N 103 
BED C17 C18  sing N N 104 
BED C17 O24  sing N N 105 
BED C17 H17  sing N N 106 
BED C18 C19  sing N N 107 
BED C18 O22  sing N N 108 
BED C18 H18  sing N N 109 
BED C19 O20  doub N N 110 
BED C19 N21  sing N N 111 
BED N21 C39  sing N N 112 
BED N21 H21  sing N N 113 
BED O22 C23  sing N N 114 
BED C23 H231 sing N N 115 
BED C23 H232 sing N N 116 
BED O24 H24  sing N N 117 
BED O25 H25  sing N N 118 
BED C26 O27  doub N N 119 
BED C26 N28  sing N N 120 
BED N28 C29  sing N N 121 
BED N28 H28  sing N N 122 
BED C29 C30  sing N N 123 
BED C29 C35  sing N N 124 
BED C29 H29  sing N N 125 
BED C30 C31  doub Y N 126 
BED C30 C32  sing Y N 127 
BED C31 C37  sing Y N 128 
BED C31 C38  sing N N 129 
BED C32 C33  doub Y N 130 
BED C32 H32  sing N N 131 
BED C33 C34  sing Y N 132 
BED C33 H33  sing N N 133 
BED C34 C37  doub Y N 134 
BED C34 H34  sing N N 135 
BED C35 O36  sing N N 136 
BED C35 C38  sing N N 137 
BED C35 H35  sing N N 138 
BED O36 H36  sing N N 139 
BED C37 H37  sing N N 140 
BED C38 H381 sing N N 141 
BED C38 H382 sing N N 142 
BED C39 C40  sing N N 143 
BED C39 C45  sing N N 144 
BED C39 H39  sing N N 145 
BED C40 C41  doub Y N 146 
BED C40 C42  sing Y N 147 
BED C41 C47  sing Y N 148 
BED C41 C48  sing N N 149 
BED C42 C43  doub Y N 150 
BED C42 H42  sing N N 151 
BED C43 C44  sing Y N 152 
BED C43 H43  sing N N 153 
BED C44 C47  doub Y N 154 
BED C44 H44  sing N N 155 
BED C45 O46  sing N N 156 
BED C45 C48  sing N N 157 
BED C45 H45  sing N N 158 
BED O46 H46  sing N N 159 
BED C47 H47  sing N N 160 
BED C48 H481 sing N N 161 
BED C48 H482 sing N N 162 
CYS N   CA   sing N N 163 
CYS N   H    sing N N 164 
CYS N   H2   sing N N 165 
CYS CA  C    sing N N 166 
CYS CA  CB   sing N N 167 
CYS CA  HA   sing N N 168 
CYS C   O    doub N N 169 
CYS C   OXT  sing N N 170 
CYS CB  SG   sing N N 171 
CYS CB  HB2  sing N N 172 
CYS CB  HB3  sing N N 173 
CYS SG  HG   sing N N 174 
CYS OXT HXT  sing N N 175 
GLN N   CA   sing N N 176 
GLN N   H    sing N N 177 
GLN N   H2   sing N N 178 
GLN CA  C    sing N N 179 
GLN CA  CB   sing N N 180 
GLN CA  HA   sing N N 181 
GLN C   O    doub N N 182 
GLN C   OXT  sing N N 183 
GLN CB  CG   sing N N 184 
GLN CB  HB2  sing N N 185 
GLN CB  HB3  sing N N 186 
GLN CG  CD   sing N N 187 
GLN CG  HG2  sing N N 188 
GLN CG  HG3  sing N N 189 
GLN CD  OE1  doub N N 190 
GLN CD  NE2  sing N N 191 
GLN NE2 HE21 sing N N 192 
GLN NE2 HE22 sing N N 193 
GLN OXT HXT  sing N N 194 
GLU N   CA   sing N N 195 
GLU N   H    sing N N 196 
GLU N   H2   sing N N 197 
GLU CA  C    sing N N 198 
GLU CA  CB   sing N N 199 
GLU CA  HA   sing N N 200 
GLU C   O    doub N N 201 
GLU C   OXT  sing N N 202 
GLU CB  CG   sing N N 203 
GLU CB  HB2  sing N N 204 
GLU CB  HB3  sing N N 205 
GLU CG  CD   sing N N 206 
GLU CG  HG2  sing N N 207 
GLU CG  HG3  sing N N 208 
GLU CD  OE1  doub N N 209 
GLU CD  OE2  sing N N 210 
GLU OE2 HE2  sing N N 211 
GLU OXT HXT  sing N N 212 
GLY N   CA   sing N N 213 
GLY N   H    sing N N 214 
GLY N   H2   sing N N 215 
GLY CA  C    sing N N 216 
GLY CA  HA2  sing N N 217 
GLY CA  HA3  sing N N 218 
GLY C   O    doub N N 219 
GLY C   OXT  sing N N 220 
GLY OXT HXT  sing N N 221 
HIS N   CA   sing N N 222 
HIS N   H    sing N N 223 
HIS N   H2   sing N N 224 
HIS CA  C    sing N N 225 
HIS CA  CB   sing N N 226 
HIS CA  HA   sing N N 227 
HIS C   O    doub N N 228 
HIS C   OXT  sing N N 229 
HIS CB  CG   sing N N 230 
HIS CB  HB2  sing N N 231 
HIS CB  HB3  sing N N 232 
HIS CG  ND1  sing Y N 233 
HIS CG  CD2  doub Y N 234 
HIS ND1 CE1  doub Y N 235 
HIS ND1 HD1  sing N N 236 
HIS CD2 NE2  sing Y N 237 
HIS CD2 HD2  sing N N 238 
HIS CE1 NE2  sing Y N 239 
HIS CE1 HE1  sing N N 240 
HIS NE2 HE2  sing N N 241 
HIS OXT HXT  sing N N 242 
HOH O   H1   sing N N 243 
HOH O   H2   sing N N 244 
ILE N   CA   sing N N 245 
ILE N   H    sing N N 246 
ILE N   H2   sing N N 247 
ILE CA  C    sing N N 248 
ILE CA  CB   sing N N 249 
ILE CA  HA   sing N N 250 
ILE C   O    doub N N 251 
ILE C   OXT  sing N N 252 
ILE CB  CG1  sing N N 253 
ILE CB  CG2  sing N N 254 
ILE CB  HB   sing N N 255 
ILE CG1 CD1  sing N N 256 
ILE CG1 HG12 sing N N 257 
ILE CG1 HG13 sing N N 258 
ILE CG2 HG21 sing N N 259 
ILE CG2 HG22 sing N N 260 
ILE CG2 HG23 sing N N 261 
ILE CD1 HD11 sing N N 262 
ILE CD1 HD12 sing N N 263 
ILE CD1 HD13 sing N N 264 
ILE OXT HXT  sing N N 265 
LEU N   CA   sing N N 266 
LEU N   H    sing N N 267 
LEU N   H2   sing N N 268 
LEU CA  C    sing N N 269 
LEU CA  CB   sing N N 270 
LEU CA  HA   sing N N 271 
LEU C   O    doub N N 272 
LEU C   OXT  sing N N 273 
LEU CB  CG   sing N N 274 
LEU CB  HB2  sing N N 275 
LEU CB  HB3  sing N N 276 
LEU CG  CD1  sing N N 277 
LEU CG  CD2  sing N N 278 
LEU CG  HG   sing N N 279 
LEU CD1 HD11 sing N N 280 
LEU CD1 HD12 sing N N 281 
LEU CD1 HD13 sing N N 282 
LEU CD2 HD21 sing N N 283 
LEU CD2 HD22 sing N N 284 
LEU CD2 HD23 sing N N 285 
LEU OXT HXT  sing N N 286 
LYS N   CA   sing N N 287 
LYS N   H    sing N N 288 
LYS N   H2   sing N N 289 
LYS CA  C    sing N N 290 
LYS CA  CB   sing N N 291 
LYS CA  HA   sing N N 292 
LYS C   O    doub N N 293 
LYS C   OXT  sing N N 294 
LYS CB  CG   sing N N 295 
LYS CB  HB2  sing N N 296 
LYS CB  HB3  sing N N 297 
LYS CG  CD   sing N N 298 
LYS CG  HG2  sing N N 299 
LYS CG  HG3  sing N N 300 
LYS CD  CE   sing N N 301 
LYS CD  HD2  sing N N 302 
LYS CD  HD3  sing N N 303 
LYS CE  NZ   sing N N 304 
LYS CE  HE2  sing N N 305 
LYS CE  HE3  sing N N 306 
LYS NZ  HZ1  sing N N 307 
LYS NZ  HZ2  sing N N 308 
LYS NZ  HZ3  sing N N 309 
LYS OXT HXT  sing N N 310 
MET N   CA   sing N N 311 
MET N   H    sing N N 312 
MET N   H2   sing N N 313 
MET CA  C    sing N N 314 
MET CA  CB   sing N N 315 
MET CA  HA   sing N N 316 
MET C   O    doub N N 317 
MET C   OXT  sing N N 318 
MET CB  CG   sing N N 319 
MET CB  HB2  sing N N 320 
MET CB  HB3  sing N N 321 
MET CG  SD   sing N N 322 
MET CG  HG2  sing N N 323 
MET CG  HG3  sing N N 324 
MET SD  CE   sing N N 325 
MET CE  HE1  sing N N 326 
MET CE  HE2  sing N N 327 
MET CE  HE3  sing N N 328 
MET OXT HXT  sing N N 329 
PHE N   CA   sing N N 330 
PHE N   H    sing N N 331 
PHE N   H2   sing N N 332 
PHE CA  C    sing N N 333 
PHE CA  CB   sing N N 334 
PHE CA  HA   sing N N 335 
PHE C   O    doub N N 336 
PHE C   OXT  sing N N 337 
PHE CB  CG   sing N N 338 
PHE CB  HB2  sing N N 339 
PHE CB  HB3  sing N N 340 
PHE CG  CD1  doub Y N 341 
PHE CG  CD2  sing Y N 342 
PHE CD1 CE1  sing Y N 343 
PHE CD1 HD1  sing N N 344 
PHE CD2 CE2  doub Y N 345 
PHE CD2 HD2  sing N N 346 
PHE CE1 CZ   doub Y N 347 
PHE CE1 HE1  sing N N 348 
PHE CE2 CZ   sing Y N 349 
PHE CE2 HE2  sing N N 350 
PHE CZ  HZ   sing N N 351 
PHE OXT HXT  sing N N 352 
PRO N   CA   sing N N 353 
PRO N   CD   sing N N 354 
PRO N   H    sing N N 355 
PRO CA  C    sing N N 356 
PRO CA  CB   sing N N 357 
PRO CA  HA   sing N N 358 
PRO C   O    doub N N 359 
PRO C   OXT  sing N N 360 
PRO CB  CG   sing N N 361 
PRO CB  HB2  sing N N 362 
PRO CB  HB3  sing N N 363 
PRO CG  CD   sing N N 364 
PRO CG  HG2  sing N N 365 
PRO CG  HG3  sing N N 366 
PRO CD  HD2  sing N N 367 
PRO CD  HD3  sing N N 368 
PRO OXT HXT  sing N N 369 
SER N   CA   sing N N 370 
SER N   H    sing N N 371 
SER N   H2   sing N N 372 
SER CA  C    sing N N 373 
SER CA  CB   sing N N 374 
SER CA  HA   sing N N 375 
SER C   O    doub N N 376 
SER C   OXT  sing N N 377 
SER CB  OG   sing N N 378 
SER CB  HB2  sing N N 379 
SER CB  HB3  sing N N 380 
SER OG  HG   sing N N 381 
SER OXT HXT  sing N N 382 
THR N   CA   sing N N 383 
THR N   H    sing N N 384 
THR N   H2   sing N N 385 
THR CA  C    sing N N 386 
THR CA  CB   sing N N 387 
THR CA  HA   sing N N 388 
THR C   O    doub N N 389 
THR C   OXT  sing N N 390 
THR CB  OG1  sing N N 391 
THR CB  CG2  sing N N 392 
THR CB  HB   sing N N 393 
THR OG1 HG1  sing N N 394 
THR CG2 HG21 sing N N 395 
THR CG2 HG22 sing N N 396 
THR CG2 HG23 sing N N 397 
THR OXT HXT  sing N N 398 
TRP N   CA   sing N N 399 
TRP N   H    sing N N 400 
TRP N   H2   sing N N 401 
TRP CA  C    sing N N 402 
TRP CA  CB   sing N N 403 
TRP CA  HA   sing N N 404 
TRP C   O    doub N N 405 
TRP C   OXT  sing N N 406 
TRP CB  CG   sing N N 407 
TRP CB  HB2  sing N N 408 
TRP CB  HB3  sing N N 409 
TRP CG  CD1  doub Y N 410 
TRP CG  CD2  sing Y N 411 
TRP CD1 NE1  sing Y N 412 
TRP CD1 HD1  sing N N 413 
TRP CD2 CE2  doub Y N 414 
TRP CD2 CE3  sing Y N 415 
TRP NE1 CE2  sing Y N 416 
TRP NE1 HE1  sing N N 417 
TRP CE2 CZ2  sing Y N 418 
TRP CE3 CZ3  doub Y N 419 
TRP CE3 HE3  sing N N 420 
TRP CZ2 CH2  doub Y N 421 
TRP CZ2 HZ2  sing N N 422 
TRP CZ3 CH2  sing Y N 423 
TRP CZ3 HZ3  sing N N 424 
TRP CH2 HH2  sing N N 425 
TRP OXT HXT  sing N N 426 
TYR N   CA   sing N N 427 
TYR N   H    sing N N 428 
TYR N   H2   sing N N 429 
TYR CA  C    sing N N 430 
TYR CA  CB   sing N N 431 
TYR CA  HA   sing N N 432 
TYR C   O    doub N N 433 
TYR C   OXT  sing N N 434 
TYR CB  CG   sing N N 435 
TYR CB  HB2  sing N N 436 
TYR CB  HB3  sing N N 437 
TYR CG  CD1  doub Y N 438 
TYR CG  CD2  sing Y N 439 
TYR CD1 CE1  sing Y N 440 
TYR CD1 HD1  sing N N 441 
TYR CD2 CE2  doub Y N 442 
TYR CD2 HD2  sing N N 443 
TYR CE1 CZ   doub Y N 444 
TYR CE1 HE1  sing N N 445 
TYR CE2 CZ   sing Y N 446 
TYR CE2 HE2  sing N N 447 
TYR CZ  OH   sing N N 448 
TYR OH  HH   sing N N 449 
TYR OXT HXT  sing N N 450 
VAL N   CA   sing N N 451 
VAL N   H    sing N N 452 
VAL N   H2   sing N N 453 
VAL CA  C    sing N N 454 
VAL CA  CB   sing N N 455 
VAL CA  HA   sing N N 456 
VAL C   O    doub N N 457 
VAL C   OXT  sing N N 458 
VAL CB  CG1  sing N N 459 
VAL CB  CG2  sing N N 460 
VAL CB  HB   sing N N 461 
VAL CG1 HG11 sing N N 462 
VAL CG1 HG12 sing N N 463 
VAL CG1 HG13 sing N N 464 
VAL CG2 HG21 sing N N 465 
VAL CG2 HG22 sing N N 466 
VAL CG2 HG23 sing N N 467 
VAL OXT HXT  sing N N 468 
# 
_atom_sites.entry_id                    1EC0 
_atom_sites.fract_transf_matrix[1][1]   -0.00606602 
_atom_sites.fract_transf_matrix[1][2]   -0.01524042 
_atom_sites.fract_transf_matrix[1][3]   0.00518424 
_atom_sites.fract_transf_matrix[2][1]   0.00024109 
_atom_sites.fract_transf_matrix[2][2]   0.00365552 
_atom_sites.fract_transf_matrix[2][3]   0.01102845 
_atom_sites.fract_transf_matrix[3][1]   -0.02014496 
_atom_sites.fract_transf_matrix[3][2]   0.00734031 
_atom_sites.fract_transf_matrix[3][3]   -0.00199265 
_atom_sites.fract_transf_vector[1]      0.270012 
_atom_sites.fract_transf_vector[2]      0.306946 
_atom_sites.fract_transf_vector[3]      0.078752 
# 
loop_
_atom_type.symbol 
C 
F 
N 
O 
S 
# 
loop_
_atom_site.group_PDB 
_atom_site.id 
_atom_site.type_symbol 
_atom_site.label_atom_id 
_atom_site.label_alt_id 
_atom_site.label_comp_id 
_atom_site.label_asym_id 
_atom_site.label_entity_id 
_atom_site.label_seq_id 
_atom_site.pdbx_PDB_ins_code 
_atom_site.Cartn_x 
_atom_site.Cartn_y 
_atom_site.Cartn_z 
_atom_site.occupancy 
_atom_site.B_iso_or_equiv 
_atom_site.pdbx_formal_charge 
_atom_site.auth_seq_id 
_atom_site.auth_comp_id 
_atom_site.auth_asym_id 
_atom_site.auth_atom_id 
_atom_site.pdbx_PDB_model_num 
ATOM   1    N N   . PRO A 1 1  ? -5.831  -6.658  16.862  1.00 28.15 ? 1   PRO A N   1 
ATOM   2    C CA  . PRO A 1 1  ? -5.741  -7.995  16.236  1.00 28.00 ? 1   PRO A CA  1 
ATOM   3    C C   . PRO A 1 1  ? -4.482  -8.113  15.389  1.00 25.91 ? 1   PRO A C   1 
ATOM   4    O O   . PRO A 1 1  ? -3.779  -7.130  15.171  1.00 24.30 ? 1   PRO A O   1 
ATOM   5    C CB  . PRO A 1 1  ? -6.972  -8.152  15.360  1.00 28.23 ? 1   PRO A CB  1 
ATOM   6    C CG  . PRO A 1 1  ? -7.237  -6.703  14.978  1.00 29.40 ? 1   PRO A CG  1 
ATOM   7    C CD  . PRO A 1 1  ? -6.954  -5.912  16.270  1.00 30.03 ? 1   PRO A CD  1 
ATOM   8    N N   . GLN A 1 2  ? -4.200  -9.330  14.932  1.00 25.11 ? 2   GLN A N   1 
ATOM   9    C CA  . GLN A 1 2  ? -3.053  -9.581  14.075  1.00 23.75 ? 2   GLN A CA  1 
ATOM   10   C C   . GLN A 1 2  ? -3.638  -9.973  12.729  1.00 24.04 ? 2   GLN A C   1 
ATOM   11   O O   . GLN A 1 2  ? -4.437  -10.904 12.639  1.00 25.17 ? 2   GLN A O   1 
ATOM   12   C CB  . GLN A 1 2  ? -2.196  -10.727 14.610  1.00 24.61 ? 2   GLN A CB  1 
ATOM   13   C CG  . GLN A 1 2  ? -0.930  -10.942 13.791  1.00 29.45 ? 2   GLN A CG  1 
ATOM   14   C CD  . GLN A 1 2  ? -0.025  -12.011 14.364  1.00 32.18 ? 2   GLN A CD  1 
ATOM   15   O OE1 . GLN A 1 2  ? -0.293  -13.207 14.235  1.00 35.39 ? 2   GLN A OE1 1 
ATOM   16   N NE2 . GLN A 1 2  ? 1.056   -11.584 15.010  1.00 31.03 ? 2   GLN A NE2 1 
ATOM   17   N N   . ILE A 1 3  ? -3.245  -9.262  11.682  1.00 21.47 ? 3   ILE A N   1 
ATOM   18   C CA  . ILE A 1 3  ? -3.771  -9.544  10.359  1.00 18.12 ? 3   ILE A CA  1 
ATOM   19   C C   . ILE A 1 3  ? -2.690  -10.088 9.437   1.00 17.99 ? 3   ILE A C   1 
ATOM   20   O O   . ILE A 1 3  ? -1.663  -9.449  9.231   1.00 15.48 ? 3   ILE A O   1 
ATOM   21   C CB  . ILE A 1 3  ? -4.390  -8.268  9.752   1.00 19.05 ? 3   ILE A CB  1 
ATOM   22   C CG1 . ILE A 1 3  ? -5.485  -7.745  10.687  1.00 21.89 ? 3   ILE A CG1 1 
ATOM   23   C CG2 . ILE A 1 3  ? -4.973  -8.561  8.378   1.00 17.32 ? 3   ILE A CG2 1 
ATOM   24   C CD1 . ILE A 1 3  ? -6.069  -6.416  10.278  1.00 24.45 ? 3   ILE A CD1 1 
ATOM   25   N N   . THR A 1 4  ? -2.920  -11.286 8.907   1.00 18.00 ? 4   THR A N   1 
ATOM   26   C CA  . THR A 1 4  ? -1.965  -11.902 7.994   1.00 19.30 ? 4   THR A CA  1 
ATOM   27   C C   . THR A 1 4  ? -2.192  -11.302 6.608   1.00 16.53 ? 4   THR A C   1 
ATOM   28   O O   . THR A 1 4  ? -3.230  -10.694 6.351   1.00 16.93 ? 4   THR A O   1 
ATOM   29   C CB  . THR A 1 4  ? -2.131  -13.441 7.949   1.00 21.64 ? 4   THR A CB  1 
ATOM   30   O OG1 . THR A 1 4  ? -3.486  -13.774 7.634   1.00 22.75 ? 4   THR A OG1 1 
ATOM   31   C CG2 . THR A 1 4  ? -1.764  -14.053 9.300   1.00 20.65 ? 4   THR A CG2 1 
ATOM   32   N N   . LEU A 1 5  ? -1.232  -11.479 5.712   1.00 14.39 ? 5   LEU A N   1 
ATOM   33   C CA  . LEU A 1 5  ? -1.336  -10.884 4.389   1.00 12.91 ? 5   LEU A CA  1 
ATOM   34   C C   . LEU A 1 5  ? -1.551  -11.855 3.233   1.00 14.94 ? 5   LEU A C   1 
ATOM   35   O O   . LEU A 1 5  ? -1.205  -11.553 2.090   1.00 16.40 ? 5   LEU A O   1 
ATOM   36   C CB  . LEU A 1 5  ? -0.096  -10.022 4.145   1.00 12.40 ? 5   LEU A CB  1 
ATOM   37   C CG  . LEU A 1 5  ? 0.057   -8.929  5.217   1.00 13.04 ? 5   LEU A CG  1 
ATOM   38   C CD1 . LEU A 1 5  ? 1.406   -8.239  5.100   1.00 11.33 ? 5   LEU A CD1 1 
ATOM   39   C CD2 . LEU A 1 5  ? -1.075  -7.923  5.071   1.00 13.88 ? 5   LEU A CD2 1 
ATOM   40   N N   . TRP A 1 6  ? -2.131  -13.014 3.528   1.00 14.43 ? 6   TRP A N   1 
ATOM   41   C CA  . TRP A 1 6  ? -2.403  -14.005 2.492   1.00 14.11 ? 6   TRP A CA  1 
ATOM   42   C C   . TRP A 1 6  ? -3.477  -13.456 1.569   1.00 14.17 ? 6   TRP A C   1 
ATOM   43   O O   . TRP A 1 6  ? -3.512  -13.766 0.381   1.00 16.05 ? 6   TRP A O   1 
ATOM   44   C CB  . TRP A 1 6  ? -2.887  -15.315 3.114   1.00 12.87 ? 6   TRP A CB  1 
ATOM   45   C CG  . TRP A 1 6  ? -1.889  -15.946 4.031   1.00 15.72 ? 6   TRP A CG  1 
ATOM   46   C CD1 . TRP A 1 6  ? -1.963  -16.026 5.390   1.00 14.42 ? 6   TRP A CD1 1 
ATOM   47   C CD2 . TRP A 1 6  ? -0.670  -16.598 3.654   1.00 15.79 ? 6   TRP A CD2 1 
ATOM   48   N NE1 . TRP A 1 6  ? -0.868  -16.694 5.885   1.00 14.99 ? 6   TRP A NE1 1 
ATOM   49   C CE2 . TRP A 1 6  ? -0.059  -17.056 4.841   1.00 16.89 ? 6   TRP A CE2 1 
ATOM   50   C CE3 . TRP A 1 6  ? -0.037  -16.843 2.429   1.00 15.68 ? 6   TRP A CE3 1 
ATOM   51   C CZ2 . TRP A 1 6  ? 1.162   -17.747 4.841   1.00 18.70 ? 6   TRP A CZ2 1 
ATOM   52   C CZ3 . TRP A 1 6  ? 1.178   -17.534 2.427   1.00 17.17 ? 6   TRP A CZ3 1 
ATOM   53   C CH2 . TRP A 1 6  ? 1.761   -17.976 3.629   1.00 16.79 ? 6   TRP A CH2 1 
ATOM   54   N N   . GLN A 1 7  ? -4.361  -12.642 2.132   1.00 15.18 ? 7   GLN A N   1 
ATOM   55   C CA  . GLN A 1 7  ? -5.431  -12.022 1.366   1.00 16.91 ? 7   GLN A CA  1 
ATOM   56   C C   . GLN A 1 7  ? -5.316  -10.526 1.624   1.00 17.09 ? 7   GLN A C   1 
ATOM   57   O O   . GLN A 1 7  ? -4.599  -10.107 2.533   1.00 15.64 ? 7   GLN A O   1 
ATOM   58   C CB  . GLN A 1 7  ? -6.798  -12.523 1.845   1.00 20.55 ? 7   GLN A CB  1 
ATOM   59   C CG  . GLN A 1 7  ? -6.829  -14.010 2.168   1.00 30.44 ? 7   GLN A CG  1 
ATOM   60   C CD  . GLN A 1 7  ? -6.443  -14.299 3.613   1.00 38.99 ? 7   GLN A CD  1 
ATOM   61   O OE1 . GLN A 1 7  ? -5.446  -13.778 4.125   1.00 38.53 ? 7   GLN A OE1 1 
ATOM   62   N NE2 . GLN A 1 7  ? -7.231  -15.136 4.276   1.00 39.85 ? 7   GLN A NE2 1 
ATOM   63   N N   . ARG A 1 8  ? -6.007  -9.719  0.831   1.00 15.74 ? 8   ARG A N   1 
ATOM   64   C CA  . ARG A 1 8  ? -5.952  -8.279  1.031   1.00 15.71 ? 8   ARG A CA  1 
ATOM   65   C C   . ARG A 1 8  ? -6.469  -7.971  2.427   1.00 14.94 ? 8   ARG A C   1 
ATOM   66   O O   . ARG A 1 8  ? -7.480  -8.527  2.856   1.00 16.55 ? 8   ARG A O   1 
ATOM   67   C CB  . ARG A 1 8  ? -6.806  -7.564  -0.015  1.00 17.68 ? 8   ARG A CB  1 
ATOM   68   C CG  . ARG A 1 8  ? -6.225  -7.623  -1.413  1.00 18.32 ? 8   ARG A CG  1 
ATOM   69   C CD  . ARG A 1 8  ? -7.049  -6.792  -2.384  1.00 20.00 ? 8   ARG A CD  1 
ATOM   70   N NE  . ARG A 1 8  ? -6.412  -6.693  -3.694  1.00 20.87 ? 8   ARG A NE  1 
ATOM   71   C CZ  . ARG A 1 8  ? -6.913  -6.004  -4.714  1.00 23.53 ? 8   ARG A CZ  1 
ATOM   72   N NH1 . ARG A 1 8  ? -8.062  -5.351  -4.578  1.00 25.77 ? 8   ARG A NH1 1 
ATOM   73   N NH2 . ARG A 1 8  ? -6.267  -5.964  -5.870  1.00 23.91 ? 8   ARG A NH2 1 
ATOM   74   N N   . PRO A 1 9  ? -5.772  -7.090  3.165   1.00 14.52 ? 9   PRO A N   1 
ATOM   75   C CA  . PRO A 1 9  ? -6.214  -6.750  4.520   1.00 13.72 ? 9   PRO A CA  1 
ATOM   76   C C   . PRO A 1 9  ? -7.377  -5.764  4.527   1.00 14.43 ? 9   PRO A C   1 
ATOM   77   O O   . PRO A 1 9  ? -7.194  -4.570  4.763   1.00 15.03 ? 9   PRO A O   1 
ATOM   78   C CB  . PRO A 1 9  ? -4.951  -6.176  5.152   1.00 12.70 ? 9   PRO A CB  1 
ATOM   79   C CG  . PRO A 1 9  ? -4.309  -5.467  3.999   1.00 10.39 ? 9   PRO A CG  1 
ATOM   80   C CD  . PRO A 1 9  ? -4.462  -6.476  2.872   1.00 12.88 ? 9   PRO A CD  1 
ATOM   81   N N   . LEU A 1 10 ? -8.573  -6.276  4.262   1.00 15.84 ? 10  LEU A N   1 
ATOM   82   C CA  . LEU A 1 10 ? -9.773  -5.450  4.233   1.00 16.95 ? 10  LEU A CA  1 
ATOM   83   C C   . LEU A 1 10 ? -10.450 -5.432  5.592   1.00 16.75 ? 10  LEU A C   1 
ATOM   84   O O   . LEU A 1 10 ? -10.514 -6.450  6.280   1.00 18.30 ? 10  LEU A O   1 
ATOM   85   C CB  . LEU A 1 10 ? -10.751 -5.978  3.184   1.00 19.72 ? 10  LEU A CB  1 
ATOM   86   C CG  . LEU A 1 10 ? -10.297 -5.862  1.730   1.00 24.59 ? 10  LEU A CG  1 
ATOM   87   C CD1 . LEU A 1 10 ? -11.297 -6.560  0.824   1.00 27.32 ? 10  LEU A CD1 1 
ATOM   88   C CD2 . LEU A 1 10 ? -10.161 -4.389  1.353   1.00 25.82 ? 10  LEU A CD2 1 
ATOM   89   N N   . VAL A 1 11 ? -10.948 -4.264  5.977   1.00 16.76 ? 11  VAL A N   1 
ATOM   90   C CA  . VAL A 1 11 ? -11.630 -4.118  7.250   1.00 17.25 ? 11  VAL A CA  1 
ATOM   91   C C   . VAL A 1 11 ? -12.849 -3.234  7.075   1.00 17.72 ? 11  VAL A C   1 
ATOM   92   O O   . VAL A 1 11 ? -12.982 -2.530  6.073   1.00 18.09 ? 11  VAL A O   1 
ATOM   93   C CB  . VAL A 1 11 ? -10.715 -3.482  8.320   1.00 15.65 ? 11  VAL A CB  1 
ATOM   94   C CG1 . VAL A 1 11 ? -9.499  -4.364  8.554   1.00 17.45 ? 11  VAL A CG1 1 
ATOM   95   C CG2 . VAL A 1 11 ? -10.292 -2.093  7.883   1.00 16.51 ? 11  VAL A CG2 1 
ATOM   96   N N   . THR A 1 12 ? -13.743 -3.281  8.051   1.00 18.21 ? 12  THR A N   1 
ATOM   97   C CA  . THR A 1 12 ? -14.945 -2.471  8.005   1.00 21.18 ? 12  THR A CA  1 
ATOM   98   C C   . THR A 1 12 ? -14.666 -1.168  8.729   1.00 19.57 ? 12  THR A C   1 
ATOM   99   O O   . THR A 1 12 ? -14.114 -1.165  9.824   1.00 20.69 ? 12  THR A O   1 
ATOM   100  C CB  . THR A 1 12 ? -16.119 -3.180  8.696   1.00 22.23 ? 12  THR A CB  1 
ATOM   101  O OG1 . THR A 1 12 ? -16.412 -4.397  8.002   1.00 26.40 ? 12  THR A OG1 1 
ATOM   102  C CG2 . THR A 1 12 ? -17.358 -2.287  8.690   1.00 26.40 ? 12  THR A CG2 1 
ATOM   103  N N   . ILE A 1 13 ? -15.030 -0.057  8.103   1.00 18.30 ? 13  ILE A N   1 
ATOM   104  C CA  . ILE A 1 13 ? -14.825 1.246   8.709   1.00 20.36 ? 13  ILE A CA  1 
ATOM   105  C C   . ILE A 1 13 ? -16.182 1.923   8.800   1.00 22.32 ? 13  ILE A C   1 
ATOM   106  O O   . ILE A 1 13 ? -17.129 1.531   8.112   1.00 21.58 ? 13  ILE A O   1 
ATOM   107  C CB  . ILE A 1 13 ? -13.883 2.132   7.856   1.00 20.39 ? 13  ILE A CB  1 
ATOM   108  C CG1 . ILE A 1 13 ? -14.558 2.477   6.527   1.00 18.01 ? 13  ILE A CG1 1 
ATOM   109  C CG2 . ILE A 1 13 ? -12.562 1.397   7.597   1.00 17.37 ? 13  ILE A CG2 1 
ATOM   110  C CD1 . ILE A 1 13 ? -13.807 3.495   5.695   1.00 15.99 ? 13  ILE A CD1 1 
ATOM   111  N N   . LYS A 1 14 ? -16.280 2.926   9.660   1.00 23.33 ? 14  LYS A N   1 
ATOM   112  C CA  . LYS A 1 14 ? -17.521 3.666   9.809   1.00 23.48 ? 14  LYS A CA  1 
ATOM   113  C C   . LYS A 1 14 ? -17.188 5.140   9.670   1.00 21.98 ? 14  LYS A C   1 
ATOM   114  O O   . LYS A 1 14 ? -16.350 5.670   10.399  1.00 20.17 ? 14  LYS A O   1 
ATOM   115  C CB  . LYS A 1 14 ? -18.153 3.395   11.176  1.00 29.23 ? 14  LYS A CB  1 
ATOM   116  C CG  . LYS A 1 14 ? -19.531 4.021   11.349  1.00 39.02 ? 14  LYS A CG  1 
ATOM   117  C CD  . LYS A 1 14 ? -20.158 3.622   12.678  1.00 48.30 ? 14  LYS A CD  1 
ATOM   118  C CE  . LYS A 1 14 ? -21.549 4.220   12.839  1.00 52.98 ? 14  LYS A CE  1 
ATOM   119  N NZ  . LYS A 1 14 ? -22.176 3.825   14.134  1.00 56.75 ? 14  LYS A NZ  1 
ATOM   120  N N   . ILE A 1 15 ? -17.827 5.793   8.710   1.00 19.81 ? 15  ILE A N   1 
ATOM   121  C CA  . ILE A 1 15 ? -17.593 7.208   8.476   1.00 21.60 ? 15  ILE A CA  1 
ATOM   122  C C   . ILE A 1 15 ? -18.898 7.876   8.072   1.00 24.48 ? 15  ILE A C   1 
ATOM   123  O O   . ILE A 1 15 ? -19.573 7.433   7.142   1.00 25.56 ? 15  ILE A O   1 
ATOM   124  C CB  . ILE A 1 15 ? -16.532 7.425   7.369   1.00 20.21 ? 15  ILE A CB  1 
ATOM   125  C CG1 . ILE A 1 15 ? -16.372 8.923   7.095   1.00 20.35 ? 15  ILE A CG1 1 
ATOM   126  C CG2 . ILE A 1 15 ? -16.929 6.665   6.105   1.00 21.57 ? 15  ILE A CG2 1 
ATOM   127  C CD1 . ILE A 1 15 ? -15.275 9.257   6.105   1.00 19.27 ? 15  ILE A CD1 1 
ATOM   128  N N   . GLY A 1 16 ? -19.255 8.941   8.783   1.00 27.94 ? 16  GLY A N   1 
ATOM   129  C CA  . GLY A 1 16 ? -20.486 9.645   8.482   1.00 31.36 ? 16  GLY A CA  1 
ATOM   130  C C   . GLY A 1 16 ? -21.695 8.743   8.640   1.00 32.58 ? 16  GLY A C   1 
ATOM   131  O O   . GLY A 1 16 ? -22.676 8.874   7.911   1.00 34.03 ? 16  GLY A O   1 
ATOM   132  N N   . GLY A 1 17 ? -21.619 7.821   9.595   1.00 34.82 ? 17  GLY A N   1 
ATOM   133  C CA  . GLY A 1 17 ? -22.719 6.907   9.839   1.00 36.69 ? 17  GLY A CA  1 
ATOM   134  C C   . GLY A 1 17 ? -22.817 5.780   8.827   1.00 39.15 ? 17  GLY A C   1 
ATOM   135  O O   . GLY A 1 17 ? -23.706 4.932   8.917   1.00 41.41 ? 17  GLY A O   1 
ATOM   136  N N   . GLN A 1 18 ? -21.903 5.764   7.863   1.00 38.16 ? 18  GLN A N   1 
ATOM   137  C CA  . GLN A 1 18 ? -21.903 4.734   6.833   1.00 37.23 ? 18  GLN A CA  1 
ATOM   138  C C   . GLN A 1 18 ? -20.826 3.685   7.078   1.00 35.13 ? 18  GLN A C   1 
ATOM   139  O O   . GLN A 1 18 ? -19.713 4.009   7.488   1.00 32.73 ? 18  GLN A O   1 
ATOM   140  C CB  . GLN A 1 18 ? -21.670 5.362   5.458   1.00 39.95 ? 18  GLN A CB  1 
ATOM   141  C CG  . GLN A 1 18 ? -22.715 6.372   5.033   1.00 43.18 ? 18  GLN A CG  1 
ATOM   142  C CD  . GLN A 1 18 ? -22.368 7.021   3.707   1.00 45.59 ? 18  GLN A CD  1 
ATOM   143  O OE1 . GLN A 1 18 ? -22.145 6.337   2.707   1.00 45.65 ? 18  GLN A OE1 1 
ATOM   144  N NE2 . GLN A 1 18 ? -22.322 8.350   3.693   1.00 48.10 ? 18  GLN A NE2 1 
ATOM   145  N N   . LEU A 1 19 ? -21.168 2.426   6.828   1.00 34.33 ? 19  LEU A N   1 
ATOM   146  C CA  . LEU A 1 19 ? -20.220 1.334   6.990   1.00 33.14 ? 19  LEU A CA  1 
ATOM   147  C C   . LEU A 1 19 ? -19.681 0.988   5.614   1.00 32.40 ? 19  LEU A C   1 
ATOM   148  O O   . LEU A 1 19 ? -20.447 0.731   4.684   1.00 31.87 ? 19  LEU A O   1 
ATOM   149  C CB  . LEU A 1 19 ? -20.895 0.106   7.603   1.00 34.82 ? 19  LEU A CB  1 
ATOM   150  C CG  . LEU A 1 19 ? -21.178 0.126   9.107   1.00 35.64 ? 19  LEU A CG  1 
ATOM   151  C CD1 . LEU A 1 19 ? -22.106 1.281   9.454   1.00 38.82 ? 19  LEU A CD1 1 
ATOM   152  C CD2 . LEU A 1 19 ? -21.798 -1.200  9.514   1.00 39.23 ? 19  LEU A CD2 1 
ATOM   153  N N   . LYS A 1 20 ? -18.361 0.995   5.484   1.00 27.86 ? 20  LYS A N   1 
ATOM   154  C CA  . LYS A 1 20 ? -17.722 0.687   4.213   1.00 24.37 ? 20  LYS A CA  1 
ATOM   155  C C   . LYS A 1 20 ? -16.568 -0.271  4.429   1.00 23.91 ? 20  LYS A C   1 
ATOM   156  O O   . LYS A 1 20 ? -16.074 -0.428  5.545   1.00 23.17 ? 20  LYS A O   1 
ATOM   157  C CB  . LYS A 1 20 ? -17.186 1.960   3.554   1.00 23.90 ? 20  LYS A CB  1 
ATOM   158  C CG  . LYS A 1 20 ? -18.241 2.984   3.176   1.00 23.94 ? 20  LYS A CG  1 
ATOM   159  C CD  . LYS A 1 20 ? -17.586 4.251   2.650   1.00 25.01 ? 20  LYS A CD  1 
ATOM   160  C CE  . LYS A 1 20 ? -18.618 5.270   2.178   1.00 29.58 ? 20  LYS A CE  1 
ATOM   161  N NZ  . LYS A 1 20 ? -19.345 4.806   0.965   1.00 30.41 ? 20  LYS A NZ  1 
ATOM   162  N N   . GLU A 1 21 ? -16.146 -0.915  3.350   1.00 23.74 ? 21  GLU A N   1 
ATOM   163  C CA  . GLU A 1 21 ? -15.029 -1.841  3.398   1.00 22.08 ? 21  GLU A CA  1 
ATOM   164  C C   . GLU A 1 21 ? -13.828 -1.045  2.910   1.00 19.20 ? 21  GLU A C   1 
ATOM   165  O O   . GLU A 1 21 ? -13.930 -0.310  1.927   1.00 16.32 ? 21  GLU A O   1 
ATOM   166  C CB  . GLU A 1 21 ? -15.287 -3.028  2.473   1.00 26.34 ? 21  GLU A CB  1 
ATOM   167  C CG  . GLU A 1 21 ? -14.263 -4.139  2.575   1.00 35.65 ? 21  GLU A CG  1 
ATOM   168  C CD  . GLU A 1 21 ? -14.603 -5.317  1.683   1.00 41.71 ? 21  GLU A CD  1 
ATOM   169  O OE1 . GLU A 1 21 ? -14.578 -5.155  0.444   1.00 43.30 ? 21  GLU A OE1 1 
ATOM   170  O OE2 . GLU A 1 21 ? -14.901 -6.403  2.224   1.00 46.00 ? 21  GLU A OE2 1 
ATOM   171  N N   . ALA A 1 22 ? -12.703 -1.167  3.604   1.00 16.69 ? 22  ALA A N   1 
ATOM   172  C CA  . ALA A 1 22 ? -11.505 -0.434  3.218   1.00 12.55 ? 22  ALA A CA  1 
ATOM   173  C C   . ALA A 1 22 ? -10.264 -1.284  3.415   1.00 12.82 ? 22  ALA A C   1 
ATOM   174  O O   . ALA A 1 22 ? -10.240 -2.204  4.231   1.00 12.99 ? 22  ALA A O   1 
ATOM   175  C CB  . ALA A 1 22 ? -11.390 0.852   4.025   1.00 12.25 ? 22  ALA A CB  1 
ATOM   176  N N   . LEU A 1 23 ? -9.227  -0.946  2.662   1.00 12.41 ? 23  LEU A N   1 
ATOM   177  C CA  . LEU A 1 23 ? -7.960  -1.659  2.701   1.00 13.06 ? 23  LEU A CA  1 
ATOM   178  C C   . LEU A 1 23 ? -6.937  -0.964  3.602   1.00 12.08 ? 23  LEU A C   1 
ATOM   179  O O   . LEU A 1 23 ? -6.699  0.236   3.454   1.00 11.75 ? 23  LEU A O   1 
ATOM   180  C CB  . LEU A 1 23 ? -7.411  -1.739  1.273   1.00 14.62 ? 23  LEU A CB  1 
ATOM   181  C CG  . LEU A 1 23 ? -6.091  -2.448  0.987   1.00 16.73 ? 23  LEU A CG  1 
ATOM   182  C CD1 . LEU A 1 23 ? -6.220  -3.930  1.288   1.00 19.28 ? 23  LEU A CD1 1 
ATOM   183  C CD2 . LEU A 1 23 ? -5.732  -2.237  -0.479  1.00 17.41 ? 23  LEU A CD2 1 
ATOM   184  N N   . LEU A 1 24 ? -6.336  -1.713  4.529   1.00 12.55 ? 24  LEU A N   1 
ATOM   185  C CA  . LEU A 1 24 ? -5.299  -1.154  5.409   1.00 12.37 ? 24  LEU A CA  1 
ATOM   186  C C   . LEU A 1 24 ? -4.081  -1.127  4.490   1.00 13.36 ? 24  LEU A C   1 
ATOM   187  O O   . LEU A 1 24 ? -3.496  -2.162  4.179   1.00 12.94 ? 24  LEU A O   1 
ATOM   188  C CB  . LEU A 1 24 ? -5.058  -2.066  6.614   1.00 13.30 ? 24  LEU A CB  1 
ATOM   189  C CG  . LEU A 1 24 ? -6.301  -2.308  7.479   1.00 16.88 ? 24  LEU A CG  1 
ATOM   190  C CD1 . LEU A 1 24 ? -5.941  -3.179  8.674   1.00 17.07 ? 24  LEU A CD1 1 
ATOM   191  C CD2 . LEU A 1 24 ? -6.869  -0.972  7.945   1.00 15.92 ? 24  LEU A CD2 1 
ATOM   192  N N   . ASP A 1 25 ? -3.702  0.071   4.066   1.00 10.96 ? 25  ASP A N   1 
ATOM   193  C CA  . ASP A 1 25 ? -2.632  0.227   3.090   1.00 10.56 ? 25  ASP A CA  1 
ATOM   194  C C   . ASP A 1 25 ? -1.415  0.992   3.585   1.00 10.60 ? 25  ASP A C   1 
ATOM   195  O O   . ASP A 1 25 ? -1.426  2.218   3.610   1.00 11.63 ? 25  ASP A O   1 
ATOM   196  C CB  . ASP A 1 25 ? -3.237  0.929   1.878   1.00 9.59  ? 25  ASP A CB  1 
ATOM   197  C CG  . ASP A 1 25 ? -2.335  0.916   0.676   1.00 13.48 ? 25  ASP A CG  1 
ATOM   198  O OD1 . ASP A 1 25 ? -1.153  0.541   0.808   1.00 13.75 ? 25  ASP A OD1 1 
ATOM   199  O OD2 . ASP A 1 25 ? -2.825  1.293   -0.405  1.00 17.66 ? 25  ASP A OD2 1 
ATOM   200  N N   . THR A 1 26 ? -0.356  0.269   3.949   1.00 9.25  ? 26  THR A N   1 
ATOM   201  C CA  . THR A 1 26 ? 0.856   0.909   4.452   1.00 9.17  ? 26  THR A CA  1 
ATOM   202  C C   . THR A 1 26 ? 1.607   1.675   3.365   1.00 9.27  ? 26  THR A C   1 
ATOM   203  O O   . THR A 1 26 ? 2.457   2.524   3.663   1.00 10.53 ? 26  THR A O   1 
ATOM   204  C CB  . THR A 1 26 ? 1.808   -0.129  5.082   1.00 8.64  ? 26  THR A CB  1 
ATOM   205  O OG1 . THR A 1 26 ? 2.182   -1.105  4.096   1.00 8.25  ? 26  THR A OG1 1 
ATOM   206  C CG2 . THR A 1 26 ? 1.120   -0.827  6.261   1.00 5.81  ? 26  THR A CG2 1 
ATOM   207  N N   . GLY A 1 27 ? 1.289   1.374   2.111   1.00 9.10  ? 27  GLY A N   1 
ATOM   208  C CA  . GLY A 1 27 ? 1.938   2.040   0.995   1.00 10.12 ? 27  GLY A CA  1 
ATOM   209  C C   . GLY A 1 27 ? 1.278   3.354   0.627   1.00 9.45  ? 27  GLY A C   1 
ATOM   210  O O   . GLY A 1 27 ? 1.778   4.090   -0.225  1.00 9.64  ? 27  GLY A O   1 
ATOM   211  N N   . ALA A 1 28 ? 0.154   3.652   1.276   1.00 9.52  ? 28  ALA A N   1 
ATOM   212  C CA  . ALA A 1 28 ? -0.580  4.881   1.012   1.00 9.13  ? 28  ALA A CA  1 
ATOM   213  C C   . ALA A 1 28 ? -0.286  5.926   2.084   1.00 9.81  ? 28  ALA A C   1 
ATOM   214  O O   . ALA A 1 28 ? -0.521  5.684   3.269   1.00 11.92 ? 28  ALA A O   1 
ATOM   215  C CB  . ALA A 1 28 ? -2.079  4.587   0.973   1.00 10.66 ? 28  ALA A CB  1 
ATOM   216  N N   . ASP A 1 29 ? 0.222   7.083   1.671   1.00 9.45  ? 29  ASP A N   1 
ATOM   217  C CA  . ASP A 1 29 ? 0.526   8.144   2.631   1.00 11.18 ? 29  ASP A CA  1 
ATOM   218  C C   . ASP A 1 29 ? -0.741  8.688   3.266   1.00 11.83 ? 29  ASP A C   1 
ATOM   219  O O   . ASP A 1 29 ? -0.758  9.032   4.452   1.00 10.96 ? 29  ASP A O   1 
ATOM   220  C CB  . ASP A 1 29 ? 1.234   9.325   1.961   1.00 11.15 ? 29  ASP A CB  1 
ATOM   221  C CG  . ASP A 1 29 ? 2.597   8.965   1.411   1.00 14.35 ? 29  ASP A CG  1 
ATOM   222  O OD1 . ASP A 1 29 ? 3.254   8.048   1.949   1.00 13.14 ? 29  ASP A OD1 1 
ATOM   223  O OD2 . ASP A 1 29 ? 3.017   9.632   0.445   1.00 18.49 ? 29  ASP A OD2 1 
ATOM   224  N N   . ASP A 1 30 ? -1.794  8.781   2.458   1.00 10.38 ? 30  ASP A N   1 
ATOM   225  C CA  . ASP A 1 30 ? -3.064  9.329   2.907   1.00 13.61 ? 30  ASP A CA  1 
ATOM   226  C C   . ASP A 1 30 ? -4.209  8.335   2.778   1.00 11.94 ? 30  ASP A C   1 
ATOM   227  O O   . ASP A 1 30 ? -4.050  7.235   2.254   1.00 14.44 ? 30  ASP A O   1 
ATOM   228  C CB  . ASP A 1 30 ? -3.413  10.577  2.088   1.00 15.61 ? 30  ASP A CB  1 
ATOM   229  C CG  . ASP A 1 30 ? -2.291  11.602  2.061   1.00 23.53 ? 30  ASP A CG  1 
ATOM   230  O OD1 . ASP A 1 30 ? -1.926  12.119  3.137   1.00 26.20 ? 30  ASP A OD1 1 
ATOM   231  O OD2 . ASP A 1 30 ? -1.781  11.894  0.956   1.00 30.75 ? 30  ASP A OD2 1 
ATOM   232  N N   . THR A 1 31 ? -5.373  8.752   3.253   1.00 12.43 ? 31  THR A N   1 
ATOM   233  C CA  . THR A 1 31 ? -6.569  7.932   3.200   1.00 11.32 ? 31  THR A CA  1 
ATOM   234  C C   . THR A 1 31 ? -7.464  8.490   2.106   1.00 10.96 ? 31  THR A C   1 
ATOM   235  O O   . THR A 1 31 ? -7.733  9.684   2.072   1.00 9.76  ? 31  THR A O   1 
ATOM   236  C CB  . THR A 1 31 ? -7.296  7.973   4.553   1.00 9.67  ? 31  THR A CB  1 
ATOM   237  O OG1 . THR A 1 31 ? -6.476  7.332   5.536   1.00 13.34 ? 31  THR A OG1 1 
ATOM   238  C CG2 . THR A 1 31 ? -8.641  7.262   4.476   1.00 9.24  ? 31  THR A CG2 1 
ATOM   239  N N   . VAL A 1 32 ? -7.905  7.629   1.197   1.00 10.89 ? 32  VAL A N   1 
ATOM   240  C CA  . VAL A 1 32 ? -8.769  8.081   0.119   1.00 12.65 ? 32  VAL A CA  1 
ATOM   241  C C   . VAL A 1 32 ? -9.930  7.122   -0.048  1.00 13.19 ? 32  VAL A C   1 
ATOM   242  O O   . VAL A 1 32 ? -9.743  5.906   -0.135  1.00 15.14 ? 32  VAL A O   1 
ATOM   243  C CB  . VAL A 1 32 ? -7.997  8.226   -1.218  1.00 13.08 ? 32  VAL A CB  1 
ATOM   244  C CG1 . VAL A 1 32 ? -7.330  6.924   -1.595  1.00 13.38 ? 32  VAL A CG1 1 
ATOM   245  C CG2 . VAL A 1 32 ? -8.955  8.684   -2.323  1.00 11.89 ? 32  VAL A CG2 1 
ATOM   246  N N   . LEU A 1 33 ? -11.132 7.684   -0.073  1.00 14.22 ? 33  LEU A N   1 
ATOM   247  C CA  . LEU A 1 33 ? -12.347 6.898   -0.208  1.00 15.55 ? 33  LEU A CA  1 
ATOM   248  C C   . LEU A 1 33 ? -13.082 7.244   -1.496  1.00 15.12 ? 33  LEU A C   1 
ATOM   249  O O   . LEU A 1 33 ? -12.917 8.336   -2.047  1.00 13.34 ? 33  LEU A O   1 
ATOM   250  C CB  . LEU A 1 33 ? -13.266 7.153   0.987   1.00 14.17 ? 33  LEU A CB  1 
ATOM   251  C CG  . LEU A 1 33 ? -12.638 6.930   2.366   1.00 18.39 ? 33  LEU A CG  1 
ATOM   252  C CD1 . LEU A 1 33 ? -13.625 7.342   3.444   1.00 18.28 ? 33  LEU A CD1 1 
ATOM   253  C CD2 . LEU A 1 33 ? -12.244 5.466   2.519   1.00 15.87 ? 33  LEU A CD2 1 
ATOM   254  N N   . GLU A 1 34 ? -13.886 6.300   -1.974  1.00 18.19 ? 34  GLU A N   1 
ATOM   255  C CA  . GLU A 1 34 ? -14.668 6.499   -3.187  1.00 19.88 ? 34  GLU A CA  1 
ATOM   256  C C   . GLU A 1 34 ? -15.568 7.708   -2.985  1.00 17.49 ? 34  GLU A C   1 
ATOM   257  O O   . GLU A 1 34 ? -15.867 8.075   -1.849  1.00 16.49 ? 34  GLU A O   1 
ATOM   258  C CB  . GLU A 1 34 ? -15.536 5.271   -3.468  1.00 21.53 ? 34  GLU A CB  1 
ATOM   259  C CG  . GLU A 1 34 ? -14.767 3.976   -3.576  1.00 33.22 ? 34  GLU A CG  1 
ATOM   260  C CD  . GLU A 1 34 ? -15.661 2.806   -3.936  1.00 40.86 ? 34  GLU A CD  1 
ATOM   261  O OE1 . GLU A 1 34 ? -16.641 2.561   -3.198  1.00 43.65 ? 34  GLU A OE1 1 
ATOM   262  O OE2 . GLU A 1 34 ? -15.385 2.136   -4.953  1.00 44.74 ? 34  GLU A OE2 1 
ATOM   263  N N   . GLU A 1 35 ? -16.004 8.314   -4.087  1.00 17.59 ? 35  GLU A N   1 
ATOM   264  C CA  . GLU A 1 35 ? -16.867 9.489   -4.042  1.00 19.77 ? 35  GLU A CA  1 
ATOM   265  C C   . GLU A 1 35 ? -17.991 9.375   -3.025  1.00 17.94 ? 35  GLU A C   1 
ATOM   266  O O   . GLU A 1 35 ? -18.734 8.397   -3.010  1.00 18.18 ? 35  GLU A O   1 
ATOM   267  C CB  . GLU A 1 35 ? -17.481 9.759   -5.420  1.00 23.96 ? 35  GLU A CB  1 
ATOM   268  C CG  . GLU A 1 35 ? -16.571 10.474  -6.397  1.00 31.69 ? 35  GLU A CG  1 
ATOM   269  C CD  . GLU A 1 35 ? -16.171 11.853  -5.913  1.00 37.70 ? 35  GLU A CD  1 
ATOM   270  O OE1 . GLU A 1 35 ? -17.044 12.576  -5.388  1.00 40.92 ? 35  GLU A OE1 1 
ATOM   271  O OE2 . GLU A 1 35 ? -14.987 12.220  -6.064  1.00 43.15 ? 35  GLU A OE2 1 
ATOM   272  N N   . MET A 1 36 ? -18.101 10.393  -2.182  1.00 19.79 ? 36  MET A N   1 
ATOM   273  C CA  . MET A 1 36 ? -19.134 10.459  -1.157  1.00 21.33 ? 36  MET A CA  1 
ATOM   274  C C   . MET A 1 36 ? -19.154 11.883  -0.636  1.00 22.36 ? 36  MET A C   1 
ATOM   275  O O   . MET A 1 36 ? -18.215 12.645  -0.868  1.00 23.77 ? 36  MET A O   1 
ATOM   276  C CB  . MET A 1 36 ? -18.826 9.493   -0.010  1.00 22.08 ? 36  MET A CB  1 
ATOM   277  C CG  . MET A 1 36 ? -17.598 9.850   0.806   1.00 22.02 ? 36  MET A CG  1 
ATOM   278  S SD  . MET A 1 36 ? -17.321 8.671   2.157   1.00 27.22 ? 36  MET A SD  1 
ATOM   279  C CE  . MET A 1 36 ? -18.546 9.224   3.348   1.00 26.05 ? 36  MET A CE  1 
ATOM   280  N N   . SER A 1 37 ? -20.217 12.259  0.062   1.00 24.66 ? 37  SER A N   1 
ATOM   281  C CA  . SER A 1 37 ? -20.287 13.609  0.593   1.00 27.88 ? 37  SER A CA  1 
ATOM   282  C C   . SER A 1 37 ? -19.881 13.629  2.057   1.00 26.68 ? 37  SER A C   1 
ATOM   283  O O   . SER A 1 37 ? -20.315 12.790  2.850   1.00 25.48 ? 37  SER A O   1 
ATOM   284  C CB  . SER A 1 37 ? -21.700 14.186  0.439   1.00 30.69 ? 37  SER A CB  1 
ATOM   285  O OG  . SER A 1 37 ? -22.649 13.424  1.161   1.00 34.98 ? 37  SER A OG  1 
ATOM   286  N N   . LEU A 1 38 ? -19.022 14.580  2.398   1.00 25.05 ? 38  LEU A N   1 
ATOM   287  C CA  . LEU A 1 38 ? -18.559 14.751  3.764   1.00 24.77 ? 38  LEU A CA  1 
ATOM   288  C C   . LEU A 1 38 ? -18.861 16.192  4.133   1.00 27.84 ? 38  LEU A C   1 
ATOM   289  O O   . LEU A 1 38 ? -18.977 17.048  3.258   1.00 25.57 ? 38  LEU A O   1 
ATOM   290  C CB  . LEU A 1 38 ? -17.057 14.479  3.863   1.00 23.29 ? 38  LEU A CB  1 
ATOM   291  C CG  . LEU A 1 38 ? -16.646 13.014  3.692   1.00 22.13 ? 38  LEU A CG  1 
ATOM   292  C CD1 . LEU A 1 38 ? -15.125 12.887  3.727   1.00 19.80 ? 38  LEU A CD1 1 
ATOM   293  C CD2 . LEU A 1 38 ? -17.280 12.186  4.800   1.00 21.86 ? 38  LEU A CD2 1 
ATOM   294  N N   . PRO A 1 39 ? -19.004 16.481  5.432   1.00 31.99 ? 39  PRO A N   1 
ATOM   295  C CA  . PRO A 1 39 ? -19.300 17.843  5.873   1.00 34.83 ? 39  PRO A CA  1 
ATOM   296  C C   . PRO A 1 39 ? -18.057 18.721  5.886   1.00 34.33 ? 39  PRO A C   1 
ATOM   297  O O   . PRO A 1 39 ? -16.934 18.222  5.964   1.00 36.62 ? 39  PRO A O   1 
ATOM   298  C CB  . PRO A 1 39 ? -19.855 17.626  7.269   1.00 36.36 ? 39  PRO A CB  1 
ATOM   299  C CG  . PRO A 1 39 ? -18.977 16.516  7.772   1.00 35.36 ? 39  PRO A CG  1 
ATOM   300  C CD  . PRO A 1 39 ? -18.941 15.561  6.584   1.00 34.67 ? 39  PRO A CD  1 
ATOM   301  N N   . GLY A 1 40 ? -18.267 20.028  5.806   1.00 34.27 ? 40  GLY A N   1 
ATOM   302  C CA  . GLY A 1 40 ? -17.156 20.958  5.840   1.00 31.59 ? 40  GLY A CA  1 
ATOM   303  C C   . GLY A 1 40 ? -16.624 21.385  4.490   1.00 29.31 ? 40  GLY A C   1 
ATOM   304  O O   . GLY A 1 40 ? -17.088 20.931  3.442   1.00 28.23 ? 40  GLY A O   1 
ATOM   305  N N   . ARG A 1 41 ? -15.644 22.280  4.528   1.00 30.10 ? 41  ARG A N   1 
ATOM   306  C CA  . ARG A 1 41 ? -15.016 22.783  3.320   1.00 29.78 ? 41  ARG A CA  1 
ATOM   307  C C   . ARG A 1 41 ? -13.946 21.787  2.901   1.00 28.25 ? 41  ARG A C   1 
ATOM   308  O O   . ARG A 1 41 ? -13.453 21.011  3.718   1.00 28.90 ? 41  ARG A O   1 
ATOM   309  C CB  . ARG A 1 41 ? -14.391 24.149  3.582   1.00 30.16 ? 41  ARG A CB  1 
ATOM   310  N N   . TRP A 1 42 ? -13.595 21.806  1.623   1.00 26.65 ? 42  TRP A N   1 
ATOM   311  C CA  . TRP A 1 42 ? -12.580 20.905  1.106   1.00 24.10 ? 42  TRP A CA  1 
ATOM   312  C C   . TRP A 1 42 ? -11.712 21.643  0.106   1.00 23.28 ? 42  TRP A C   1 
ATOM   313  O O   . TRP A 1 42 ? -12.105 22.683  -0.421  1.00 23.81 ? 42  TRP A O   1 
ATOM   314  C CB  . TRP A 1 42 ? -13.235 19.716  0.405   1.00 24.15 ? 42  TRP A CB  1 
ATOM   315  C CG  . TRP A 1 42 ? -14.184 20.129  -0.679  1.00 26.35 ? 42  TRP A CG  1 
ATOM   316  C CD1 . TRP A 1 42 ? -15.519 20.378  -0.548  1.00 27.73 ? 42  TRP A CD1 1 
ATOM   317  C CD2 . TRP A 1 42 ? -13.862 20.373  -2.055  1.00 27.03 ? 42  TRP A CD2 1 
ATOM   318  N NE1 . TRP A 1 42 ? -16.050 20.761  -1.755  1.00 26.94 ? 42  TRP A NE1 1 
ATOM   319  C CE2 . TRP A 1 42 ? -15.056 20.767  -2.698  1.00 27.22 ? 42  TRP A CE2 1 
ATOM   320  C CE3 . TRP A 1 42 ? -12.681 20.298  -2.807  1.00 27.63 ? 42  TRP A CE3 1 
ATOM   321  C CZ2 . TRP A 1 42 ? -15.106 21.084  -4.058  1.00 25.84 ? 42  TRP A CZ2 1 
ATOM   322  C CZ3 . TRP A 1 42 ? -12.730 20.615  -4.163  1.00 27.08 ? 42  TRP A CZ3 1 
ATOM   323  C CH2 . TRP A 1 42 ? -13.936 21.002  -4.773  1.00 29.32 ? 42  TRP A CH2 1 
ATOM   324  N N   . LYS A 1 43 ? -10.524 21.111  -0.147  1.00 21.42 ? 43  LYS A N   1 
ATOM   325  C CA  . LYS A 1 43 ? -9.635  21.718  -1.121  1.00 22.07 ? 43  LYS A CA  1 
ATOM   326  C C   . LYS A 1 43 ? -9.151  20.639  -2.078  1.00 18.55 ? 43  LYS A C   1 
ATOM   327  O O   . LYS A 1 43 ? -8.974  19.483  -1.694  1.00 17.26 ? 43  LYS A O   1 
ATOM   328  C CB  . LYS A 1 43 ? -8.464  22.427  -0.430  1.00 25.30 ? 43  LYS A CB  1 
ATOM   329  C CG  . LYS A 1 43 ? -7.702  21.612  0.594   1.00 32.69 ? 43  LYS A CG  1 
ATOM   330  C CD  . LYS A 1 43 ? -6.671  22.501  1.289   1.00 36.83 ? 43  LYS A CD  1 
ATOM   331  C CE  . LYS A 1 43 ? -5.878  21.742  2.342   1.00 41.60 ? 43  LYS A CE  1 
ATOM   332  N NZ  . LYS A 1 43 ? -4.845  22.598  2.995   1.00 41.98 ? 43  LYS A NZ  1 
ATOM   333  N N   . PRO A 1 44 ? -8.958  20.998  -3.352  1.00 18.31 ? 44  PRO A N   1 
ATOM   334  C CA  . PRO A 1 44 ? -8.500  20.018  -4.336  1.00 18.30 ? 44  PRO A CA  1 
ATOM   335  C C   . PRO A 1 44 ? -7.061  19.583  -4.110  1.00 16.27 ? 44  PRO A C   1 
ATOM   336  O O   . PRO A 1 44 ? -6.240  20.333  -3.581  1.00 16.76 ? 44  PRO A O   1 
ATOM   337  C CB  . PRO A 1 44 ? -8.696  20.746  -5.658  1.00 19.01 ? 44  PRO A CB  1 
ATOM   338  C CG  . PRO A 1 44 ? -8.410  22.162  -5.290  1.00 21.90 ? 44  PRO A CG  1 
ATOM   339  C CD  . PRO A 1 44 ? -9.137  22.322  -3.973  1.00 18.67 ? 44  PRO A CD  1 
ATOM   340  N N   . LYS A 1 45 ? -6.769  18.356  -4.512  1.00 15.55 ? 45  LYS A N   1 
ATOM   341  C CA  . LYS A 1 45 ? -5.436  17.805  -4.362  1.00 15.01 ? 45  LYS A CA  1 
ATOM   342  C C   . LYS A 1 45 ? -5.252  16.734  -5.417  1.00 12.95 ? 45  LYS A C   1 
ATOM   343  O O   . LYS A 1 45 ? -6.219  16.115  -5.862  1.00 13.01 ? 45  LYS A O   1 
ATOM   344  C CB  . LYS A 1 45 ? -5.272  17.190  -2.971  1.00 18.60 ? 45  LYS A CB  1 
ATOM   345  C CG  . LYS A 1 45 ? -3.879  16.651  -2.685  1.00 17.69 ? 45  LYS A CG  1 
ATOM   346  C CD  . LYS A 1 45 ? -3.782  16.100  -1.273  1.00 22.18 ? 45  LYS A CD  1 
ATOM   347  C CE  . LYS A 1 45 ? -2.374  15.614  -0.969  1.00 24.42 ? 45  LYS A CE  1 
ATOM   348  N NZ  . LYS A 1 45 ? -2.277  15.026  0.392   1.00 31.61 ? 45  LYS A NZ  1 
ATOM   349  N N   . MET A 1 46 ? -4.010  16.540  -5.842  1.00 12.82 ? 46  MET A N   1 
ATOM   350  C CA  . MET A 1 46 ? -3.698  15.514  -6.821  1.00 11.94 ? 46  MET A CA  1 
ATOM   351  C C   . MET A 1 46 ? -2.849  14.485  -6.098  1.00 11.95 ? 46  MET A C   1 
ATOM   352  O O   . MET A 1 46 ? -1.878  14.839  -5.436  1.00 13.18 ? 46  MET A O   1 
ATOM   353  C CB  . MET A 1 46 ? -2.896  16.099  -7.989  1.00 13.50 ? 46  MET A CB  1 
ATOM   354  C CG  . MET A 1 46 ? -3.707  16.945  -8.949  1.00 19.74 ? 46  MET A CG  1 
ATOM   355  S SD  . MET A 1 46 ? -4.771  15.940  -9.983  1.00 30.48 ? 46  MET A SD  1 
ATOM   356  C CE  . MET A 1 46 ? -3.634  15.522  -11.308 1.00 29.85 ? 46  MET A CE  1 
ATOM   357  N N   . ILE A 1 47 ? -3.222  13.219  -6.189  1.00 11.24 ? 47  ILE A N   1 
ATOM   358  C CA  . ILE A 1 47 ? -2.417  12.189  -5.556  1.00 10.52 ? 47  ILE A CA  1 
ATOM   359  C C   . ILE A 1 47 ? -1.976  11.217  -6.637  1.00 10.90 ? 47  ILE A C   1 
ATOM   360  O O   . ILE A 1 47 ? -2.737  10.894  -7.545  1.00 12.17 ? 47  ILE A O   1 
ATOM   361  C CB  . ILE A 1 47 ? -3.187  11.449  -4.448  1.00 12.82 ? 47  ILE A CB  1 
ATOM   362  C CG1 . ILE A 1 47 ? -4.526  10.945  -4.979  1.00 16.57 ? 47  ILE A CG1 1 
ATOM   363  C CG2 . ILE A 1 47 ? -3.386  12.378  -3.257  1.00 14.53 ? 47  ILE A CG2 1 
ATOM   364  C CD1 . ILE A 1 47 ? -5.300  10.109  -3.972  1.00 17.91 ? 47  ILE A CD1 1 
ATOM   365  N N   . GLY A 1 48 ? -0.733  10.766  -6.542  1.00 12.46 ? 48  GLY A N   1 
ATOM   366  C CA  . GLY A 1 48 ? -0.214  9.856   -7.540  1.00 13.44 ? 48  GLY A CA  1 
ATOM   367  C C   . GLY A 1 48 ? 0.180   8.496   -7.010  1.00 15.35 ? 48  GLY A C   1 
ATOM   368  O O   . GLY A 1 48 ? 0.714   8.360   -5.912  1.00 17.97 ? 48  GLY A O   1 
ATOM   369  N N   . GLY A 1 49 ? -0.100  7.477   -7.809  1.00 13.91 ? 49  GLY A N   1 
ATOM   370  C CA  . GLY A 1 49 ? 0.243   6.126   -7.433  1.00 14.88 ? 49  GLY A CA  1 
ATOM   371  C C   . GLY A 1 49 ? 0.608   5.393   -8.701  1.00 12.97 ? 49  GLY A C   1 
ATOM   372  O O   . GLY A 1 49 ? 1.070   6.000   -9.665  1.00 13.91 ? 49  GLY A O   1 
ATOM   373  N N   . ILE A 1 50 ? 0.407   4.085   -8.713  1.00 14.40 ? 50  ILE A N   1 
ATOM   374  C CA  . ILE A 1 50 ? 0.714   3.324   -9.903  1.00 18.01 ? 50  ILE A CA  1 
ATOM   375  C C   . ILE A 1 50 ? -0.333  3.688   -10.946 1.00 17.92 ? 50  ILE A C   1 
ATOM   376  O O   . ILE A 1 50 ? -1.531  3.656   -10.670 1.00 19.45 ? 50  ILE A O   1 
ATOM   377  C CB  . ILE A 1 50 ? 0.676   1.818   -9.611  1.00 18.14 ? 50  ILE A CB  1 
ATOM   378  C CG1 . ILE A 1 50 ? 1.892   1.452   -8.758  1.00 20.96 ? 50  ILE A CG1 1 
ATOM   379  C CG2 . ILE A 1 50 ? 0.646   1.024   -10.912 1.00 19.10 ? 50  ILE A CG2 1 
ATOM   380  C CD1 . ILE A 1 50 ? 1.993   -0.001  -8.441  1.00 22.53 ? 50  ILE A CD1 1 
ATOM   381  N N   . GLY A 1 51 ? 0.122   4.060   -12.135 1.00 17.37 ? 51  GLY A N   1 
ATOM   382  C CA  . GLY A 1 51 ? -0.814  4.419   -13.181 1.00 18.40 ? 51  GLY A CA  1 
ATOM   383  C C   . GLY A 1 51 ? -0.962  5.915   -13.368 1.00 18.38 ? 51  GLY A C   1 
ATOM   384  O O   . GLY A 1 51 ? -1.507  6.366   -14.372 1.00 23.05 ? 51  GLY A O   1 
ATOM   385  N N   . GLY A 1 52 ? -0.488  6.691   -12.403 1.00 17.30 ? 52  GLY A N   1 
ATOM   386  C CA  . GLY A 1 52 ? -0.592  8.132   -12.530 1.00 14.63 ? 52  GLY A CA  1 
ATOM   387  C C   . GLY A 1 52 ? -1.326  8.816   -11.396 1.00 16.72 ? 52  GLY A C   1 
ATOM   388  O O   . GLY A 1 52 ? -1.487  8.253   -10.312 1.00 15.74 ? 52  GLY A O   1 
ATOM   389  N N   . PHE A 1 53 ? -1.798  10.030  -11.661 1.00 14.14 ? 53  PHE A N   1 
ATOM   390  C CA  . PHE A 1 53 ? -2.490  10.817  -10.652 1.00 14.01 ? 53  PHE A CA  1 
ATOM   391  C C   . PHE A 1 53 ? -3.991  10.919  -10.846 1.00 14.56 ? 53  PHE A C   1 
ATOM   392  O O   . PHE A 1 53 ? -4.510  10.745  -11.949 1.00 17.04 ? 53  PHE A O   1 
ATOM   393  C CB  . PHE A 1 53 ? -1.939  12.244  -10.622 1.00 10.95 ? 53  PHE A CB  1 
ATOM   394  C CG  . PHE A 1 53 ? -0.529  12.350  -10.134 1.00 14.40 ? 53  PHE A CG  1 
ATOM   395  C CD1 . PHE A 1 53 ? 0.531   11.920  -10.923 1.00 13.37 ? 53  PHE A CD1 1 
ATOM   396  C CD2 . PHE A 1 53 ? -0.258  12.916  -8.894  1.00 13.35 ? 53  PHE A CD2 1 
ATOM   397  C CE1 . PHE A 1 53 ? 1.844   12.056  -10.480 1.00 15.56 ? 53  PHE A CE1 1 
ATOM   398  C CE2 . PHE A 1 53 ? 1.046   13.057  -8.441  1.00 11.83 ? 53  PHE A CE2 1 
ATOM   399  C CZ  . PHE A 1 53 ? 2.102   12.625  -9.240  1.00 15.03 ? 53  PHE A CZ  1 
ATOM   400  N N   . ILE A 1 54 ? -4.682  11.211  -9.754  1.00 13.88 ? 54  ILE A N   1 
ATOM   401  C CA  . ILE A 1 54 ? -6.120  11.414  -9.793  1.00 14.31 ? 54  ILE A CA  1 
ATOM   402  C C   . ILE A 1 54 ? -6.405  12.634  -8.932  1.00 15.05 ? 54  ILE A C   1 
ATOM   403  O O   . ILE A 1 54 ? -5.677  12.917  -7.974  1.00 13.39 ? 54  ILE A O   1 
ATOM   404  C CB  . ILE A 1 54 ? -6.919  10.201  -9.251  1.00 12.29 ? 54  ILE A CB  1 
ATOM   405  C CG1 . ILE A 1 54 ? -6.436  9.821   -7.850  1.00 14.55 ? 54  ILE A CG1 1 
ATOM   406  C CG2 . ILE A 1 54 ? -6.804  9.036   -10.229 1.00 13.62 ? 54  ILE A CG2 1 
ATOM   407  C CD1 . ILE A 1 54 ? -7.385  8.878   -7.116  1.00 15.76 ? 54  ILE A CD1 1 
ATOM   408  N N   . LYS A 1 55 ? -7.445  13.374  -9.294  1.00 16.30 ? 55  LYS A N   1 
ATOM   409  C CA  . LYS A 1 55 ? -7.821  14.559  -8.539  1.00 14.74 ? 55  LYS A CA  1 
ATOM   410  C C   . LYS A 1 55 ? -8.805  14.122  -7.463  1.00 13.47 ? 55  LYS A C   1 
ATOM   411  O O   . LYS A 1 55 ? -9.738  13.369  -7.739  1.00 12.98 ? 55  LYS A O   1 
ATOM   412  C CB  . LYS A 1 55 ? -8.490  15.589  -9.450  1.00 18.34 ? 55  LYS A CB  1 
ATOM   413  C CG  . LYS A 1 55 ? -8.945  16.832  -8.706  1.00 22.03 ? 55  LYS A CG  1 
ATOM   414  C CD  . LYS A 1 55 ? -9.767  17.751  -9.593  1.00 30.51 ? 55  LYS A CD  1 
ATOM   415  C CE  . LYS A 1 55 ? -10.383 18.865  -8.765  1.00 35.49 ? 55  LYS A CE  1 
ATOM   416  N NZ  . LYS A 1 55 ? -11.158 18.305  -7.612  1.00 33.71 ? 55  LYS A NZ  1 
ATOM   417  N N   . VAL A 1 56 ? -8.588  14.592  -6.241  1.00 12.55 ? 56  VAL A N   1 
ATOM   418  C CA  . VAL A 1 56 ? -9.459  14.243  -5.126  1.00 12.92 ? 56  VAL A CA  1 
ATOM   419  C C   . VAL A 1 56 ? -9.825  15.494  -4.347  1.00 13.60 ? 56  VAL A C   1 
ATOM   420  O O   . VAL A 1 56 ? -9.232  16.553  -4.544  1.00 15.13 ? 56  VAL A O   1 
ATOM   421  C CB  . VAL A 1 56 ? -8.766  13.257  -4.143  1.00 14.82 ? 56  VAL A CB  1 
ATOM   422  C CG1 . VAL A 1 56 ? -8.427  11.961  -4.850  1.00 11.98 ? 56  VAL A CG1 1 
ATOM   423  C CG2 . VAL A 1 56 ? -7.505  13.901  -3.553  1.00 12.39 ? 56  VAL A CG2 1 
ATOM   424  N N   . ARG A 1 57 ? -10.813 15.364  -3.468  1.00 12.75 ? 57  ARG A N   1 
ATOM   425  C CA  . ARG A 1 57 ? -11.241 16.472  -2.624  1.00 16.36 ? 57  ARG A CA  1 
ATOM   426  C C   . ARG A 1 57 ? -10.727 16.160  -1.230  1.00 14.37 ? 57  ARG A C   1 
ATOM   427  O O   . ARG A 1 57 ? -10.940 15.065  -0.713  1.00 15.96 ? 57  ARG A O   1 
ATOM   428  C CB  . ARG A 1 57 ? -12.767 16.590  -2.598  1.00 17.92 ? 57  ARG A CB  1 
ATOM   429  C CG  . ARG A 1 57 ? -13.410 16.723  -3.971  1.00 24.77 ? 57  ARG A CG  1 
ATOM   430  C CD  . ARG A 1 57 ? -14.795 17.354  -3.866  1.00 28.48 ? 57  ARG A CD  1 
ATOM   431  N NE  . ARG A 1 57 ? -15.665 16.665  -2.916  1.00 30.20 ? 57  ARG A NE  1 
ATOM   432  C CZ  . ARG A 1 57 ? -16.188 15.458  -3.111  1.00 32.83 ? 57  ARG A CZ  1 
ATOM   433  N NH1 . ARG A 1 57 ? -15.932 14.793  -4.228  1.00 29.95 ? 57  ARG A NH1 1 
ATOM   434  N NH2 . ARG A 1 57 ? -16.973 14.917  -2.190  1.00 33.65 ? 57  ARG A NH2 1 
ATOM   435  N N   . GLN A 1 58 ? -10.046 17.124  -0.623  1.00 13.11 ? 58  GLN A N   1 
ATOM   436  C CA  . GLN A 1 58 ? -9.479  16.937  0.703   1.00 12.39 ? 58  GLN A CA  1 
ATOM   437  C C   . GLN A 1 58 ? -10.321 17.546  1.816   1.00 14.67 ? 58  GLN A C   1 
ATOM   438  O O   . GLN A 1 58 ? -10.584 18.750  1.814   1.00 14.02 ? 58  GLN A O   1 
ATOM   439  C CB  . GLN A 1 58 ? -8.085  17.560  0.753   1.00 12.94 ? 58  GLN A CB  1 
ATOM   440  C CG  . GLN A 1 58 ? -7.411  17.440  2.098   1.00 12.87 ? 58  GLN A CG  1 
ATOM   441  C CD  . GLN A 1 58 ? -6.182  18.313  2.208   1.00 20.44 ? 58  GLN A CD  1 
ATOM   442  O OE1 . GLN A 1 58 ? -5.376  18.388  1.283   1.00 22.99 ? 58  GLN A OE1 1 
ATOM   443  N NE2 . GLN A 1 58 ? -6.024  18.971  3.350   1.00 23.13 ? 58  GLN A NE2 1 
ATOM   444  N N   . TYR A 1 59 ? -10.729 16.709  2.769   1.00 15.79 ? 59  TYR A N   1 
ATOM   445  C CA  . TYR A 1 59 ? -11.502 17.158  3.927   1.00 15.52 ? 59  TYR A CA  1 
ATOM   446  C C   . TYR A 1 59 ? -10.625 16.941  5.150   1.00 17.21 ? 59  TYR A C   1 
ATOM   447  O O   . TYR A 1 59 ? -9.980  15.903  5.279   1.00 18.59 ? 59  TYR A O   1 
ATOM   448  C CB  . TYR A 1 59 ? -12.786 16.343  4.093   1.00 15.28 ? 59  TYR A CB  1 
ATOM   449  C CG  . TYR A 1 59 ? -13.812 16.559  3.007   1.00 15.90 ? 59  TYR A CG  1 
ATOM   450  C CD1 . TYR A 1 59 ? -13.735 15.869  1.799   1.00 15.79 ? 59  TYR A CD1 1 
ATOM   451  C CD2 . TYR A 1 59 ? -14.872 17.449  3.195   1.00 16.68 ? 59  TYR A CD2 1 
ATOM   452  C CE1 . TYR A 1 59 ? -14.691 16.055  0.802   1.00 17.62 ? 59  TYR A CE1 1 
ATOM   453  C CE2 . TYR A 1 59 ? -15.831 17.643  2.206   1.00 18.28 ? 59  TYR A CE2 1 
ATOM   454  C CZ  . TYR A 1 59 ? -15.736 16.943  1.015   1.00 19.42 ? 59  TYR A CZ  1 
ATOM   455  O OH  . TYR A 1 59 ? -16.696 17.118  0.045   1.00 21.27 ? 59  TYR A OH  1 
ATOM   456  N N   . ASP A 1 60 ? -10.602 17.908  6.056   1.00 18.93 ? 60  ASP A N   1 
ATOM   457  C CA  . ASP A 1 60 ? -9.780  17.769  7.249   1.00 21.19 ? 60  ASP A CA  1 
ATOM   458  C C   . ASP A 1 60 ? -10.595 17.461  8.495   1.00 21.96 ? 60  ASP A C   1 
ATOM   459  O O   . ASP A 1 60 ? -11.802 17.696  8.542   1.00 21.06 ? 60  ASP A O   1 
ATOM   460  C CB  . ASP A 1 60 ? -8.961  19.042  7.475   1.00 25.97 ? 60  ASP A CB  1 
ATOM   461  C CG  . ASP A 1 60 ? -8.038  19.353  6.313   1.00 29.25 ? 60  ASP A CG  1 
ATOM   462  O OD1 . ASP A 1 60 ? -7.259  18.461  5.916   1.00 28.97 ? 60  ASP A OD1 1 
ATOM   463  O OD2 . ASP A 1 60 ? -8.092  20.490  5.798   1.00 34.28 ? 60  ASP A OD2 1 
ATOM   464  N N   . GLN A 1 61 ? -9.920  16.915  9.500   1.00 22.71 ? 61  GLN A N   1 
ATOM   465  C CA  . GLN A 1 61 ? -10.546 16.589  10.772  1.00 24.87 ? 61  GLN A CA  1 
ATOM   466  C C   . GLN A 1 61 ? -11.808 15.750  10.643  1.00 24.30 ? 61  GLN A C   1 
ATOM   467  O O   . GLN A 1 61 ? -12.853 16.099  11.190  1.00 26.64 ? 61  GLN A O   1 
ATOM   468  C CB  . GLN A 1 61 ? -10.866 17.877  11.536  1.00 28.91 ? 61  GLN A CB  1 
ATOM   469  C CG  . GLN A 1 61 ? -9.656  18.763  11.780  1.00 38.12 ? 61  GLN A CG  1 
ATOM   470  C CD  . GLN A 1 61 ? -9.984  19.984  12.618  1.00 43.90 ? 61  GLN A CD  1 
ATOM   471  O OE1 . GLN A 1 61 ? -9.140  20.860  12.811  1.00 46.93 ? 61  GLN A OE1 1 
ATOM   472  N NE2 . GLN A 1 61 ? -11.212 20.046  13.125  1.00 47.41 ? 61  GLN A NE2 1 
ATOM   473  N N   . ILE A 1 62 ? -11.710 14.639  9.924   1.00 21.14 ? 62  ILE A N   1 
ATOM   474  C CA  . ILE A 1 62 ? -12.848 13.750  9.757   1.00 21.16 ? 62  ILE A CA  1 
ATOM   475  C C   . ILE A 1 62 ? -12.696 12.596  10.740  1.00 21.49 ? 62  ILE A C   1 
ATOM   476  O O   . ILE A 1 62 ? -11.602 12.058  10.913  1.00 20.50 ? 62  ILE A O   1 
ATOM   477  C CB  . ILE A 1 62 ? -12.911 13.173  8.326   1.00 19.31 ? 62  ILE A CB  1 
ATOM   478  C CG1 . ILE A 1 62 ? -13.090 14.305  7.312   1.00 17.98 ? 62  ILE A CG1 1 
ATOM   479  C CG2 . ILE A 1 62 ? -14.049 12.165  8.222   1.00 18.26 ? 62  ILE A CG2 1 
ATOM   480  C CD1 . ILE A 1 62 ? -14.395 15.062  7.455   1.00 17.60 ? 62  ILE A CD1 1 
ATOM   481  N N   . LEU A 1 63 ? -13.793 12.227  11.393  1.00 22.90 ? 63  LEU A N   1 
ATOM   482  C CA  . LEU A 1 63 ? -13.769 11.126  12.343  1.00 22.95 ? 63  LEU A CA  1 
ATOM   483  C C   . LEU A 1 63 ? -14.081 9.822   11.621  1.00 21.32 ? 63  LEU A C   1 
ATOM   484  O O   . LEU A 1 63 ? -15.021 9.748   10.829  1.00 19.65 ? 63  LEU A O   1 
ATOM   485  C CB  . LEU A 1 63 ? -14.794 11.357  13.457  1.00 25.13 ? 63  LEU A CB  1 
ATOM   486  C CG  . LEU A 1 63 ? -15.068 10.180  14.402  1.00 30.39 ? 63  LEU A CG  1 
ATOM   487  C CD1 . LEU A 1 63 ? -13.781 9.738   15.082  1.00 29.48 ? 63  LEU A CD1 1 
ATOM   488  C CD2 . LEU A 1 63 ? -16.102 10.596  15.437  1.00 33.55 ? 63  LEU A CD2 1 
ATOM   489  N N   . ILE A 1 64 ? -13.279 8.797   11.880  1.00 18.72 ? 64  ILE A N   1 
ATOM   490  C CA  . ILE A 1 64 ? -13.498 7.500   11.261  1.00 21.35 ? 64  ILE A CA  1 
ATOM   491  C C   . ILE A 1 64 ? -13.226 6.404   12.271  1.00 21.49 ? 64  ILE A C   1 
ATOM   492  O O   . ILE A 1 64 ? -12.301 6.504   13.076  1.00 24.18 ? 64  ILE A O   1 
ATOM   493  C CB  . ILE A 1 64 ? -12.570 7.269   10.047  1.00 24.11 ? 64  ILE A CB  1 
ATOM   494  C CG1 . ILE A 1 64 ? -12.873 8.291   8.951   1.00 25.38 ? 64  ILE A CG1 1 
ATOM   495  C CG2 . ILE A 1 64 ? -12.756 5.852   9.512   1.00 23.78 ? 64  ILE A CG2 1 
ATOM   496  C CD1 . ILE A 1 64 ? -12.121 8.037   7.663   1.00 31.84 ? 64  ILE A CD1 1 
ATOM   497  N N   . GLU A 1 65 ? -14.044 5.360   12.232  1.00 21.82 ? 65  GLU A N   1 
ATOM   498  C CA  . GLU A 1 65 ? -13.869 4.234   13.129  1.00 24.47 ? 65  GLU A CA  1 
ATOM   499  C C   . GLU A 1 65 ? -13.341 3.061   12.321  1.00 24.26 ? 65  GLU A C   1 
ATOM   500  O O   . GLU A 1 65 ? -13.969 2.628   11.354  1.00 23.60 ? 65  GLU A O   1 
ATOM   501  C CB  . GLU A 1 65 ? -15.193 3.863   13.795  1.00 26.89 ? 65  GLU A CB  1 
ATOM   502  C CG  . GLU A 1 65 ? -15.720 4.934   14.730  1.00 37.84 ? 65  GLU A CG  1 
ATOM   503  C CD  . GLU A 1 65 ? -16.977 4.502   15.458  1.00 42.88 ? 65  GLU A CD  1 
ATOM   504  O OE1 . GLU A 1 65 ? -16.933 3.462   16.150  1.00 46.41 ? 65  GLU A OE1 1 
ATOM   505  O OE2 . GLU A 1 65 ? -18.003 5.204   15.341  1.00 46.33 ? 65  GLU A OE2 1 
ATOM   506  N N   . ILE A 1 66 ? -12.170 2.571   12.708  1.00 24.78 ? 66  ILE A N   1 
ATOM   507  C CA  . ILE A 1 66 ? -11.538 1.450   12.026  1.00 26.68 ? 66  ILE A CA  1 
ATOM   508  C C   . ILE A 1 66 ? -11.500 0.279   12.996  1.00 29.17 ? 66  ILE A C   1 
ATOM   509  O O   . ILE A 1 66 ? -10.768 0.313   13.983  1.00 28.58 ? 66  ILE A O   1 
ATOM   510  C CB  . ILE A 1 66 ? -10.097 1.805   11.601  1.00 25.21 ? 66  ILE A CB  1 
ATOM   511  C CG1 . ILE A 1 66 ? -10.109 3.080   10.757  1.00 25.18 ? 66  ILE A CG1 1 
ATOM   512  C CG2 . ILE A 1 66 ? -9.482  0.653   10.818  1.00 24.38 ? 66  ILE A CG2 1 
ATOM   513  C CD1 . ILE A 1 66 ? -8.735  3.652   10.482  1.00 28.09 ? 66  ILE A CD1 1 
ATOM   514  N N   . CYS A 1 67 ? -12.296 -0.750  12.721  1.00 33.62 ? 67  CYS A N   1 
ATOM   515  C CA  . CYS A 1 67 ? -12.350 -1.924  13.584  1.00 36.55 ? 67  CYS A CA  1 
ATOM   516  C C   . CYS A 1 67 ? -12.639 -1.537  15.027  1.00 37.12 ? 67  CYS A C   1 
ATOM   517  O O   . CYS A 1 67 ? -12.054 -2.093  15.955  1.00 39.61 ? 67  CYS A O   1 
ATOM   518  C CB  . CYS A 1 67 ? -11.028 -2.689  13.527  1.00 38.96 ? 67  CYS A CB  1 
ATOM   519  S SG  . CYS A 1 67 ? -10.676 -3.435  11.934  1.00 46.28 ? 67  CYS A SG  1 
ATOM   520  N N   . GLY A 1 68 ? -13.535 -0.575  15.213  1.00 36.51 ? 68  GLY A N   1 
ATOM   521  C CA  . GLY A 1 68 ? -13.877 -0.151  16.559  1.00 35.86 ? 68  GLY A CA  1 
ATOM   522  C C   . GLY A 1 68 ? -12.990 0.947   17.114  1.00 33.50 ? 68  GLY A C   1 
ATOM   523  O O   . GLY A 1 68 ? -13.332 1.567   18.121  1.00 35.41 ? 68  GLY A O   1 
ATOM   524  N N   . HIS A 1 69 ? -11.852 1.190   16.473  1.00 32.11 ? 69  HIS A N   1 
ATOM   525  C CA  . HIS A 1 69 ? -10.938 2.231   16.930  1.00 29.42 ? 69  HIS A CA  1 
ATOM   526  C C   . HIS A 1 69 ? -11.263 3.556   16.267  1.00 29.10 ? 69  HIS A C   1 
ATOM   527  O O   . HIS A 1 69 ? -11.288 3.659   15.039  1.00 28.68 ? 69  HIS A O   1 
ATOM   528  C CB  . HIS A 1 69 ? -9.488  1.871   16.610  1.00 29.35 ? 69  HIS A CB  1 
ATOM   529  C CG  . HIS A 1 69 ? -9.008  0.627   17.284  1.00 31.68 ? 69  HIS A CG  1 
ATOM   530  N ND1 . HIS A 1 69 ? -9.480  -0.627  16.958  1.00 31.67 ? 69  HIS A ND1 1 
ATOM   531  C CD2 . HIS A 1 69 ? -8.090  0.442   18.262  1.00 29.97 ? 69  HIS A CD2 1 
ATOM   532  C CE1 . HIS A 1 69 ? -8.872  -1.530  17.706  1.00 33.40 ? 69  HIS A CE1 1 
ATOM   533  N NE2 . HIS A 1 69 ? -8.023  -0.908  18.506  1.00 34.13 ? 69  HIS A NE2 1 
ATOM   534  N N   . LYS A 1 70 ? -11.507 4.573   17.082  1.00 28.17 ? 70  LYS A N   1 
ATOM   535  C CA  . LYS A 1 70 ? -11.812 5.892   16.558  1.00 28.08 ? 70  LYS A CA  1 
ATOM   536  C C   . LYS A 1 70 ? -10.526 6.624   16.211  1.00 27.08 ? 70  LYS A C   1 
ATOM   537  O O   . LYS A 1 70 ? -9.544  6.577   16.955  1.00 27.24 ? 70  LYS A O   1 
ATOM   538  C CB  . LYS A 1 70 ? -12.622 6.696   17.579  1.00 28.72 ? 70  LYS A CB  1 
ATOM   539  C CG  . LYS A 1 70 ? -14.092 6.306   17.624  1.00 33.64 ? 70  LYS A CG  1 
ATOM   540  C CD  . LYS A 1 70 ? -14.816 6.933   18.804  1.00 38.60 ? 70  LYS A CD  1 
ATOM   541  C CE  . LYS A 1 70 ? -14.339 6.328   20.117  1.00 44.66 ? 70  LYS A CE  1 
ATOM   542  N NZ  . LYS A 1 70 ? -14.498 4.842   20.127  1.00 45.96 ? 70  LYS A NZ  1 
ATOM   543  N N   . ALA A 1 71 ? -10.532 7.287   15.063  1.00 23.48 ? 71  ALA A N   1 
ATOM   544  C CA  . ALA A 1 71 ? -9.376  8.038   14.615  1.00 22.98 ? 71  ALA A CA  1 
ATOM   545  C C   . ALA A 1 71 ? -9.855  9.315   13.942  1.00 22.57 ? 71  ALA A C   1 
ATOM   546  O O   . ALA A 1 71 ? -10.965 9.373   13.411  1.00 23.71 ? 71  ALA A O   1 
ATOM   547  C CB  . ALA A 1 71 ? -8.548  7.205   13.646  1.00 21.94 ? 71  ALA A CB  1 
ATOM   548  N N   . ILE A 1 72 ? -9.015  10.342  13.985  1.00 18.99 ? 72  ILE A N   1 
ATOM   549  C CA  . ILE A 1 72 ? -9.339  11.620  13.379  1.00 17.58 ? 72  ILE A CA  1 
ATOM   550  C C   . ILE A 1 72 ? -8.216  11.987  12.425  1.00 16.85 ? 72  ILE A C   1 
ATOM   551  O O   . ILE A 1 72 ? -7.042  11.787  12.733  1.00 15.99 ? 72  ILE A O   1 
ATOM   552  C CB  . ILE A 1 72 ? -9.468  12.739  14.441  1.00 20.41 ? 72  ILE A CB  1 
ATOM   553  C CG1 . ILE A 1 72 ? -10.690 12.490  15.335  1.00 22.68 ? 72  ILE A CG1 1 
ATOM   554  C CG2 . ILE A 1 72 ? -9.599  14.093  13.756  1.00 21.16 ? 72  ILE A CG2 1 
ATOM   555  C CD1 . ILE A 1 72 ? -10.542 11.326  16.292  1.00 27.84 ? 72  ILE A CD1 1 
ATOM   556  N N   . GLY A 1 73 ? -8.576  12.513  11.263  1.00 16.14 ? 73  GLY A N   1 
ATOM   557  C CA  . GLY A 1 73 ? -7.560  12.897  10.308  1.00 13.96 ? 73  GLY A CA  1 
ATOM   558  C C   . GLY A 1 73 ? -8.119  13.352  8.983   1.00 15.47 ? 73  GLY A C   1 
ATOM   559  O O   . GLY A 1 73 ? -9.336  13.428  8.784   1.00 15.54 ? 73  GLY A O   1 
ATOM   560  N N   . THR A 1 74 ? -7.212  13.665  8.068   1.00 14.48 ? 74  THR A N   1 
ATOM   561  C CA  . THR A 1 74 ? -7.591  14.110  6.744   1.00 14.34 ? 74  THR A CA  1 
ATOM   562  C C   . THR A 1 74 ? -8.069  12.917  5.936   1.00 14.81 ? 74  THR A C   1 
ATOM   563  O O   . THR A 1 74 ? -7.477  11.841  5.983   1.00 14.90 ? 74  THR A O   1 
ATOM   564  C CB  . THR A 1 74 ? -6.395  14.774  6.034   1.00 15.73 ? 74  THR A CB  1 
ATOM   565  O OG1 . THR A 1 74 ? -6.116  16.032  6.662   1.00 19.67 ? 74  THR A OG1 1 
ATOM   566  C CG2 . THR A 1 74 ? -6.687  14.998  4.558   1.00 14.65 ? 74  THR A CG2 1 
ATOM   567  N N   . VAL A 1 75 ? -9.161  13.111  5.211   1.00 14.58 ? 75  VAL A N   1 
ATOM   568  C CA  . VAL A 1 75 ? -9.711  12.068  4.368   1.00 12.84 ? 75  VAL A CA  1 
ATOM   569  C C   . VAL A 1 75 ? -9.866  12.664  2.981   1.00 13.56 ? 75  VAL A C   1 
ATOM   570  O O   . VAL A 1 75 ? -10.396 13.766  2.825   1.00 13.45 ? 75  VAL A O   1 
ATOM   571  C CB  . VAL A 1 75 ? -11.091 11.593  4.876   1.00 11.06 ? 75  VAL A CB  1 
ATOM   572  C CG1 . VAL A 1 75 ? -11.733 10.664  3.861   1.00 12.92 ? 75  VAL A CG1 1 
ATOM   573  C CG2 . VAL A 1 75 ? -10.924 10.869  6.204   1.00 13.93 ? 75  VAL A CG2 1 
ATOM   574  N N   . LEU A 1 76 ? -9.377  11.945  1.979   1.00 11.55 ? 76  LEU A N   1 
ATOM   575  C CA  . LEU A 1 76 ? -9.478  12.410  0.604   1.00 12.26 ? 76  LEU A CA  1 
ATOM   576  C C   . LEU A 1 76 ? -10.605 11.626  -0.051  1.00 12.36 ? 76  LEU A C   1 
ATOM   577  O O   . LEU A 1 76 ? -10.797 10.448  0.237   1.00 13.34 ? 76  LEU A O   1 
ATOM   578  C CB  . LEU A 1 76 ? -8.165  12.156  -0.144  1.00 9.22  ? 76  LEU A CB  1 
ATOM   579  C CG  . LEU A 1 76 ? -6.884  12.652  0.540   1.00 10.84 ? 76  LEU A CG  1 
ATOM   580  C CD1 . LEU A 1 76 ? -5.681  12.216  -0.287  1.00 9.91  ? 76  LEU A CD1 1 
ATOM   581  C CD2 . LEU A 1 76 ? -6.912  14.162  0.694   1.00 11.85 ? 76  LEU A CD2 1 
ATOM   582  N N   . VAL A 1 77 ? -11.350 12.282  -0.929  1.00 14.89 ? 77  VAL A N   1 
ATOM   583  C CA  . VAL A 1 77 ? -12.463 11.635  -1.615  1.00 13.61 ? 77  VAL A CA  1 
ATOM   584  C C   . VAL A 1 77 ? -12.276 11.799  -3.113  1.00 12.46 ? 77  VAL A C   1 
ATOM   585  O O   . VAL A 1 77 ? -12.047 12.909  -3.596  1.00 10.59 ? 77  VAL A O   1 
ATOM   586  C CB  . VAL A 1 77 ? -13.805 12.268  -1.192  1.00 14.67 ? 77  VAL A CB  1 
ATOM   587  C CG1 . VAL A 1 77 ? -14.955 11.578  -1.901  1.00 18.58 ? 77  VAL A CG1 1 
ATOM   588  C CG2 . VAL A 1 77 ? -13.966 12.169  0.315   1.00 15.98 ? 77  VAL A CG2 1 
ATOM   589  N N   . GLY A 1 78 ? -12.360 10.695  -3.847  1.00 13.72 ? 78  GLY A N   1 
ATOM   590  C CA  . GLY A 1 78 ? -12.174 10.771  -5.282  1.00 14.90 ? 78  GLY A CA  1 
ATOM   591  C C   . GLY A 1 78 ? -12.375 9.454   -6.004  1.00 13.87 ? 78  GLY A C   1 
ATOM   592  O O   . GLY A 1 78 ? -12.802 8.472   -5.397  1.00 15.23 ? 78  GLY A O   1 
ATOM   593  N N   . PRO A 1 79 ? -12.053 9.402   -7.308  1.00 14.39 ? 79  PRO A N   1 
ATOM   594  C CA  . PRO A 1 79 ? -12.197 8.208   -8.144  1.00 16.96 ? 79  PRO A CA  1 
ATOM   595  C C   . PRO A 1 79 ? -11.212 7.071   -7.875  1.00 17.08 ? 79  PRO A C   1 
ATOM   596  O O   . PRO A 1 79 ? -10.597 6.540   -8.803  1.00 18.50 ? 79  PRO A O   1 
ATOM   597  C CB  . PRO A 1 79 ? -12.064 8.769   -9.556  1.00 17.78 ? 79  PRO A CB  1 
ATOM   598  C CG  . PRO A 1 79 ? -11.061 9.859   -9.371  1.00 18.57 ? 79  PRO A CG  1 
ATOM   599  C CD  . PRO A 1 79 ? -11.545 10.536  -8.101  1.00 12.82 ? 79  PRO A CD  1 
ATOM   600  N N   . THR A 1 80 ? -11.065 6.692   -6.610  1.00 17.56 ? 80  THR A N   1 
ATOM   601  C CA  . THR A 1 80 ? -10.167 5.600   -6.255  1.00 15.41 ? 80  THR A CA  1 
ATOM   602  C C   . THR A 1 80 ? -10.902 4.276   -6.485  1.00 16.81 ? 80  THR A C   1 
ATOM   603  O O   . THR A 1 80 ? -12.089 4.147   -6.183  1.00 16.40 ? 80  THR A O   1 
ATOM   604  C CB  . THR A 1 80 ? -9.712  5.696   -4.778  1.00 14.35 ? 80  THR A CB  1 
ATOM   605  O OG1 . THR A 1 80 ? -8.874  4.575   -4.459  1.00 13.05 ? 80  THR A OG1 1 
ATOM   606  C CG2 . THR A 1 80 ? -10.919 5.720   -3.844  1.00 13.86 ? 80  THR A CG2 1 
ATOM   607  N N   . PRO A 1 81 ? -10.204 3.277   -7.042  1.00 18.17 ? 81  PRO A N   1 
ATOM   608  C CA  . PRO A 1 81 ? -10.821 1.973   -7.304  1.00 18.55 ? 81  PRO A CA  1 
ATOM   609  C C   . PRO A 1 81 ? -11.231 1.207   -6.052  1.00 18.23 ? 81  PRO A C   1 
ATOM   610  O O   . PRO A 1 81 ? -12.090 0.335   -6.112  1.00 18.74 ? 81  PRO A O   1 
ATOM   611  C CB  . PRO A 1 81 ? -9.752  1.242   -8.115  1.00 18.03 ? 81  PRO A CB  1 
ATOM   612  C CG  . PRO A 1 81 ? -8.482  1.837   -7.615  1.00 20.09 ? 81  PRO A CG  1 
ATOM   613  C CD  . PRO A 1 81 ? -8.810  3.304   -7.515  1.00 17.43 ? 81  PRO A CD  1 
ATOM   614  N N   . VAL A 1 82 ? -10.619 1.535   -4.921  1.00 16.57 ? 82  VAL A N   1 
ATOM   615  C CA  . VAL A 1 82 ? -10.929 0.865   -3.664  1.00 15.70 ? 82  VAL A CA  1 
ATOM   616  C C   . VAL A 1 82 ? -10.715 1.838   -2.507  1.00 14.64 ? 82  VAL A C   1 
ATOM   617  O O   . VAL A 1 82 ? -9.896  2.751   -2.606  1.00 14.19 ? 82  VAL A O   1 
ATOM   618  C CB  . VAL A 1 82 ? -10.015 -0.367  -3.460  1.00 18.68 ? 82  VAL A CB  1 
ATOM   619  C CG1 . VAL A 1 82 ? -8.573  0.066   -3.382  1.00 21.88 ? 82  VAL A CG1 1 
ATOM   620  C CG2 . VAL A 1 82 ? -10.403 -1.108  -2.202  1.00 20.77 ? 82  VAL A CG2 1 
ATOM   621  N N   . ASN A 1 83 ? -11.453 1.655   -1.415  1.00 11.72 ? 83  ASN A N   1 
ATOM   622  C CA  . ASN A 1 83 ? -11.291 2.534   -0.265  1.00 12.50 ? 83  ASN A CA  1 
ATOM   623  C C   . ASN A 1 83 ? -9.968  2.198   0.403   1.00 11.60 ? 83  ASN A C   1 
ATOM   624  O O   . ASN A 1 83 ? -9.680  1.036   0.688   1.00 13.47 ? 83  ASN A O   1 
ATOM   625  C CB  . ASN A 1 83 ? -12.450 2.368   0.711   1.00 15.53 ? 83  ASN A CB  1 
ATOM   626  C CG  . ASN A 1 83 ? -13.758 2.848   0.123   1.00 14.00 ? 83  ASN A CG  1 
ATOM   627  O OD1 . ASN A 1 83 ? -13.816 3.919   -0.481  1.00 14.29 ? 83  ASN A OD1 1 
ATOM   628  N ND2 . ASN A 1 83 ? -14.812 2.063   0.295   1.00 16.52 ? 83  ASN A ND2 1 
ATOM   629  N N   . ILE A 1 84 ? -9.179  3.234   0.656   1.00 11.56 ? 84  ILE A N   1 
ATOM   630  C CA  . ILE A 1 84 ? -7.848  3.084   1.225   1.00 10.89 ? 84  ILE A CA  1 
ATOM   631  C C   . ILE A 1 84 ? -7.632  3.785   2.560   1.00 10.11 ? 84  ILE A C   1 
ATOM   632  O O   . ILE A 1 84 ? -7.877  4.981   2.682   1.00 11.76 ? 84  ILE A O   1 
ATOM   633  C CB  . ILE A 1 84 ? -6.800  3.641   0.224   1.00 10.74 ? 84  ILE A CB  1 
ATOM   634  C CG1 . ILE A 1 84 ? -6.827  2.818   -1.062  1.00 12.55 ? 84  ILE A CG1 1 
ATOM   635  C CG2 . ILE A 1 84 ? -5.407  3.679   0.859   1.00 10.74 ? 84  ILE A CG2 1 
ATOM   636  C CD1 . ILE A 1 84 ? -6.574  1.348   -0.848  1.00 17.89 ? 84  ILE A CD1 1 
ATOM   637  N N   . ILE A 1 85 ? -7.179  3.038   3.559   1.00 11.01 ? 85  ILE A N   1 
ATOM   638  C CA  . ILE A 1 85 ? -6.864  3.631   4.851   1.00 11.87 ? 85  ILE A CA  1 
ATOM   639  C C   . ILE A 1 85 ? -5.345  3.744   4.808   1.00 10.73 ? 85  ILE A C   1 
ATOM   640  O O   . ILE A 1 85 ? -4.641  2.732   4.819   1.00 10.59 ? 85  ILE A O   1 
ATOM   641  C CB  . ILE A 1 85 ? -7.260  2.730   6.036   1.00 9.39  ? 85  ILE A CB  1 
ATOM   642  C CG1 . ILE A 1 85 ? -8.778  2.513   6.053   1.00 10.62 ? 85  ILE A CG1 1 
ATOM   643  C CG2 . ILE A 1 85 ? -6.776  3.354   7.333   1.00 6.30  ? 85  ILE A CG2 1 
ATOM   644  C CD1 . ILE A 1 85 ? -9.593  3.780   6.000   1.00 13.02 ? 85  ILE A CD1 1 
ATOM   645  N N   . GLY A 1 86 ? -4.852  4.974   4.746   1.00 11.20 ? 86  GLY A N   1 
ATOM   646  C CA  . GLY A 1 86 ? -3.422  5.200   4.671   1.00 11.17 ? 86  GLY A CA  1 
ATOM   647  C C   . GLY A 1 86 ? -2.742  5.432   6.005   1.00 10.83 ? 86  GLY A C   1 
ATOM   648  O O   . GLY A 1 86 ? -3.374  5.389   7.060   1.00 9.49  ? 86  GLY A O   1 
ATOM   649  N N   . ARG A 1 87 ? -1.444  5.699   5.947   1.00 9.87  ? 87  ARG A N   1 
ATOM   650  C CA  . ARG A 1 87 ? -0.648  5.911   7.151   1.00 8.97  ? 87  ARG A CA  1 
ATOM   651  C C   . ARG A 1 87 ? -1.132  7.013   8.081   1.00 10.41 ? 87  ARG A C   1 
ATOM   652  O O   . ARG A 1 87 ? -0.963  6.909   9.297   1.00 11.42 ? 87  ARG A O   1 
ATOM   653  C CB  . ARG A 1 87 ? 0.811   6.179   6.774   1.00 7.75  ? 87  ARG A CB  1 
ATOM   654  C CG  . ARG A 1 87 ? 1.482   4.995   6.083   1.00 7.12  ? 87  ARG A CG  1 
ATOM   655  C CD  . ARG A 1 87 ? 2.989   5.191   5.940   1.00 8.77  ? 87  ARG A CD  1 
ATOM   656  N NE  . ARG A 1 87 ? 3.318   6.352   5.119   1.00 10.40 ? 87  ARG A NE  1 
ATOM   657  C CZ  . ARG A 1 87 ? 3.628   7.554   5.595   1.00 14.20 ? 87  ARG A CZ  1 
ATOM   658  N NH1 . ARG A 1 87 ? 3.661   7.773   6.905   1.00 11.71 ? 87  ARG A NH1 1 
ATOM   659  N NH2 . ARG A 1 87 ? 3.901   8.546   4.757   1.00 13.61 ? 87  ARG A NH2 1 
ATOM   660  N N   . ASN A 1 88 ? -1.732  8.062   7.533   1.00 10.21 ? 88  ASN A N   1 
ATOM   661  C CA  . ASN A 1 88 ? -2.189  9.159   8.378   1.00 11.79 ? 88  ASN A CA  1 
ATOM   662  C C   . ASN A 1 88 ? -3.206  8.690   9.412   1.00 10.40 ? 88  ASN A C   1 
ATOM   663  O O   . ASN A 1 88 ? -3.318  9.278   10.489  1.00 12.18 ? 88  ASN A O   1 
ATOM   664  C CB  . ASN A 1 88 ? -2.773  10.294  7.530   1.00 12.21 ? 88  ASN A CB  1 
ATOM   665  C CG  . ASN A 1 88 ? -4.125  9.956   6.951   1.00 13.15 ? 88  ASN A CG  1 
ATOM   666  O OD1 . ASN A 1 88 ? -4.288  8.941   6.275   1.00 11.48 ? 88  ASN A OD1 1 
ATOM   667  N ND2 . ASN A 1 88 ? -5.109  10.813  7.210   1.00 14.10 ? 88  ASN A ND2 1 
ATOM   668  N N   . LEU A 1 89 ? -3.942  7.628   9.093   1.00 9.08  ? 89  LEU A N   1 
ATOM   669  C CA  . LEU A 1 89 ? -4.925  7.096   10.029  1.00 10.55 ? 89  LEU A CA  1 
ATOM   670  C C   . LEU A 1 89 ? -4.446  5.813   10.694  1.00 12.43 ? 89  LEU A C   1 
ATOM   671  O O   . LEU A 1 89 ? -4.786  5.550   11.848  1.00 11.77 ? 89  LEU A O   1 
ATOM   672  C CB  . LEU A 1 89 ? -6.268  6.853   9.332   1.00 11.76 ? 89  LEU A CB  1 
ATOM   673  C CG  . LEU A 1 89 ? -7.015  8.120   8.907   1.00 14.77 ? 89  LEU A CG  1 
ATOM   674  C CD1 . LEU A 1 89 ? -8.348  7.739   8.277   1.00 15.91 ? 89  LEU A CD1 1 
ATOM   675  C CD2 . LEU A 1 89 ? -7.234  9.015   10.113  1.00 18.75 ? 89  LEU A CD2 1 
ATOM   676  N N   . LEU A 1 90 ? -3.659  5.014   9.975   1.00 11.61 ? 90  LEU A N   1 
ATOM   677  C CA  . LEU A 1 90 ? -3.145  3.770   10.542  1.00 9.91  ? 90  LEU A CA  1 
ATOM   678  C C   . LEU A 1 90 ? -2.349  4.035   11.817  1.00 11.21 ? 90  LEU A C   1 
ATOM   679  O O   . LEU A 1 90 ? -2.413  3.257   12.770  1.00 12.96 ? 90  LEU A O   1 
ATOM   680  C CB  . LEU A 1 90 ? -2.259  3.044   9.524   1.00 11.93 ? 90  LEU A CB  1 
ATOM   681  C CG  . LEU A 1 90 ? -2.983  2.497   8.288   1.00 10.02 ? 90  LEU A CG  1 
ATOM   682  C CD1 . LEU A 1 90 ? -1.980  1.824   7.353   1.00 9.42  ? 90  LEU A CD1 1 
ATOM   683  C CD2 . LEU A 1 90 ? -4.046  1.507   8.724   1.00 12.50 ? 90  LEU A CD2 1 
ATOM   684  N N   . THR A 1 91 ? -1.605  5.136   11.834  1.00 11.74 ? 91  THR A N   1 
ATOM   685  C CA  . THR A 1 91 ? -0.804  5.479   13.007  1.00 13.41 ? 91  THR A CA  1 
ATOM   686  C C   . THR A 1 91 ? -1.692  5.728   14.223  1.00 12.47 ? 91  THR A C   1 
ATOM   687  O O   . THR A 1 91 ? -1.368  5.322   15.338  1.00 11.39 ? 91  THR A O   1 
ATOM   688  C CB  . THR A 1 91 ? 0.041   6.754   12.771  1.00 12.32 ? 91  THR A CB  1 
ATOM   689  O OG1 . THR A 1 91 ? -0.816  7.834   12.376  1.00 10.40 ? 91  THR A OG1 1 
ATOM   690  C CG2 . THR A 1 91 ? 1.087   6.522   11.685  1.00 12.28 ? 91  THR A CG2 1 
ATOM   691  N N   . GLN A 1 92 ? -2.818  6.395   13.998  1.00 11.50 ? 92  GLN A N   1 
ATOM   692  C CA  . GLN A 1 92 ? -3.737  6.731   15.076  1.00 10.98 ? 92  GLN A CA  1 
ATOM   693  C C   . GLN A 1 92 ? -4.336  5.527   15.794  1.00 13.06 ? 92  GLN A C   1 
ATOM   694  O O   . GLN A 1 92 ? -4.722  5.628   16.955  1.00 12.58 ? 92  GLN A O   1 
ATOM   695  C CB  . GLN A 1 92 ? -4.849  7.632   14.533  1.00 10.82 ? 92  GLN A CB  1 
ATOM   696  C CG  . GLN A 1 92 ? -4.309  8.901   13.890  1.00 8.03  ? 92  GLN A CG  1 
ATOM   697  C CD  . GLN A 1 92 ? -3.536  9.763   14.875  1.00 9.32  ? 92  GLN A CD  1 
ATOM   698  O OE1 . GLN A 1 92 ? -4.123  10.404  15.749  1.00 12.25 ? 92  GLN A OE1 1 
ATOM   699  N NE2 . GLN A 1 92 ? -2.211  9.775   14.743  1.00 11.13 ? 92  GLN A NE2 1 
ATOM   700  N N   . ILE A 1 93 ? -4.426  4.388   15.117  1.00 13.71 ? 93  ILE A N   1 
ATOM   701  C CA  . ILE A 1 93 ? -4.979  3.211   15.773  1.00 15.52 ? 93  ILE A CA  1 
ATOM   702  C C   . ILE A 1 93 ? -3.865  2.308   16.282  1.00 16.40 ? 93  ILE A C   1 
ATOM   703  O O   . ILE A 1 93 ? -4.122  1.216   16.784  1.00 17.98 ? 93  ILE A O   1 
ATOM   704  C CB  . ILE A 1 93 ? -5.920  2.409   14.844  1.00 17.80 ? 93  ILE A CB  1 
ATOM   705  C CG1 . ILE A 1 93 ? -5.142  1.798   13.679  1.00 15.32 ? 93  ILE A CG1 1 
ATOM   706  C CG2 . ILE A 1 93 ? -7.026  3.325   14.326  1.00 18.71 ? 93  ILE A CG2 1 
ATOM   707  C CD1 . ILE A 1 93 ? -5.995  0.898   12.799  1.00 11.94 ? 93  ILE A CD1 1 
ATOM   708  N N   . GLY A 1 94 ? -2.626  2.784   16.145  1.00 16.65 ? 94  GLY A N   1 
ATOM   709  C CA  . GLY A 1 94 ? -1.469  2.045   16.619  1.00 14.04 ? 94  GLY A CA  1 
ATOM   710  C C   . GLY A 1 94 ? -1.072  0.862   15.765  1.00 15.88 ? 94  GLY A C   1 
ATOM   711  O O   . GLY A 1 94 ? -0.484  -0.099  16.259  1.00 16.24 ? 94  GLY A O   1 
ATOM   712  N N   . CYS A 1 95 ? -1.383  0.931   14.477  1.00 13.94 ? 95  CYS A N   1 
ATOM   713  C CA  . CYS A 1 95 ? -1.057  -0.156  13.567  1.00 16.32 ? 95  CYS A CA  1 
ATOM   714  C C   . CYS A 1 95 ? 0.427   -0.205  13.223  1.00 14.48 ? 95  CYS A C   1 
ATOM   715  O O   . CYS A 1 95 ? 1.026   0.814   12.871  1.00 17.86 ? 95  CYS A O   1 
ATOM   716  C CB  . CYS A 1 95 ? -1.878  -0.014  12.285  1.00 18.82 ? 95  CYS A CB  1 
ATOM   717  S SG  . CYS A 1 95 ? -1.672  -1.383  11.145  1.00 24.00 ? 95  CYS A SG  1 
ATOM   718  N N   . THR A 1 96 ? 1.027   -1.389  13.338  1.00 14.81 ? 96  THR A N   1 
ATOM   719  C CA  . THR A 1 96 ? 2.439   -1.563  13.008  1.00 13.62 ? 96  THR A CA  1 
ATOM   720  C C   . THR A 1 96 ? 2.634   -2.767  12.087  1.00 13.67 ? 96  THR A C   1 
ATOM   721  O O   . THR A 1 96 ? 1.760   -3.630  11.972  1.00 13.43 ? 96  THR A O   1 
ATOM   722  C CB  . THR A 1 96 ? 3.311   -1.806  14.263  1.00 14.41 ? 96  THR A CB  1 
ATOM   723  O OG1 . THR A 1 96 ? 2.816   -2.946  14.976  1.00 16.46 ? 96  THR A OG1 1 
ATOM   724  C CG2 . THR A 1 96 ? 3.307   -0.584  15.172  1.00 15.08 ? 96  THR A CG2 1 
ATOM   725  N N   . LEU A 1 97 ? 3.796   -2.801  11.442  1.00 13.24 ? 97  LEU A N   1 
ATOM   726  C CA  . LEU A 1 97 ? 4.191   -3.883  10.548  1.00 15.41 ? 97  LEU A CA  1 
ATOM   727  C C   . LEU A 1 97 ? 5.152   -4.713  11.398  1.00 14.94 ? 97  LEU A C   1 
ATOM   728  O O   . LEU A 1 97 ? 6.064   -4.157  12.011  1.00 15.18 ? 97  LEU A O   1 
ATOM   729  C CB  . LEU A 1 97 ? 4.929   -3.297  9.343   1.00 17.51 ? 97  LEU A CB  1 
ATOM   730  C CG  . LEU A 1 97 ? 4.480   -3.602  7.915   1.00 22.86 ? 97  LEU A CG  1 
ATOM   731  C CD1 . LEU A 1 97 ? 2.983   -3.820  7.840   1.00 19.07 ? 97  LEU A CD1 1 
ATOM   732  C CD2 . LEU A 1 97 ? 4.914   -2.440  7.025   1.00 22.03 ? 97  LEU A CD2 1 
ATOM   733  N N   . ASN A 1 98 ? 4.953   -6.026  11.449  1.00 14.92 ? 98  ASN A N   1 
ATOM   734  C CA  . ASN A 1 98 ? 5.823   -6.875  12.257  1.00 18.10 ? 98  ASN A CA  1 
ATOM   735  C C   . ASN A 1 98 ? 6.275   -8.139  11.556  1.00 18.55 ? 98  ASN A C   1 
ATOM   736  O O   . ASN A 1 98 ? 5.492   -8.792  10.877  1.00 17.05 ? 98  ASN A O   1 
ATOM   737  C CB  . ASN A 1 98 ? 5.120   -7.291  13.551  1.00 20.76 ? 98  ASN A CB  1 
ATOM   738  C CG  . ASN A 1 98 ? 4.647   -6.112  14.363  1.00 23.24 ? 98  ASN A CG  1 
ATOM   739  O OD1 . ASN A 1 98 ? 3.660   -5.461  14.022  1.00 27.70 ? 98  ASN A OD1 1 
ATOM   740  N ND2 . ASN A 1 98 ? 5.356   -5.823  15.445  1.00 24.90 ? 98  ASN A ND2 1 
ATOM   741  N N   . PHE A 1 99 ? 7.548   -8.476  11.742  1.00 19.21 ? 99  PHE A N   1 
ATOM   742  C CA  . PHE A 1 99 ? 8.130   -9.689  11.181  1.00 20.70 ? 99  PHE A CA  1 
ATOM   743  C C   . PHE A 1 99 ? 9.481   -9.953  11.839  1.00 22.25 ? 99  PHE A C   1 
ATOM   744  O O   . PHE A 1 99 ? 10.210  -10.828 11.345  1.00 19.10 ? 99  PHE A O   1 
ATOM   745  C CB  . PHE A 1 99 ? 8.299   -9.585  9.657   1.00 19.32 ? 99  PHE A CB  1 
ATOM   746  C CG  . PHE A 1 99 ? 9.270   -8.523  9.211   1.00 19.71 ? 99  PHE A CG  1 
ATOM   747  C CD1 . PHE A 1 99 ? 8.878   -7.191  9.129   1.00 19.43 ? 99  PHE A CD1 1 
ATOM   748  C CD2 . PHE A 1 99 ? 10.568  -8.863  8.840   1.00 20.92 ? 99  PHE A CD2 1 
ATOM   749  C CE1 . PHE A 1 99 ? 9.763   -6.212  8.682   1.00 23.36 ? 99  PHE A CE1 1 
ATOM   750  C CE2 . PHE A 1 99 ? 11.463  -7.894  8.391   1.00 22.76 ? 99  PHE A CE2 1 
ATOM   751  C CZ  . PHE A 1 99 ? 11.060  -6.564  8.310   1.00 25.59 ? 99  PHE A CZ  1 
ATOM   752  O OXT . PHE A 1 99 ? 9.784   -9.291  12.853  1.00 19.10 ? 99  PHE A OXT 1 
ATOM   753  N N   . PRO B 1 1  ? 11.465  -7.308  13.157  1.00 28.73 ? 101 PRO B N   1 
ATOM   754  C CA  . PRO B 1 1  ? 11.311  -6.010  13.850  1.00 27.79 ? 101 PRO B CA  1 
ATOM   755  C C   . PRO B 1 1  ? 9.882   -5.486  13.746  1.00 26.55 ? 101 PRO B C   1 
ATOM   756  O O   . PRO B 1 1  ? 9.051   -6.055  13.036  1.00 26.91 ? 101 PRO B O   1 
ATOM   757  C CB  . PRO B 1 1  ? 12.270  -5.048  13.177  1.00 28.91 ? 101 PRO B CB  1 
ATOM   758  C CG  . PRO B 1 1  ? 12.282  -5.604  11.755  1.00 29.55 ? 101 PRO B CG  1 
ATOM   759  C CD  . PRO B 1 1  ? 12.306  -7.132  11.958  1.00 29.13 ? 101 PRO B CD  1 
ATOM   760  N N   . GLN B 1 2  ? 9.607   -4.400  14.463  1.00 25.27 ? 102 GLN B N   1 
ATOM   761  C CA  . GLN B 1 2  ? 8.295   -3.763  14.447  1.00 23.95 ? 102 GLN B CA  1 
ATOM   762  C C   . GLN B 1 2  ? 8.470   -2.384  13.830  1.00 24.20 ? 102 GLN B C   1 
ATOM   763  O O   . GLN B 1 2  ? 9.263   -1.572  14.311  1.00 26.73 ? 102 GLN B O   1 
ATOM   764  C CB  . GLN B 1 2  ? 7.738   -3.640  15.865  1.00 26.43 ? 102 GLN B CB  1 
ATOM   765  C CG  . GLN B 1 2  ? 6.514   -2.747  15.978  1.00 31.43 ? 102 GLN B CG  1 
ATOM   766  C CD  . GLN B 1 2  ? 5.808   -2.902  17.308  1.00 36.33 ? 102 GLN B CD  1 
ATOM   767  O OE1 . GLN B 1 2  ? 5.140   -3.907  17.554  1.00 39.07 ? 102 GLN B OE1 1 
ATOM   768  N NE2 . GLN B 1 2  ? 5.961   -1.912  18.180  1.00 38.55 ? 102 GLN B NE2 1 
ATOM   769  N N   . ILE B 1 3  ? 7.731   -2.124  12.759  1.00 21.93 ? 103 ILE B N   1 
ATOM   770  C CA  . ILE B 1 3  ? 7.824   -0.856  12.055  1.00 20.53 ? 103 ILE B CA  1 
ATOM   771  C C   . ILE B 1 3  ? 6.560   -0.024  12.215  1.00 17.55 ? 103 ILE B C   1 
ATOM   772  O O   . ILE B 1 3  ? 5.460   -0.499  11.932  1.00 16.03 ? 103 ILE B O   1 
ATOM   773  C CB  . ILE B 1 3  ? 8.087   -1.097  10.548  1.00 17.98 ? 103 ILE B CB  1 
ATOM   774  C CG1 . ILE B 1 3  ? 9.402   -1.867  10.378  1.00 17.20 ? 103 ILE B CG1 1 
ATOM   775  C CG2 . ILE B 1 3  ? 8.134   0.229   9.795   1.00 17.95 ? 103 ILE B CG2 1 
ATOM   776  C CD1 . ILE B 1 3  ? 9.764   -2.180  8.941   1.00 16.94 ? 103 ILE B CD1 1 
ATOM   777  N N   . THR B 1 4  ? 6.720   1.208   12.687  1.00 17.09 ? 104 THR B N   1 
ATOM   778  C CA  . THR B 1 4  ? 5.581   2.103   12.855  1.00 16.22 ? 104 THR B CA  1 
ATOM   779  C C   . THR B 1 4  ? 5.365   2.797   11.516  1.00 13.65 ? 104 THR B C   1 
ATOM   780  O O   . THR B 1 4  ? 6.209   2.713   10.623  1.00 16.12 ? 104 THR B O   1 
ATOM   781  C CB  . THR B 1 4  ? 5.825   3.155   13.961  1.00 12.90 ? 104 THR B CB  1 
ATOM   782  O OG1 . THR B 1 4  ? 7.030   3.873   13.685  1.00 14.94 ? 104 THR B OG1 1 
ATOM   783  C CG2 . THR B 1 4  ? 5.935   2.482   15.319  1.00 15.51 ? 104 THR B CG2 1 
ATOM   784  N N   . LEU B 1 5  ? 4.248   3.496   11.378  1.00 12.40 ? 105 LEU B N   1 
ATOM   785  C CA  . LEU B 1 5  ? 3.938   4.128   10.109  1.00 10.76 ? 105 LEU B CA  1 
ATOM   786  C C   . LEU B 1 5  ? 3.926   5.654   10.083  1.00 11.97 ? 105 LEU B C   1 
ATOM   787  O O   . LEU B 1 5  ? 3.305   6.260   9.209   1.00 10.19 ? 105 LEU B O   1 
ATOM   788  C CB  . LEU B 1 5  ? 2.604   3.567   9.621   1.00 11.40 ? 105 LEU B CB  1 
ATOM   789  C CG  . LEU B 1 5  ? 2.631   2.034   9.530   1.00 9.94  ? 105 LEU B CG  1 
ATOM   790  C CD1 . LEU B 1 5  ? 1.228   1.499   9.339   1.00 10.46 ? 105 LEU B CD1 1 
ATOM   791  C CD2 . LEU B 1 5  ? 3.548   1.605   8.370   1.00 12.34 ? 105 LEU B CD2 1 
ATOM   792  N N   . TRP B 1 6  ? 4.624   6.281   11.025  1.00 12.19 ? 106 TRP B N   1 
ATOM   793  C CA  . TRP B 1 6  ? 4.677   7.738   11.056  1.00 13.10 ? 106 TRP B CA  1 
ATOM   794  C C   . TRP B 1 6  ? 5.424   8.233   9.827   1.00 13.81 ? 106 TRP B C   1 
ATOM   795  O O   . TRP B 1 6  ? 5.217   9.356   9.369   1.00 12.21 ? 106 TRP B O   1 
ATOM   796  C CB  . TRP B 1 6  ? 5.344   8.217   12.345  1.00 11.38 ? 106 TRP B CB  1 
ATOM   797  C CG  . TRP B 1 6  ? 4.622   7.709   13.545  1.00 10.43 ? 106 TRP B CG  1 
ATOM   798  C CD1 . TRP B 1 6  ? 4.941   6.610   14.288  1.00 11.03 ? 106 TRP B CD1 1 
ATOM   799  C CD2 . TRP B 1 6  ? 3.403   8.226   14.093  1.00 10.64 ? 106 TRP B CD2 1 
ATOM   800  N NE1 . TRP B 1 6  ? 3.992   6.408   15.267  1.00 11.78 ? 106 TRP B NE1 1 
ATOM   801  C CE2 . TRP B 1 6  ? 3.037   7.385   15.168  1.00 11.98 ? 106 TRP B CE2 1 
ATOM   802  C CE3 . TRP B 1 6  ? 2.581   9.319   13.779  1.00 9.69  ? 106 TRP B CE3 1 
ATOM   803  C CZ2 . TRP B 1 6  ? 1.884   7.599   15.932  1.00 11.70 ? 106 TRP B CZ2 1 
ATOM   804  C CZ3 . TRP B 1 6  ? 1.430   9.532   14.540  1.00 11.14 ? 106 TRP B CZ3 1 
ATOM   805  C CH2 . TRP B 1 6  ? 1.095   8.672   15.604  1.00 10.70 ? 106 TRP B CH2 1 
ATOM   806  N N   . GLN B 1 7  ? 6.290   7.378   9.292   1.00 12.06 ? 107 GLN B N   1 
ATOM   807  C CA  . GLN B 1 7  ? 7.035   7.682   8.076   1.00 13.67 ? 107 GLN B CA  1 
ATOM   808  C C   . GLN B 1 7  ? 6.792   6.495   7.148   1.00 10.70 ? 107 GLN B C   1 
ATOM   809  O O   . GLN B 1 7  ? 6.261   5.475   7.571   1.00 11.95 ? 107 GLN B O   1 
ATOM   810  C CB  . GLN B 1 7  ? 8.532   7.790   8.359   1.00 19.60 ? 107 GLN B CB  1 
ATOM   811  C CG  . GLN B 1 7  ? 8.915   8.814   9.405   1.00 31.02 ? 107 GLN B CG  1 
ATOM   812  C CD  . GLN B 1 7  ? 10.418  8.888   9.600   1.00 39.40 ? 107 GLN B CD  1 
ATOM   813  O OE1 . GLN B 1 7  ? 11.069  7.880   9.883   1.00 44.41 ? 107 GLN B OE1 1 
ATOM   814  N NE2 . GLN B 1 7  ? 10.978  10.084  9.449   1.00 41.66 ? 107 GLN B NE2 1 
ATOM   815  N N   . ARG B 1 8  ? 7.169   6.623   5.885   1.00 10.68 ? 108 ARG B N   1 
ATOM   816  C CA  . ARG B 1 8  ? 6.985   5.515   4.953   1.00 11.14 ? 108 ARG B CA  1 
ATOM   817  C C   . ARG B 1 8  ? 7.819   4.331   5.412   1.00 10.34 ? 108 ARG B C   1 
ATOM   818  O O   . ARG B 1 8  ? 8.974   4.495   5.805   1.00 10.74 ? 108 ARG B O   1 
ATOM   819  C CB  . ARG B 1 8  ? 7.411   5.931   3.546   1.00 8.43  ? 108 ARG B CB  1 
ATOM   820  C CG  . ARG B 1 8  ? 6.422   6.846   2.875   1.00 9.41  ? 108 ARG B CG  1 
ATOM   821  C CD  . ARG B 1 8  ? 6.866   7.144   1.453   1.00 15.99 ? 108 ARG B CD  1 
ATOM   822  N NE  . ARG B 1 8  ? 5.836   7.848   0.701   1.00 17.14 ? 108 ARG B NE  1 
ATOM   823  C CZ  . ARG B 1 8  ? 5.951   8.181   -0.580  1.00 20.35 ? 108 ARG B CZ  1 
ATOM   824  N NH1 . ARG B 1 8  ? 7.055   7.869   -1.248  1.00 20.19 ? 108 ARG B NH1 1 
ATOM   825  N NH2 . ARG B 1 8  ? 4.964   8.821   -1.194  1.00 20.56 ? 108 ARG B NH2 1 
ATOM   826  N N   . PRO B 1 9  ? 7.238   3.121   5.383   1.00 11.64 ? 109 PRO B N   1 
ATOM   827  C CA  . PRO B 1 9  ? 7.954   1.915   5.805   1.00 12.07 ? 109 PRO B CA  1 
ATOM   828  C C   . PRO B 1 9  ? 8.946   1.467   4.737   1.00 13.69 ? 109 PRO B C   1 
ATOM   829  O O   . PRO B 1 9  ? 8.742   0.459   4.058   1.00 10.47 ? 109 PRO B O   1 
ATOM   830  C CB  . PRO B 1 9  ? 6.826   0.910   6.031   1.00 11.84 ? 109 PRO B CB  1 
ATOM   831  C CG  . PRO B 1 9  ? 5.822   1.299   4.993   1.00 9.05  ? 109 PRO B CG  1 
ATOM   832  C CD  . PRO B 1 9  ? 5.822   2.818   5.090   1.00 11.70 ? 109 PRO B CD  1 
ATOM   833  N N   . LEU B 1 10 ? 10.013  2.246   4.593   1.00 14.37 ? 110 LEU B N   1 
ATOM   834  C CA  . LEU B 1 10 ? 11.056  1.967   3.622   1.00 16.43 ? 110 LEU B CA  1 
ATOM   835  C C   . LEU B 1 10 ? 12.118  1.083   4.255   1.00 16.80 ? 110 LEU B C   1 
ATOM   836  O O   . LEU B 1 10 ? 12.552  1.327   5.380   1.00 18.86 ? 110 LEU B O   1 
ATOM   837  C CB  . LEU B 1 10 ? 11.697  3.274   3.148   1.00 17.66 ? 110 LEU B CB  1 
ATOM   838  C CG  . LEU B 1 10 ? 10.794  4.256   2.403   1.00 19.85 ? 110 LEU B CG  1 
ATOM   839  C CD1 . LEU B 1 10 ? 11.534  5.566   2.165   1.00 23.69 ? 110 LEU B CD1 1 
ATOM   840  C CD2 . LEU B 1 10 ? 10.363  3.644   1.083   1.00 21.37 ? 110 LEU B CD2 1 
ATOM   841  N N   . VAL B 1 11 ? 12.515  0.042   3.535   1.00 15.77 ? 111 VAL B N   1 
ATOM   842  C CA  . VAL B 1 11 ? 13.541  -0.869  4.020   1.00 16.15 ? 111 VAL B CA  1 
ATOM   843  C C   . VAL B 1 11 ? 14.537  -1.097  2.896   1.00 15.47 ? 111 VAL B C   1 
ATOM   844  O O   . VAL B 1 11 ? 14.283  -0.742  1.746   1.00 13.60 ? 111 VAL B O   1 
ATOM   845  C CB  . VAL B 1 11 ? 12.955  -2.238  4.447   1.00 17.05 ? 111 VAL B CB  1 
ATOM   846  C CG1 . VAL B 1 11 ? 12.003  -2.059  5.627   1.00 19.77 ? 111 VAL B CG1 1 
ATOM   847  C CG2 . VAL B 1 11 ? 12.247  -2.889  3.278   1.00 15.74 ? 111 VAL B CG2 1 
ATOM   848  N N   . THR B 1 12 ? 15.684  -1.674  3.232   1.00 16.30 ? 112 THR B N   1 
ATOM   849  C CA  . THR B 1 12 ? 16.686  -1.952  2.221   1.00 15.61 ? 112 THR B CA  1 
ATOM   850  C C   . THR B 1 12 ? 16.477  -3.371  1.729   1.00 15.64 ? 112 THR B C   1 
ATOM   851  O O   . THR B 1 12 ? 16.257  -4.286  2.525   1.00 18.71 ? 112 THR B O   1 
ATOM   852  C CB  . THR B 1 12 ? 18.115  -1.843  2.793   1.00 17.32 ? 112 THR B CB  1 
ATOM   853  O OG1 . THR B 1 12 ? 18.377  -0.484  3.164   1.00 21.14 ? 112 THR B OG1 1 
ATOM   854  C CG2 . THR B 1 12 ? 19.140  -2.297  1.757   1.00 14.46 ? 112 THR B CG2 1 
ATOM   855  N N   . ILE B 1 13 ? 16.522  -3.553  0.416   1.00 13.38 ? 113 ILE B N   1 
ATOM   856  C CA  . ILE B 1 13 ? 16.375  -4.884  -0.147  1.00 13.81 ? 113 ILE B CA  1 
ATOM   857  C C   . ILE B 1 13 ? 17.611  -5.132  -0.984  1.00 14.86 ? 113 ILE B C   1 
ATOM   858  O O   . ILE B 1 13 ? 18.271  -4.194  -1.425  1.00 14.45 ? 113 ILE B O   1 
ATOM   859  C CB  . ILE B 1 13 ? 15.134  -5.013  -1.057  1.00 10.98 ? 113 ILE B CB  1 
ATOM   860  C CG1 . ILE B 1 13 ? 15.263  -4.069  -2.259  1.00 14.88 ? 113 ILE B CG1 1 
ATOM   861  C CG2 . ILE B 1 13 ? 13.882  -4.717  -0.256  1.00 12.79 ? 113 ILE B CG2 1 
ATOM   862  C CD1 . ILE B 1 13 ? 14.317  -4.387  -3.407  1.00 16.59 ? 113 ILE B CD1 1 
ATOM   863  N N   . LYS B 1 14 ? 17.933  -6.401  -1.186  1.00 14.11 ? 114 LYS B N   1 
ATOM   864  C CA  . LYS B 1 14 ? 19.081  -6.749  -1.992  1.00 14.11 ? 114 LYS B CA  1 
ATOM   865  C C   . LYS B 1 14 ? 18.586  -7.650  -3.111  1.00 12.25 ? 114 LYS B C   1 
ATOM   866  O O   . LYS B 1 14 ? 17.935  -8.663  -2.865  1.00 13.92 ? 114 LYS B O   1 
ATOM   867  C CB  . LYS B 1 14 ? 20.122  -7.473  -1.139  1.00 13.87 ? 114 LYS B CB  1 
ATOM   868  C CG  . LYS B 1 14 ? 21.414  -7.803  -1.865  1.00 17.63 ? 114 LYS B CG  1 
ATOM   869  C CD  . LYS B 1 14 ? 22.368  -8.524  -0.923  1.00 19.92 ? 114 LYS B CD  1 
ATOM   870  C CE  . LYS B 1 14 ? 23.659  -8.909  -1.613  1.00 25.09 ? 114 LYS B CE  1 
ATOM   871  N NZ  . LYS B 1 14 ? 24.582  -9.591  -0.659  1.00 30.72 ? 114 LYS B NZ  1 
ATOM   872  N N   . ILE B 1 15 ? 18.874  -7.260  -4.343  1.00 13.60 ? 115 ILE B N   1 
ATOM   873  C CA  . ILE B 1 15 ? 18.467  -8.047  -5.497  1.00 16.18 ? 115 ILE B CA  1 
ATOM   874  C C   . ILE B 1 15 ? 19.517  -7.857  -6.579  1.00 17.21 ? 115 ILE B C   1 
ATOM   875  O O   . ILE B 1 15 ? 19.963  -6.738  -6.830  1.00 15.92 ? 115 ILE B O   1 
ATOM   876  C CB  . ILE B 1 15 ? 17.070  -7.609  -6.013  1.00 17.12 ? 115 ILE B CB  1 
ATOM   877  C CG1 . ILE B 1 15 ? 16.656  -8.485  -7.202  1.00 18.43 ? 115 ILE B CG1 1 
ATOM   878  C CG2 . ILE B 1 15 ? 17.079  -6.137  -6.377  1.00 14.45 ? 115 ILE B CG2 1 
ATOM   879  C CD1 . ILE B 1 15 ? 15.195  -8.334  -7.600  1.00 20.01 ? 115 ILE B CD1 1 
ATOM   880  N N   . GLY B 1 16 ? 19.922  -8.954  -7.208  1.00 19.78 ? 116 GLY B N   1 
ATOM   881  C CA  . GLY B 1 16 ? 20.939  -8.864  -8.238  1.00 21.02 ? 116 GLY B CA  1 
ATOM   882  C C   . GLY B 1 16 ? 22.235  -8.322  -7.663  1.00 22.53 ? 116 GLY B C   1 
ATOM   883  O O   . GLY B 1 16 ? 22.990  -7.637  -8.352  1.00 27.46 ? 116 GLY B O   1 
ATOM   884  N N   . GLY B 1 17 ? 22.485  -8.622  -6.392  1.00 21.01 ? 117 GLY B N   1 
ATOM   885  C CA  . GLY B 1 17 ? 23.696  -8.160  -5.736  1.00 21.01 ? 117 GLY B CA  1 
ATOM   886  C C   . GLY B 1 17 ? 23.736  -6.665  -5.467  1.00 22.31 ? 117 GLY B C   1 
ATOM   887  O O   . GLY B 1 17 ? 24.768  -6.131  -5.053  1.00 21.18 ? 117 GLY B O   1 
ATOM   888  N N   . GLN B 1 18 ? 22.617  -5.984  -5.690  1.00 18.99 ? 118 GLN B N   1 
ATOM   889  C CA  . GLN B 1 18 ? 22.544  -4.542  -5.477  1.00 20.96 ? 118 GLN B CA  1 
ATOM   890  C C   . GLN B 1 18 ? 21.571  -4.174  -4.363  1.00 18.34 ? 118 GLN B C   1 
ATOM   891  O O   . GLN B 1 18 ? 20.532  -4.814  -4.193  1.00 17.36 ? 118 GLN B O   1 
ATOM   892  C CB  . GLN B 1 18 ? 22.108  -3.840  -6.767  1.00 24.34 ? 118 GLN B CB  1 
ATOM   893  C CG  . GLN B 1 18 ? 23.099  -3.947  -7.912  1.00 37.79 ? 118 GLN B CG  1 
ATOM   894  C CD  . GLN B 1 18 ? 24.349  -3.117  -7.682  1.00 46.79 ? 118 GLN B CD  1 
ATOM   895  O OE1 . GLN B 1 18 ? 24.277  -1.896  -7.524  1.00 52.11 ? 118 GLN B OE1 1 
ATOM   896  N NE2 . GLN B 1 18 ? 25.505  -3.774  -7.665  1.00 49.38 ? 118 GLN B NE2 1 
ATOM   897  N N   . LEU B 1 19 ? 21.916  -3.137  -3.605  1.00 15.72 ? 119 LEU B N   1 
ATOM   898  C CA  . LEU B 1 19 ? 21.053  -2.676  -2.530  1.00 14.29 ? 119 LEU B CA  1 
ATOM   899  C C   . LEU B 1 19 ? 20.136  -1.609  -3.095  1.00 14.53 ? 119 LEU B C   1 
ATOM   900  O O   . LEU B 1 19 ? 20.574  -0.715  -3.826  1.00 16.44 ? 119 LEU B O   1 
ATOM   901  C CB  . LEU B 1 19 ? 21.866  -2.074  -1.385  1.00 13.95 ? 119 LEU B CB  1 
ATOM   902  C CG  . LEU B 1 19 ? 22.825  -2.980  -0.616  1.00 14.20 ? 119 LEU B CG  1 
ATOM   903  C CD1 . LEU B 1 19 ? 23.488  -2.173  0.495   1.00 18.07 ? 119 LEU B CD1 1 
ATOM   904  C CD2 . LEU B 1 19 ? 22.074  -4.166  -0.039  1.00 15.30 ? 119 LEU B CD2 1 
ATOM   905  N N   . LYS B 1 20 ? 18.859  -1.714  -2.759  1.00 16.57 ? 120 LYS B N   1 
ATOM   906  C CA  . LYS B 1 20 ? 17.863  -0.761  -3.205  1.00 16.14 ? 120 LYS B CA  1 
ATOM   907  C C   . LYS B 1 20 ? 16.951  -0.493  -2.024  1.00 16.57 ? 120 LYS B C   1 
ATOM   908  O O   . LYS B 1 20 ? 16.926  -1.260  -1.060  1.00 16.93 ? 120 LYS B O   1 
ATOM   909  C CB  . LYS B 1 20 ? 17.041  -1.335  -4.364  1.00 18.28 ? 120 LYS B CB  1 
ATOM   910  C CG  . LYS B 1 20 ? 17.759  -1.387  -5.704  1.00 23.01 ? 120 LYS B CG  1 
ATOM   911  C CD  . LYS B 1 20 ? 16.865  -2.016  -6.770  1.00 29.11 ? 120 LYS B CD  1 
ATOM   912  C CE  . LYS B 1 20 ? 17.397  -1.772  -8.177  1.00 32.06 ? 120 LYS B CE  1 
ATOM   913  N NZ  . LYS B 1 20 ? 18.777  -2.288  -8.355  1.00 34.07 ? 120 LYS B NZ  1 
ATOM   914  N N   . GLU B 1 21 ? 16.209  0.601   -2.095  1.00 16.35 ? 121 GLU B N   1 
ATOM   915  C CA  . GLU B 1 21 ? 15.283  0.945   -1.033  1.00 16.60 ? 121 GLU B CA  1 
ATOM   916  C C   . GLU B 1 21 ? 13.893  0.637   -1.569  1.00 12.14 ? 121 GLU B C   1 
ATOM   917  O O   . GLU B 1 21 ? 13.574  0.970   -2.712  1.00 11.48 ? 121 GLU B O   1 
ATOM   918  C CB  . GLU B 1 21 ? 15.416  2.428   -0.692  1.00 21.98 ? 121 GLU B CB  1 
ATOM   919  C CG  . GLU B 1 21 ? 14.718  2.841   0.585   1.00 35.83 ? 121 GLU B CG  1 
ATOM   920  C CD  . GLU B 1 21 ? 15.200  4.188   1.088   1.00 41.60 ? 121 GLU B CD  1 
ATOM   921  O OE1 . GLU B 1 21 ? 15.052  5.186   0.349   1.00 44.35 ? 121 GLU B OE1 1 
ATOM   922  O OE2 . GLU B 1 21 ? 15.732  4.246   2.217   1.00 44.10 ? 121 GLU B OE2 1 
ATOM   923  N N   . ALA B 1 22 ? 13.074  -0.021  -0.760  1.00 10.84 ? 122 ALA B N   1 
ATOM   924  C CA  . ALA B 1 22 ? 11.726  -0.361  -1.202  1.00 10.14 ? 122 ALA B CA  1 
ATOM   925  C C   . ALA B 1 22 ? 10.728  -0.146  -0.084  1.00 8.69  ? 122 ALA B C   1 
ATOM   926  O O   . ALA B 1 22 ? 11.083  -0.101  1.091   1.00 9.36  ? 122 ALA B O   1 
ATOM   927  C CB  . ALA B 1 22 ? 11.674  -1.808  -1.695  1.00 8.26  ? 122 ALA B CB  1 
ATOM   928  N N   . LEU B 1 23 ? 9.467   -0.019  -0.468  1.00 9.65  ? 123 LEU B N   1 
ATOM   929  C CA  . LEU B 1 23 ? 8.387   0.229   0.467   1.00 9.17  ? 123 LEU B CA  1 
ATOM   930  C C   . LEU B 1 23 ? 7.623   -1.045  0.816   1.00 9.43  ? 123 LEU B C   1 
ATOM   931  O O   . LEU B 1 23 ? 7.240   -1.804  -0.073  1.00 8.92  ? 123 LEU B O   1 
ATOM   932  C CB  . LEU B 1 23 ? 7.440   1.240   -0.177  1.00 13.87 ? 123 LEU B CB  1 
ATOM   933  C CG  . LEU B 1 23 ? 6.248   1.823   0.570   1.00 15.71 ? 123 LEU B CG  1 
ATOM   934  C CD1 . LEU B 1 23 ? 6.716   2.680   1.728   1.00 20.18 ? 123 LEU B CD1 1 
ATOM   935  C CD2 . LEU B 1 23 ? 5.446   2.664   -0.409  1.00 17.78 ? 123 LEU B CD2 1 
ATOM   936  N N   . LEU B 1 24 ? 7.412   -1.291  2.108   1.00 9.42  ? 124 LEU B N   1 
ATOM   937  C CA  . LEU B 1 24 ? 6.638   -2.460  2.527   1.00 10.25 ? 124 LEU B CA  1 
ATOM   938  C C   . LEU B 1 24 ? 5.193   -2.003  2.345   1.00 9.71  ? 124 LEU B C   1 
ATOM   939  O O   . LEU B 1 24 ? 4.678   -1.188  3.109   1.00 10.07 ? 124 LEU B O   1 
ATOM   940  C CB  . LEU B 1 24 ? 6.919   -2.809  3.985   1.00 11.20 ? 124 LEU B CB  1 
ATOM   941  C CG  . LEU B 1 24 ? 8.364   -3.223  4.282   1.00 15.14 ? 124 LEU B CG  1 
ATOM   942  C CD1 . LEU B 1 24 ? 8.467   -3.640  5.739   1.00 14.82 ? 124 LEU B CD1 1 
ATOM   943  C CD2 . LEU B 1 24 ? 8.793   -4.369  3.366   1.00 11.84 ? 124 LEU B CD2 1 
ATOM   944  N N   . ASP B 1 25 ? 4.539   -2.552  1.334   1.00 8.49  ? 125 ASP B N   1 
ATOM   945  C CA  . ASP B 1 25 ? 3.197   -2.124  0.988   1.00 9.65  ? 125 ASP B CA  1 
ATOM   946  C C   . ASP B 1 25 ? 2.122   -3.189  1.097   1.00 8.98  ? 125 ASP B C   1 
ATOM   947  O O   . ASP B 1 25 ? 1.987   -4.025  0.212   1.00 7.99  ? 125 ASP B O   1 
ATOM   948  C CB  . ASP B 1 25 ? 3.239   -1.586  -0.435  1.00 12.72 ? 125 ASP B CB  1 
ATOM   949  C CG  . ASP B 1 25 ? 1.972   -0.879  -0.826  1.00 15.07 ? 125 ASP B CG  1 
ATOM   950  O OD1 . ASP B 1 25 ? 0.979   -0.950  -0.071  1.00 17.82 ? 125 ASP B OD1 1 
ATOM   951  O OD2 . ASP B 1 25 ? 1.985   -0.252  -1.894  1.00 13.91 ? 125 ASP B OD2 1 
ATOM   952  N N   . THR B 1 26 ? 1.337   -3.140  2.167   1.00 10.08 ? 126 THR B N   1 
ATOM   953  C CA  . THR B 1 26 ? 0.274   -4.121  2.355   1.00 9.30  ? 126 THR B CA  1 
ATOM   954  C C   . THR B 1 26 ? -0.862  -3.931  1.349   1.00 9.19  ? 126 THR B C   1 
ATOM   955  O O   . THR B 1 26 ? -1.706  -4.814  1.185   1.00 10.70 ? 126 THR B O   1 
ATOM   956  C CB  . THR B 1 26 ? -0.301  -4.045  3.775   1.00 9.30  ? 126 THR B CB  1 
ATOM   957  O OG1 . THR B 1 26 ? -0.817  -2.730  4.013   1.00 8.99  ? 126 THR B OG1 1 
ATOM   958  C CG2 . THR B 1 26 ? 0.780   -4.358  4.795   1.00 11.35 ? 126 THR B CG2 1 
ATOM   959  N N   . GLY B 1 27 ? -0.880  -2.781  0.682   1.00 8.93  ? 127 GLY B N   1 
ATOM   960  C CA  . GLY B 1 27 ? -1.915  -2.506  -0.299  1.00 7.18  ? 127 GLY B CA  1 
ATOM   961  C C   . GLY B 1 27 ? -1.581  -3.025  -1.690  1.00 8.55  ? 127 GLY B C   1 
ATOM   962  O O   . GLY B 1 27 ? -2.403  -2.955  -2.609  1.00 9.38  ? 127 GLY B O   1 
ATOM   963  N N   . ALA B 1 28 ? -0.368  -3.543  -1.848  1.00 8.64  ? 128 ALA B N   1 
ATOM   964  C CA  . ALA B 1 28 ? 0.085   -4.071  -3.127  1.00 10.05 ? 128 ALA B CA  1 
ATOM   965  C C   . ALA B 1 28 ? -0.005  -5.593  -3.138  1.00 10.03 ? 128 ALA B C   1 
ATOM   966  O O   . ALA B 1 28 ? 0.571   -6.261  -2.279  1.00 10.64 ? 128 ALA B O   1 
ATOM   967  C CB  . ALA B 1 28 ? 1.522   -3.638  -3.378  1.00 11.44 ? 128 ALA B CB  1 
ATOM   968  N N   . ASP B 1 29 ? -0.725  -6.144  -4.110  1.00 8.79  ? 129 ASP B N   1 
ATOM   969  C CA  . ASP B 1 29 ? -0.859  -7.596  -4.204  1.00 9.12  ? 129 ASP B CA  1 
ATOM   970  C C   . ASP B 1 29 ? 0.467   -8.222  -4.602  1.00 8.39  ? 129 ASP B C   1 
ATOM   971  O O   . ASP B 1 29 ? 0.821   -9.304  -4.131  1.00 9.39  ? 129 ASP B O   1 
ATOM   972  C CB  . ASP B 1 29 ? -1.881  -8.002  -5.270  1.00 12.69 ? 129 ASP B CB  1 
ATOM   973  C CG  . ASP B 1 29 ? -3.284  -7.539  -4.957  1.00 13.07 ? 129 ASP B CG  1 
ATOM   974  O OD1 . ASP B 1 29 ? -3.635  -7.411  -3.769  1.00 14.81 ? 129 ASP B OD1 1 
ATOM   975  O OD2 . ASP B 1 29 ? -4.048  -7.329  -5.920  1.00 17.39 ? 129 ASP B OD2 1 
ATOM   976  N N   . ASP B 1 30 ? 1.181   -7.535  -5.489  1.00 8.99  ? 130 ASP B N   1 
ATOM   977  C CA  . ASP B 1 30 ? 2.450   -8.023  -6.012  1.00 10.34 ? 130 ASP B CA  1 
ATOM   978  C C   . ASP B 1 30 ? 3.611   -7.092  -5.709  1.00 9.55  ? 130 ASP B C   1 
ATOM   979  O O   . ASP B 1 30 ? 3.432   -5.997  -5.181  1.00 10.80 ? 130 ASP B O   1 
ATOM   980  C CB  . ASP B 1 30 ? 2.346   -8.202  -7.531  1.00 15.28 ? 130 ASP B CB  1 
ATOM   981  C CG  . ASP B 1 30 ? 1.114   -8.993  -7.947  1.00 18.21 ? 130 ASP B CG  1 
ATOM   982  O OD1 . ASP B 1 30 ? 0.956   -10.135 -7.481  1.00 19.75 ? 130 ASP B OD1 1 
ATOM   983  O OD2 . ASP B 1 30 ? 0.306   -8.470  -8.745  1.00 20.17 ? 130 ASP B OD2 1 
ATOM   984  N N   . THR B 1 31 ? 4.807   -7.543  -6.073  1.00 9.77  ? 131 THR B N   1 
ATOM   985  C CA  . THR B 1 31 ? 6.031   -6.786  -5.863  1.00 8.11  ? 131 THR B CA  1 
ATOM   986  C C   . THR B 1 31 ? 6.503   -6.223  -7.202  1.00 10.69 ? 131 THR B C   1 
ATOM   987  O O   . THR B 1 31 ? 6.662   -6.959  -8.178  1.00 11.78 ? 131 THR B O   1 
ATOM   988  C CB  . THR B 1 31 ? 7.129   -7.692  -5.278  1.00 7.75  ? 131 THR B CB  1 
ATOM   989  O OG1 . THR B 1 31 ? 6.750   -8.099  -3.958  1.00 10.59 ? 131 THR B OG1 1 
ATOM   990  C CG2 . THR B 1 31 ? 8.475   -6.959  -5.225  1.00 7.48  ? 131 THR B CG2 1 
ATOM   991  N N   . VAL B 1 32 ? 6.717   -4.913  -7.247  1.00 9.72  ? 132 VAL B N   1 
ATOM   992  C CA  . VAL B 1 32 ? 7.153   -4.270  -8.474  1.00 11.05 ? 132 VAL B CA  1 
ATOM   993  C C   . VAL B 1 32 ? 8.316   -3.341  -8.198  1.00 9.66  ? 132 VAL B C   1 
ATOM   994  O O   . VAL B 1 32 ? 8.262   -2.512  -7.290  1.00 9.64  ? 132 VAL B O   1 
ATOM   995  C CB  . VAL B 1 32 ? 6.022   -3.450  -9.117  1.00 13.24 ? 132 VAL B CB  1 
ATOM   996  C CG1 . VAL B 1 32 ? 6.439   -3.009  -10.515 1.00 11.50 ? 132 VAL B CG1 1 
ATOM   997  C CG2 . VAL B 1 32 ? 4.762   -4.272  -9.178  1.00 18.07 ? 132 VAL B CG2 1 
ATOM   998  N N   . LEU B 1 33 ? 9.366   -3.492  -8.993  1.00 10.27 ? 133 LEU B N   1 
ATOM   999  C CA  . LEU B 1 33 ? 10.568  -2.692  -8.850  1.00 10.92 ? 133 LEU B CA  1 
ATOM   1000 C C   . LEU B 1 33 ? 10.774  -1.829  -10.083 1.00 12.58 ? 133 LEU B C   1 
ATOM   1001 O O   . LEU B 1 33 ? 10.287  -2.149  -11.168 1.00 10.91 ? 133 LEU B O   1 
ATOM   1002 C CB  . LEU B 1 33 ? 11.782  -3.607  -8.669  1.00 11.85 ? 133 LEU B CB  1 
ATOM   1003 C CG  . LEU B 1 33 ? 11.722  -4.588  -7.496  1.00 13.95 ? 133 LEU B CG  1 
ATOM   1004 C CD1 . LEU B 1 33 ? 13.027  -5.364  -7.420  1.00 14.58 ? 133 LEU B CD1 1 
ATOM   1005 C CD2 . LEU B 1 33 ? 11.491  -3.835  -6.202  1.00 12.23 ? 133 LEU B CD2 1 
ATOM   1006 N N   . GLU B 1 34 ? 11.500  -0.734  -9.902  1.00 13.25 ? 134 GLU B N   1 
ATOM   1007 C CA  . GLU B 1 34 ? 11.806  0.183   -10.986 1.00 14.58 ? 134 GLU B CA  1 
ATOM   1008 C C   . GLU B 1 34 ? 12.668  -0.531  -12.020 1.00 15.20 ? 134 GLU B C   1 
ATOM   1009 O O   . GLU B 1 34 ? 13.352  -1.509  -11.706 1.00 13.50 ? 134 GLU B O   1 
ATOM   1010 C CB  . GLU B 1 34 ? 12.541  1.400   -10.423 1.00 16.95 ? 134 GLU B CB  1 
ATOM   1011 C CG  . GLU B 1 34 ? 11.668  2.269   -9.530  1.00 21.16 ? 134 GLU B CG  1 
ATOM   1012 C CD  . GLU B 1 34 ? 12.470  3.171   -8.615  1.00 25.98 ? 134 GLU B CD  1 
ATOM   1013 O OE1 . GLU B 1 34 ? 13.599  3.543   -8.987  1.00 30.68 ? 134 GLU B OE1 1 
ATOM   1014 O OE2 . GLU B 1 34 ? 11.964  3.519   -7.527  1.00 30.71 ? 134 GLU B OE2 1 
ATOM   1015 N N   . GLU B 1 35 ? 12.625  -0.037  -13.254 1.00 17.25 ? 135 GLU B N   1 
ATOM   1016 C CA  . GLU B 1 35 ? 13.378  -0.622  -14.355 1.00 17.82 ? 135 GLU B CA  1 
ATOM   1017 C C   . GLU B 1 35 ? 14.761  -1.110  -13.938 1.00 20.27 ? 135 GLU B C   1 
ATOM   1018 O O   . GLU B 1 35 ? 15.541  -0.378  -13.325 1.00 20.45 ? 135 GLU B O   1 
ATOM   1019 C CB  . GLU B 1 35 ? 13.508  0.399   -15.490 1.00 21.86 ? 135 GLU B CB  1 
ATOM   1020 C CG  . GLU B 1 35 ? 14.112  -0.159  -16.759 1.00 25.15 ? 135 GLU B CG  1 
ATOM   1021 C CD  . GLU B 1 35 ? 13.359  -1.369  -17.267 1.00 28.81 ? 135 GLU B CD  1 
ATOM   1022 O OE1 . GLU B 1 35 ? 12.120  -1.283  -17.415 1.00 31.84 ? 135 GLU B OE1 1 
ATOM   1023 O OE2 . GLU B 1 35 ? 14.008  -2.404  -17.520 1.00 32.57 ? 135 GLU B OE2 1 
ATOM   1024 N N   . MET B 1 36 ? 15.048  -2.364  -14.263 1.00 19.52 ? 136 MET B N   1 
ATOM   1025 C CA  . MET B 1 36 ? 16.328  -2.974  -13.946 1.00 21.18 ? 136 MET B CA  1 
ATOM   1026 C C   . MET B 1 36 ? 16.453  -4.261  -14.745 1.00 21.90 ? 136 MET B C   1 
ATOM   1027 O O   . MET B 1 36 ? 15.480  -4.739  -15.328 1.00 20.00 ? 136 MET B O   1 
ATOM   1028 C CB  . MET B 1 36 ? 16.425  -3.288  -12.450 1.00 22.66 ? 136 MET B CB  1 
ATOM   1029 C CG  . MET B 1 36 ? 15.551  -4.449  -12.000 1.00 22.44 ? 136 MET B CG  1 
ATOM   1030 S SD  . MET B 1 36 ? 15.821  -4.872  -10.272 1.00 22.61 ? 136 MET B SD  1 
ATOM   1031 C CE  . MET B 1 36 ? 17.487  -5.548  -10.347 1.00 28.45 ? 136 MET B CE  1 
ATOM   1032 N N   . SER B 1 37 ? 17.652  -4.827  -14.762 1.00 25.35 ? 137 SER B N   1 
ATOM   1033 C CA  . SER B 1 37 ? 17.894  -6.058  -15.496 1.00 26.27 ? 137 SER B CA  1 
ATOM   1034 C C   . SER B 1 37 ? 17.792  -7.275  -14.588 1.00 23.64 ? 137 SER B C   1 
ATOM   1035 O O   . SER B 1 37 ? 18.422  -7.331  -13.533 1.00 23.45 ? 137 SER B O   1 
ATOM   1036 C CB  . SER B 1 37 ? 19.281  -6.018  -16.140 1.00 32.01 ? 137 SER B CB  1 
ATOM   1037 O OG  . SER B 1 37 ? 19.423  -4.876  -16.969 1.00 39.45 ? 137 SER B OG  1 
ATOM   1038 N N   . LEU B 1 38 ? 16.985  -8.245  -15.003 1.00 22.81 ? 138 LEU B N   1 
ATOM   1039 C CA  . LEU B 1 38 ? 16.812  -9.481  -14.249 1.00 22.11 ? 138 LEU B CA  1 
ATOM   1040 C C   . LEU B 1 38 ? 17.019  -10.654 -15.198 1.00 23.14 ? 138 LEU B C   1 
ATOM   1041 O O   . LEU B 1 38 ? 16.752  -10.548 -16.393 1.00 23.27 ? 138 LEU B O   1 
ATOM   1042 C CB  . LEU B 1 38 ? 15.417  -9.542  -13.621 1.00 22.45 ? 138 LEU B CB  1 
ATOM   1043 C CG  . LEU B 1 38 ? 15.189  -8.603  -12.434 1.00 21.63 ? 138 LEU B CG  1 
ATOM   1044 C CD1 . LEU B 1 38 ? 13.765  -8.737  -11.931 1.00 20.98 ? 138 LEU B CD1 1 
ATOM   1045 C CD2 . LEU B 1 38 ? 16.174  -8.943  -11.326 1.00 23.19 ? 138 LEU B CD2 1 
ATOM   1046 N N   . PRO B 1 39 ? 17.495  -11.792 -14.673 1.00 23.38 ? 139 PRO B N   1 
ATOM   1047 C CA  . PRO B 1 39 ? 17.745  -12.987 -15.482 1.00 23.52 ? 139 PRO B CA  1 
ATOM   1048 C C   . PRO B 1 39 ? 16.509  -13.749 -15.954 1.00 22.38 ? 139 PRO B C   1 
ATOM   1049 O O   . PRO B 1 39 ? 15.447  -13.690 -15.335 1.00 20.82 ? 139 PRO B O   1 
ATOM   1050 C CB  . PRO B 1 39 ? 18.617  -13.839 -14.564 1.00 24.19 ? 139 PRO B CB  1 
ATOM   1051 C CG  . PRO B 1 39 ? 18.034  -13.540 -13.213 1.00 25.04 ? 139 PRO B CG  1 
ATOM   1052 C CD  . PRO B 1 39 ? 17.867  -12.028 -13.264 1.00 26.52 ? 139 PRO B CD  1 
ATOM   1053 N N   . GLY B 1 40 ? 16.666  -14.458 -17.068 1.00 20.28 ? 140 GLY B N   1 
ATOM   1054 C CA  . GLY B 1 40 ? 15.584  -15.271 -17.589 1.00 19.81 ? 140 GLY B CA  1 
ATOM   1055 C C   . GLY B 1 40 ? 14.565  -14.606 -18.485 1.00 16.97 ? 140 GLY B C   1 
ATOM   1056 O O   . GLY B 1 40 ? 14.706  -13.451 -18.892 1.00 17.40 ? 140 GLY B O   1 
ATOM   1057 N N   . ARG B 1 41 ? 13.529  -15.366 -18.809 1.00 17.10 ? 141 ARG B N   1 
ATOM   1058 C CA  . ARG B 1 41 ? 12.462  -14.862 -19.656 1.00 16.89 ? 141 ARG B CA  1 
ATOM   1059 C C   . ARG B 1 41 ? 11.428  -14.199 -18.774 1.00 16.53 ? 141 ARG B C   1 
ATOM   1060 O O   . ARG B 1 41 ? 11.336  -14.490 -17.583 1.00 17.26 ? 141 ARG B O   1 
ATOM   1061 C CB  . ARG B 1 41 ? 11.805  -16.006 -20.430 1.00 16.76 ? 141 ARG B CB  1 
ATOM   1062 C CG  . ARG B 1 41 ? 12.660  -16.582 -21.543 1.00 19.20 ? 141 ARG B CG  1 
ATOM   1063 C CD  . ARG B 1 41 ? 11.947  -17.739 -22.217 1.00 19.74 ? 141 ARG B CD  1 
ATOM   1064 N NE  . ARG B 1 41 ? 10.705  -17.332 -22.868 1.00 17.49 ? 141 ARG B NE  1 
ATOM   1065 C CZ  . ARG B 1 41 ? 10.636  -16.689 -24.032 1.00 17.45 ? 141 ARG B CZ  1 
ATOM   1066 N NH1 . ARG B 1 41 ? 11.741  -16.365 -24.696 1.00 13.78 ? 141 ARG B NH1 1 
ATOM   1067 N NH2 . ARG B 1 41 ? 9.450   -16.388 -24.548 1.00 15.23 ? 141 ARG B NH2 1 
ATOM   1068 N N   . TRP B 1 42 ? 10.659  -13.294 -19.354 1.00 14.30 ? 142 TRP B N   1 
ATOM   1069 C CA  . TRP B 1 42 ? 9.615   -12.638 -18.598 1.00 13.43 ? 142 TRP B CA  1 
ATOM   1070 C C   . TRP B 1 42 ? 8.295   -12.828 -19.319 1.00 14.05 ? 142 TRP B C   1 
ATOM   1071 O O   . TRP B 1 42 ? 8.265   -13.177 -20.507 1.00 12.06 ? 142 TRP B O   1 
ATOM   1072 C CB  . TRP B 1 42 ? 9.922   -11.152 -18.410 1.00 10.89 ? 142 TRP B CB  1 
ATOM   1073 C CG  . TRP B 1 42 ? 10.135  -10.386 -19.680 1.00 15.01 ? 142 TRP B CG  1 
ATOM   1074 C CD1 . TRP B 1 42 ? 11.298  -10.271 -20.388 1.00 9.21  ? 142 TRP B CD1 1 
ATOM   1075 C CD2 . TRP B 1 42 ? 9.162   -9.604  -20.376 1.00 12.30 ? 142 TRP B CD2 1 
ATOM   1076 N NE1 . TRP B 1 42 ? 11.110  -9.461  -21.478 1.00 8.32  ? 142 TRP B NE1 1 
ATOM   1077 C CE2 . TRP B 1 42 ? 9.807   -9.037  -21.496 1.00 10.41 ? 142 TRP B CE2 1 
ATOM   1078 C CE3 . TRP B 1 42 ? 7.806   -9.327  -20.162 1.00 12.55 ? 142 TRP B CE3 1 
ATOM   1079 C CZ2 . TRP B 1 42 ? 9.142   -8.205  -22.399 1.00 11.32 ? 142 TRP B CZ2 1 
ATOM   1080 C CZ3 . TRP B 1 42 ? 7.145   -8.499  -21.061 1.00 10.85 ? 142 TRP B CZ3 1 
ATOM   1081 C CH2 . TRP B 1 42 ? 7.816   -7.949  -22.165 1.00 12.39 ? 142 TRP B CH2 1 
ATOM   1082 N N   . LYS B 1 43 ? 7.208   -12.633 -18.581 1.00 13.57 ? 143 LYS B N   1 
ATOM   1083 C CA  . LYS B 1 43 ? 5.862   -12.755 -19.115 1.00 15.32 ? 143 LYS B CA  1 
ATOM   1084 C C   . LYS B 1 43 ? 5.196   -11.408 -18.912 1.00 13.14 ? 143 LYS B C   1 
ATOM   1085 O O   . LYS B 1 43 ? 5.581   -10.643 -18.023 1.00 13.31 ? 143 LYS B O   1 
ATOM   1086 C CB  . LYS B 1 43 ? 5.075   -13.838 -18.372 1.00 17.82 ? 143 LYS B CB  1 
ATOM   1087 C CG  . LYS B 1 43 ? 5.608   -15.251 -18.576 1.00 25.91 ? 143 LYS B CG  1 
ATOM   1088 C CD  . LYS B 1 43 ? 4.797   -16.283 -17.797 1.00 32.73 ? 143 LYS B CD  1 
ATOM   1089 C CE  . LYS B 1 43 ? 4.939   -16.088 -16.293 1.00 38.56 ? 143 LYS B CE  1 
ATOM   1090 N NZ  . LYS B 1 43 ? 4.199   -17.126 -15.514 1.00 42.64 ? 143 LYS B NZ  1 
ATOM   1091 N N   . PRO B 1 44 ? 4.182   -11.099 -19.725 1.00 13.52 ? 144 PRO B N   1 
ATOM   1092 C CA  . PRO B 1 44 ? 3.500   -9.818  -19.588 1.00 12.40 ? 144 PRO B CA  1 
ATOM   1093 C C   . PRO B 1 44 ? 2.452   -9.810  -18.486 1.00 13.88 ? 144 PRO B C   1 
ATOM   1094 O O   . PRO B 1 44 ? 1.815   -10.828 -18.198 1.00 13.44 ? 144 PRO B O   1 
ATOM   1095 C CB  . PRO B 1 44 ? 2.881   -9.622  -20.964 1.00 11.26 ? 144 PRO B CB  1 
ATOM   1096 C CG  . PRO B 1 44 ? 2.465   -11.012 -21.308 1.00 11.35 ? 144 PRO B CG  1 
ATOM   1097 C CD  . PRO B 1 44 ? 3.651   -11.856 -20.876 1.00 10.83 ? 144 PRO B CD  1 
ATOM   1098 N N   . LYS B 1 45 ? 2.288   -8.650  -17.866 1.00 13.72 ? 145 LYS B N   1 
ATOM   1099 C CA  . LYS B 1 45 ? 1.296   -8.484  -16.824 1.00 13.56 ? 145 LYS B CA  1 
ATOM   1100 C C   . LYS B 1 45 ? 0.889   -7.026  -16.766 1.00 14.45 ? 145 LYS B C   1 
ATOM   1101 O O   . LYS B 1 45 ? 1.685   -6.131  -17.042 1.00 15.01 ? 145 LYS B O   1 
ATOM   1102 C CB  . LYS B 1 45 ? 1.832   -8.933  -15.458 1.00 14.38 ? 145 LYS B CB  1 
ATOM   1103 C CG  . LYS B 1 45 ? 0.771   -8.893  -14.353 1.00 17.02 ? 145 LYS B CG  1 
ATOM   1104 C CD  . LYS B 1 45 ? 1.263   -9.510  -13.058 1.00 20.97 ? 145 LYS B CD  1 
ATOM   1105 C CE  . LYS B 1 45 ? 0.200   -9.447  -11.962 1.00 23.44 ? 145 LYS B CE  1 
ATOM   1106 N NZ  . LYS B 1 45 ? -1.054  -10.148 -12.354 1.00 26.11 ? 145 LYS B NZ  1 
ATOM   1107 N N   . MET B 1 46 ? -0.376  -6.808  -16.443 1.00 16.02 ? 146 MET B N   1 
ATOM   1108 C CA  . MET B 1 46 ? -0.927  -5.472  -16.312 1.00 17.33 ? 146 MET B CA  1 
ATOM   1109 C C   . MET B 1 46 ? -1.363  -5.360  -14.865 1.00 16.75 ? 146 MET B C   1 
ATOM   1110 O O   . MET B 1 46 ? -2.056  -6.242  -14.356 1.00 16.42 ? 146 MET B O   1 
ATOM   1111 C CB  . MET B 1 46 ? -2.146  -5.311  -17.221 1.00 22.92 ? 146 MET B CB  1 
ATOM   1112 C CG  . MET B 1 46 ? -1.818  -5.139  -18.689 1.00 28.41 ? 146 MET B CG  1 
ATOM   1113 S SD  . MET B 1 46 ? -1.965  -3.415  -19.159 1.00 42.06 ? 146 MET B SD  1 
ATOM   1114 C CE  . MET B 1 46 ? -3.744  -3.276  -19.294 1.00 36.65 ? 146 MET B CE  1 
ATOM   1115 N N   . ILE B 1 47 ? -0.933  -4.301  -14.189 1.00 16.05 ? 147 ILE B N   1 
ATOM   1116 C CA  . ILE B 1 47 ? -1.324  -4.108  -12.804 1.00 14.03 ? 147 ILE B CA  1 
ATOM   1117 C C   . ILE B 1 47 ? -2.014  -2.762  -12.685 1.00 13.79 ? 147 ILE B C   1 
ATOM   1118 O O   . ILE B 1 47 ? -1.594  -1.781  -13.301 1.00 15.16 ? 147 ILE B O   1 
ATOM   1119 C CB  . ILE B 1 47 ? -0.109  -4.170  -11.841 1.00 12.45 ? 147 ILE B CB  1 
ATOM   1120 C CG1 . ILE B 1 47 ? 0.944   -3.137  -12.236 1.00 13.49 ? 147 ILE B CG1 1 
ATOM   1121 C CG2 . ILE B 1 47 ? 0.483   -5.573  -11.855 1.00 15.32 ? 147 ILE B CG2 1 
ATOM   1122 C CD1 . ILE B 1 47 ? 2.084   -3.013  -11.223 1.00 13.71 ? 147 ILE B CD1 1 
ATOM   1123 N N   . GLY B 1 48 ? -3.091  -2.729  -11.910 1.00 14.71 ? 148 GLY B N   1 
ATOM   1124 C CA  . GLY B 1 48 ? -3.832  -1.495  -11.742 1.00 12.99 ? 148 GLY B CA  1 
ATOM   1125 C C   . GLY B 1 48 ? -3.608  -0.857  -10.388 1.00 14.93 ? 148 GLY B C   1 
ATOM   1126 O O   . GLY B 1 48 ? -3.639  -1.526  -9.358  1.00 16.21 ? 148 GLY B O   1 
ATOM   1127 N N   . GLY B 1 49 ? -3.372  0.447   -10.399 1.00 16.71 ? 149 GLY B N   1 
ATOM   1128 C CA  . GLY B 1 49 ? -3.156  1.168   -9.163  1.00 15.76 ? 149 GLY B CA  1 
ATOM   1129 C C   . GLY B 1 49 ? -4.178  2.277   -9.015  1.00 16.02 ? 149 GLY B C   1 
ATOM   1130 O O   . GLY B 1 49 ? -5.240  2.256   -9.642  1.00 14.57 ? 149 GLY B O   1 
ATOM   1131 N N   . ILE B 1 50 ? -3.839  3.261   -8.196  1.00 17.71 ? 150 ILE B N   1 
ATOM   1132 C CA  . ILE B 1 50 ? -4.726  4.379   -7.940  1.00 20.34 ? 150 ILE B CA  1 
ATOM   1133 C C   . ILE B 1 50 ? -5.001  5.220   -9.187  1.00 19.92 ? 150 ILE B C   1 
ATOM   1134 O O   . ILE B 1 50 ? -6.121  5.697   -9.377  1.00 22.74 ? 150 ILE B O   1 
ATOM   1135 C CB  . ILE B 1 50 ? -4.144  5.275   -6.808  1.00 21.25 ? 150 ILE B CB  1 
ATOM   1136 C CG1 . ILE B 1 50 ? -5.281  5.901   -6.015  1.00 24.70 ? 150 ILE B CG1 1 
ATOM   1137 C CG2 . ILE B 1 50 ? -3.228  6.341   -7.376  1.00 21.50 ? 150 ILE B CG2 1 
ATOM   1138 C CD1 . ILE B 1 50 ? -6.060  4.890   -5.213  1.00 30.23 ? 150 ILE B CD1 1 
ATOM   1139 N N   . GLY B 1 51 ? -3.997  5.384   -10.046 1.00 17.88 ? 151 GLY B N   1 
ATOM   1140 C CA  . GLY B 1 51 ? -4.186  6.201   -11.237 1.00 17.28 ? 151 GLY B CA  1 
ATOM   1141 C C   . GLY B 1 51 ? -4.397  5.491   -12.563 1.00 17.41 ? 151 GLY B C   1 
ATOM   1142 O O   . GLY B 1 51 ? -4.380  6.131   -13.611 1.00 19.67 ? 151 GLY B O   1 
ATOM   1143 N N   . GLY B 1 52 ? -4.602  4.181   -12.528 1.00 15.50 ? 152 GLY B N   1 
ATOM   1144 C CA  . GLY B 1 52 ? -4.803  3.436   -13.758 1.00 16.10 ? 152 GLY B CA  1 
ATOM   1145 C C   . GLY B 1 52 ? -3.905  2.218   -13.827 1.00 16.28 ? 152 GLY B C   1 
ATOM   1146 O O   . GLY B 1 52 ? -3.400  1.762   -12.806 1.00 15.51 ? 152 GLY B O   1 
ATOM   1147 N N   . PHE B 1 53 ? -3.688  1.693   -15.029 1.00 16.07 ? 153 PHE B N   1 
ATOM   1148 C CA  . PHE B 1 53 ? -2.852  0.510   -15.189 1.00 18.54 ? 153 PHE B CA  1 
ATOM   1149 C C   . PHE B 1 53 ? -1.532  0.797   -15.876 1.00 18.75 ? 153 PHE B C   1 
ATOM   1150 O O   . PHE B 1 53 ? -1.382  1.788   -16.591 1.00 22.43 ? 153 PHE B O   1 
ATOM   1151 C CB  . PHE B 1 53 ? -3.578  -0.568  -16.004 1.00 19.81 ? 153 PHE B CB  1 
ATOM   1152 C CG  . PHE B 1 53 ? -4.809  -1.112  -15.342 1.00 21.65 ? 153 PHE B CG  1 
ATOM   1153 C CD1 . PHE B 1 53 ? -5.939  -0.316  -15.181 1.00 25.26 ? 153 PHE B CD1 1 
ATOM   1154 C CD2 . PHE B 1 53 ? -4.839  -2.420  -14.877 1.00 23.84 ? 153 PHE B CD2 1 
ATOM   1155 C CE1 . PHE B 1 53 ? -7.083  -0.817  -14.566 1.00 25.37 ? 153 PHE B CE1 1 
ATOM   1156 C CE2 . PHE B 1 53 ? -5.976  -2.932  -14.262 1.00 26.89 ? 153 PHE B CE2 1 
ATOM   1157 C CZ  . PHE B 1 53 ? -7.102  -2.128  -14.106 1.00 24.96 ? 153 PHE B CZ  1 
ATOM   1158 N N   . ILE B 1 54 ? -0.570  -0.085  -15.641 1.00 16.70 ? 154 ILE B N   1 
ATOM   1159 C CA  . ILE B 1 54 ? 0.735   0.007   -16.271 1.00 15.40 ? 154 ILE B CA  1 
ATOM   1160 C C   . ILE B 1 54 ? 1.129   -1.411  -16.655 1.00 13.86 ? 154 ILE B C   1 
ATOM   1161 O O   . ILE B 1 54 ? 0.720   -2.382  -16.009 1.00 11.36 ? 154 ILE B O   1 
ATOM   1162 C CB  . ILE B 1 54 ? 1.817   0.600   -15.334 1.00 16.96 ? 154 ILE B CB  1 
ATOM   1163 C CG1 . ILE B 1 54 ? 2.038   -0.308  -14.122 1.00 17.33 ? 154 ILE B CG1 1 
ATOM   1164 C CG2 . ILE B 1 54 ? 1.410   1.997   -14.896 1.00 18.83 ? 154 ILE B CG2 1 
ATOM   1165 C CD1 . ILE B 1 54 ? 3.215   0.113   -13.259 1.00 17.69 ? 154 ILE B CD1 1 
ATOM   1166 N N   . LYS B 1 55 ? 1.898   -1.525  -17.729 1.00 13.35 ? 155 LYS B N   1 
ATOM   1167 C CA  . LYS B 1 55 ? 2.363   -2.816  -18.199 1.00 13.07 ? 155 LYS B CA  1 
ATOM   1168 C C   . LYS B 1 55 ? 3.714   -3.066  -17.542 1.00 13.60 ? 155 LYS B C   1 
ATOM   1169 O O   . LYS B 1 55 ? 4.570   -2.179  -17.504 1.00 13.04 ? 155 LYS B O   1 
ATOM   1170 C CB  . LYS B 1 55 ? 2.506   -2.795  -19.721 1.00 13.37 ? 155 LYS B CB  1 
ATOM   1171 N N   . VAL B 1 56 ? 3.897   -4.267  -17.008 1.00 12.51 ? 156 VAL B N   1 
ATOM   1172 C CA  . VAL B 1 56 ? 5.147   -4.619  -16.358 1.00 13.20 ? 156 VAL B CA  1 
ATOM   1173 C C   . VAL B 1 56 ? 5.662   -5.949  -16.879 1.00 13.27 ? 156 VAL B C   1 
ATOM   1174 O O   . VAL B 1 56 ? 4.945   -6.687  -17.555 1.00 13.87 ? 156 VAL B O   1 
ATOM   1175 C CB  . VAL B 1 56 ? 4.977   -4.741  -14.830 1.00 12.40 ? 156 VAL B CB  1 
ATOM   1176 C CG1 . VAL B 1 56 ? 4.626   -3.390  -14.234 1.00 13.45 ? 156 VAL B CG1 1 
ATOM   1177 C CG2 . VAL B 1 56 ? 3.894   -5.763  -14.513 1.00 12.14 ? 156 VAL B CG2 1 
ATOM   1178 N N   . ARG B 1 57 ? 6.913   -6.248  -16.554 1.00 12.86 ? 157 ARG B N   1 
ATOM   1179 C CA  . ARG B 1 57 ? 7.526   -7.498  -16.961 1.00 12.52 ? 157 ARG B CA  1 
ATOM   1180 C C   . ARG B 1 57 ? 7.548   -8.398  -15.734 1.00 12.59 ? 157 ARG B C   1 
ATOM   1181 O O   . ARG B 1 57 ? 8.031   -7.998  -14.679 1.00 11.63 ? 157 ARG B O   1 
ATOM   1182 C CB  . ARG B 1 57 ? 8.953   -7.258  -17.459 1.00 12.64 ? 157 ARG B CB  1 
ATOM   1183 C CG  . ARG B 1 57 ? 9.052   -6.215  -18.565 1.00 12.28 ? 157 ARG B CG  1 
ATOM   1184 C CD  . ARG B 1 57 ? 10.336  -6.371  -19.374 1.00 14.06 ? 157 ARG B CD  1 
ATOM   1185 N NE  . ARG B 1 57 ? 11.542  -6.278  -18.562 1.00 17.42 ? 157 ARG B NE  1 
ATOM   1186 C CZ  . ARG B 1 57 ? 12.003  -5.151  -18.028 1.00 21.76 ? 157 ARG B CZ  1 
ATOM   1187 N NH1 . ARG B 1 57 ? 11.360  -4.007  -18.219 1.00 23.15 ? 157 ARG B NH1 1 
ATOM   1188 N NH2 . ARG B 1 57 ? 13.111  -5.168  -17.302 1.00 19.16 ? 157 ARG B NH2 1 
ATOM   1189 N N   . GLN B 1 58 ? 7.022   -9.609  -15.875 1.00 12.30 ? 158 GLN B N   1 
ATOM   1190 C CA  . GLN B 1 58 ? 6.992   -10.543 -14.760 1.00 13.33 ? 158 GLN B CA  1 
ATOM   1191 C C   . GLN B 1 58 ? 8.113   -11.565 -14.835 1.00 14.16 ? 158 GLN B C   1 
ATOM   1192 O O   . GLN B 1 58 ? 8.256   -12.270 -15.837 1.00 14.87 ? 158 GLN B O   1 
ATOM   1193 C CB  . GLN B 1 58 ? 5.654   -11.279 -14.725 1.00 12.76 ? 158 GLN B CB  1 
ATOM   1194 C CG  . GLN B 1 58 ? 5.526   -12.258 -13.558 1.00 15.09 ? 158 GLN B CG  1 
ATOM   1195 C CD  . GLN B 1 58 ? 4.220   -13.022 -13.590 1.00 16.02 ? 158 GLN B CD  1 
ATOM   1196 O OE1 . GLN B 1 58 ? 3.159   -12.438 -13.790 1.00 19.03 ? 158 GLN B OE1 1 
ATOM   1197 N NE2 . GLN B 1 58 ? 4.290   -14.331 -13.382 1.00 18.37 ? 158 GLN B NE2 1 
ATOM   1198 N N   . TYR B 1 59 ? 8.910   -11.631 -13.775 1.00 12.86 ? 159 TYR B N   1 
ATOM   1199 C CA  . TYR B 1 59 ? 9.997   -12.602 -13.679 1.00 11.49 ? 159 TYR B CA  1 
ATOM   1200 C C   . TYR B 1 59 ? 9.669   -13.506 -12.507 1.00 14.11 ? 159 TYR B C   1 
ATOM   1201 O O   . TYR B 1 59 ? 9.260   -13.027 -11.450 1.00 13.68 ? 159 TYR B O   1 
ATOM   1202 C CB  . TYR B 1 59 ? 11.336  -11.921 -13.405 1.00 11.85 ? 159 TYR B CB  1 
ATOM   1203 C CG  . TYR B 1 59 ? 11.806  -11.023 -14.518 1.00 11.43 ? 159 TYR B CG  1 
ATOM   1204 C CD1 . TYR B 1 59 ? 11.344  -9.712  -14.622 1.00 12.42 ? 159 TYR B CD1 1 
ATOM   1205 C CD2 . TYR B 1 59 ? 12.713  -11.482 -15.469 1.00 11.52 ? 159 TYR B CD2 1 
ATOM   1206 C CE1 . TYR B 1 59 ? 11.777  -8.875  -15.648 1.00 12.92 ? 159 TYR B CE1 1 
ATOM   1207 C CE2 . TYR B 1 59 ? 13.152  -10.656 -16.499 1.00 12.46 ? 159 TYR B CE2 1 
ATOM   1208 C CZ  . TYR B 1 59 ? 12.679  -9.356  -16.581 1.00 14.38 ? 159 TYR B CZ  1 
ATOM   1209 O OH  . TYR B 1 59 ? 13.096  -8.540  -17.601 1.00 18.67 ? 159 TYR B OH  1 
ATOM   1210 N N   . ASP B 1 60 ? 9.860   -14.808 -12.676 1.00 13.18 ? 160 ASP B N   1 
ATOM   1211 C CA  . ASP B 1 60 ? 9.556   -15.726 -11.594 1.00 16.32 ? 160 ASP B CA  1 
ATOM   1212 C C   . ASP B 1 60 ? 10.780  -16.317 -10.913 1.00 16.72 ? 160 ASP B C   1 
ATOM   1213 O O   . ASP B 1 60 ? 11.877  -16.348 -11.476 1.00 17.43 ? 160 ASP B O   1 
ATOM   1214 C CB  . ASP B 1 60 ? 8.667   -16.859 -12.102 1.00 21.26 ? 160 ASP B CB  1 
ATOM   1215 C CG  . ASP B 1 60 ? 7.348   -16.357 -12.650 1.00 25.51 ? 160 ASP B CG  1 
ATOM   1216 O OD1 . ASP B 1 60 ? 6.653   -15.603 -11.936 1.00 27.16 ? 160 ASP B OD1 1 
ATOM   1217 O OD2 . ASP B 1 60 ? 7.007   -16.717 -13.794 1.00 32.72 ? 160 ASP B OD2 1 
ATOM   1218 N N   . GLN B 1 61 ? 10.566  -16.772 -9.683  1.00 13.96 ? 161 GLN B N   1 
ATOM   1219 C CA  . GLN B 1 61 ? 11.598  -17.405 -8.882  1.00 16.47 ? 161 GLN B CA  1 
ATOM   1220 C C   . GLN B 1 61 ? 12.852  -16.553 -8.771  1.00 16.26 ? 161 GLN B C   1 
ATOM   1221 O O   . GLN B 1 61 ? 13.963  -17.020 -9.015  1.00 18.14 ? 161 GLN B O   1 
ATOM   1222 C CB  . GLN B 1 61 ? 11.929  -18.778 -9.476  1.00 19.28 ? 161 GLN B CB  1 
ATOM   1223 C CG  . GLN B 1 61 ? 12.249  -19.837 -8.437  1.00 25.59 ? 161 GLN B CG  1 
ATOM   1224 C CD  . GLN B 1 61 ? 12.127  -21.242 -8.997  1.00 30.61 ? 161 GLN B CD  1 
ATOM   1225 O OE1 . GLN B 1 61 ? 11.132  -21.578 -9.640  1.00 32.97 ? 161 GLN B OE1 1 
ATOM   1226 N NE2 . GLN B 1 61 ? 13.132  -22.072 -8.750  1.00 30.69 ? 161 GLN B NE2 1 
ATOM   1227 N N   . ILE B 1 62 ? 12.657  -15.293 -8.399  1.00 14.32 ? 162 ILE B N   1 
ATOM   1228 C CA  . ILE B 1 62 ? 13.757  -14.351 -8.241  1.00 14.58 ? 162 ILE B CA  1 
ATOM   1229 C C   . ILE B 1 62 ? 14.152  -14.260 -6.774  1.00 13.77 ? 162 ILE B C   1 
ATOM   1230 O O   . ILE B 1 62 ? 13.295  -14.134 -5.898  1.00 14.79 ? 162 ILE B O   1 
ATOM   1231 C CB  . ILE B 1 62 ? 13.353  -12.933 -8.719  1.00 12.25 ? 162 ILE B CB  1 
ATOM   1232 C CG1 . ILE B 1 62 ? 13.057  -12.948 -10.224 1.00 13.19 ? 162 ILE B CG1 1 
ATOM   1233 C CG2 . ILE B 1 62 ? 14.445  -11.929 -8.362  1.00 11.84 ? 162 ILE B CG2 1 
ATOM   1234 C CD1 . ILE B 1 62 ? 14.228  -13.343 -11.094 1.00 12.92 ? 162 ILE B CD1 1 
ATOM   1235 N N   . LEU B 1 63 ? 15.451  -14.329 -6.511  1.00 15.05 ? 163 LEU B N   1 
ATOM   1236 C CA  . LEU B 1 63 ? 15.944  -14.223 -5.148  1.00 16.59 ? 163 LEU B CA  1 
ATOM   1237 C C   . LEU B 1 63 ? 15.988  -12.751 -4.765  1.00 16.82 ? 163 LEU B C   1 
ATOM   1238 O O   . LEU B 1 63 ? 16.515  -11.917 -5.502  1.00 15.38 ? 163 LEU B O   1 
ATOM   1239 C CB  . LEU B 1 63 ? 17.348  -14.824 -5.031  1.00 21.23 ? 163 LEU B CB  1 
ATOM   1240 C CG  . LEU B 1 63 ? 18.011  -14.673 -3.658  1.00 25.57 ? 163 LEU B CG  1 
ATOM   1241 C CD1 . LEU B 1 63 ? 17.175  -15.369 -2.591  1.00 26.69 ? 163 LEU B CD1 1 
ATOM   1242 C CD2 . LEU B 1 63 ? 19.415  -15.261 -3.701  1.00 28.05 ? 163 LEU B CD2 1 
ATOM   1243 N N   . ILE B 1 64 ? 15.424  -12.434 -3.610  1.00 15.34 ? 164 ILE B N   1 
ATOM   1244 C CA  . ILE B 1 64 ? 15.410  -11.065 -3.134  1.00 16.80 ? 164 ILE B CA  1 
ATOM   1245 C C   . ILE B 1 64 ? 15.476  -11.093 -1.617  1.00 15.37 ? 164 ILE B C   1 
ATOM   1246 O O   . ILE B 1 64 ? 14.745  -11.838 -0.966  1.00 16.83 ? 164 ILE B O   1 
ATOM   1247 C CB  . ILE B 1 64 ? 14.132  -10.327 -3.609  1.00 18.69 ? 164 ILE B CB  1 
ATOM   1248 C CG1 . ILE B 1 64 ? 14.069  -8.930  -2.991  1.00 20.15 ? 164 ILE B CG1 1 
ATOM   1249 C CG2 . ILE B 1 64 ? 12.899  -11.142 -3.260  1.00 18.84 ? 164 ILE B CG2 1 
ATOM   1250 C CD1 . ILE B 1 64 ? 12.911  -8.095  -3.506  1.00 24.39 ? 164 ILE B CD1 1 
ATOM   1251 N N   . GLU B 1 65 ? 16.379  -10.297 -1.059  1.00 15.02 ? 165 GLU B N   1 
ATOM   1252 C CA  . GLU B 1 65 ? 16.543  -10.234 0.385   1.00 16.61 ? 165 GLU B CA  1 
ATOM   1253 C C   . GLU B 1 65 ? 15.877  -8.966  0.895   1.00 15.99 ? 165 GLU B C   1 
ATOM   1254 O O   . GLU B 1 65 ? 16.136  -7.875  0.393   1.00 17.47 ? 165 GLU B O   1 
ATOM   1255 C CB  . GLU B 1 65 ? 18.032  -10.233 0.727   1.00 20.36 ? 165 GLU B CB  1 
ATOM   1256 C CG  . GLU B 1 65 ? 18.343  -10.355 2.196   1.00 26.22 ? 165 GLU B CG  1 
ATOM   1257 C CD  . GLU B 1 65 ? 19.831  -10.488 2.437   1.00 32.63 ? 165 GLU B CD  1 
ATOM   1258 O OE1 . GLU B 1 65 ? 20.426  -11.461 1.923   1.00 35.27 ? 165 GLU B OE1 1 
ATOM   1259 O OE2 . GLU B 1 65 ? 20.403  -9.618  3.129   1.00 35.70 ? 165 GLU B OE2 1 
ATOM   1260 N N   . ILE B 1 66 ? 15.012  -9.117  1.892   1.00 17.08 ? 166 ILE B N   1 
ATOM   1261 C CA  . ILE B 1 66 ? 14.288  -7.985  2.464   1.00 17.53 ? 166 ILE B CA  1 
ATOM   1262 C C   . ILE B 1 66 ? 14.637  -7.884  3.945   1.00 20.02 ? 166 ILE B C   1 
ATOM   1263 O O   . ILE B 1 66 ? 14.262  -8.746  4.739   1.00 19.24 ? 166 ILE B O   1 
ATOM   1264 C CB  . ILE B 1 66 ? 12.765  -8.185  2.291   1.00 15.05 ? 166 ILE B CB  1 
ATOM   1265 C CG1 . ILE B 1 66 ? 12.451  -8.446  0.813   1.00 13.47 ? 166 ILE B CG1 1 
ATOM   1266 C CG2 . ILE B 1 66 ? 12.008  -6.950  2.770   1.00 15.40 ? 166 ILE B CG2 1 
ATOM   1267 C CD1 . ILE B 1 66 ? 11.124  -9.141  0.575   1.00 14.34 ? 166 ILE B CD1 1 
ATOM   1268 N N   . CYS B 1 67 ? 15.365  -6.834  4.313   1.00 25.27 ? 167 CYS B N   1 
ATOM   1269 C CA  . CYS B 1 67 ? 15.777  -6.639  5.701   1.00 31.53 ? 167 CYS B CA  1 
ATOM   1270 C C   . CYS B 1 67 ? 16.521  -7.857  6.221   1.00 32.25 ? 167 CYS B C   1 
ATOM   1271 O O   . CYS B 1 67 ? 16.374  -8.227  7.384   1.00 34.47 ? 167 CYS B O   1 
ATOM   1272 C CB  . CYS B 1 67 ? 14.565  -6.386  6.597   1.00 34.61 ? 167 CYS B CB  1 
ATOM   1273 S SG  . CYS B 1 67 ? 13.769  -4.809  6.336   1.00 42.09 ? 167 CYS B SG  1 
ATOM   1274 N N   . GLY B 1 68 ? 17.310  -8.487  5.359   1.00 31.87 ? 168 GLY B N   1 
ATOM   1275 C CA  . GLY B 1 68 ? 18.057  -9.657  5.786   1.00 31.81 ? 168 GLY B CA  1 
ATOM   1276 C C   . GLY B 1 68 ? 17.295  -10.964 5.657   1.00 30.39 ? 168 GLY B C   1 
ATOM   1277 O O   . GLY B 1 68 ? 17.869  -12.037 5.845   1.00 32.75 ? 168 GLY B O   1 
ATOM   1278 N N   . HIS B 1 69 ? 16.003  -10.888 5.354   1.00 26.66 ? 169 HIS B N   1 
ATOM   1279 C CA  . HIS B 1 69 ? 15.201  -12.095 5.189   1.00 25.15 ? 169 HIS B CA  1 
ATOM   1280 C C   . HIS B 1 69 ? 15.205  -12.492 3.719   1.00 23.42 ? 169 HIS B C   1 
ATOM   1281 O O   . HIS B 1 69 ? 14.808  -11.708 2.855   1.00 21.93 ? 169 HIS B O   1 
ATOM   1282 C CB  . HIS B 1 69 ? 13.758  -11.861 5.647   1.00 26.01 ? 169 HIS B CB  1 
ATOM   1283 C CG  . HIS B 1 69 ? 13.625  -11.591 7.113   1.00 30.38 ? 169 HIS B CG  1 
ATOM   1284 N ND1 . HIS B 1 69 ? 14.183  -10.489 7.723   1.00 31.90 ? 169 HIS B ND1 1 
ATOM   1285 C CD2 . HIS B 1 69 ? 12.991  -12.281 8.091   1.00 30.42 ? 169 HIS B CD2 1 
ATOM   1286 C CE1 . HIS B 1 69 ? 13.898  -10.510 9.013   1.00 30.71 ? 169 HIS B CE1 1 
ATOM   1287 N NE2 . HIS B 1 69 ? 13.176  -11.587 9.262   1.00 33.07 ? 169 HIS B NE2 1 
ATOM   1288 N N   . LYS B 1 70 ? 15.656  -13.707 3.428   1.00 22.18 ? 170 LYS B N   1 
ATOM   1289 C CA  . LYS B 1 70 ? 15.693  -14.161 2.048   1.00 22.92 ? 170 LYS B CA  1 
ATOM   1290 C C   . LYS B 1 70 ? 14.335  -14.650 1.570   1.00 20.00 ? 170 LYS B C   1 
ATOM   1291 O O   . LYS B 1 70 ? 13.636  -15.385 2.267   1.00 20.30 ? 170 LYS B O   1 
ATOM   1292 C CB  . LYS B 1 70 ? 16.730  -15.270 1.870   1.00 25.51 ? 170 LYS B CB  1 
ATOM   1293 C CG  . LYS B 1 70 ? 18.170  -14.792 1.970   1.00 32.28 ? 170 LYS B CG  1 
ATOM   1294 C CD  . LYS B 1 70 ? 19.136  -15.884 1.544   1.00 38.15 ? 170 LYS B CD  1 
ATOM   1295 C CE  . LYS B 1 70 ? 20.568  -15.383 1.536   1.00 41.35 ? 170 LYS B CE  1 
ATOM   1296 N NZ  . LYS B 1 70 ? 21.497  -16.419 1.005   1.00 45.18 ? 170 LYS B NZ  1 
ATOM   1297 N N   . ALA B 1 71 ? 13.966  -14.223 0.371   1.00 16.23 ? 171 ALA B N   1 
ATOM   1298 C CA  . ALA B 1 71 ? 12.708  -14.618 -0.232  1.00 16.35 ? 171 ALA B CA  1 
ATOM   1299 C C   . ALA B 1 71 ? 12.999  -14.976 -1.678  1.00 16.42 ? 171 ALA B C   1 
ATOM   1300 O O   . ALA B 1 71 ? 13.970  -14.493 -2.261  1.00 18.65 ? 171 ALA B O   1 
ATOM   1301 C CB  . ALA B 1 71 ? 11.704  -13.470 -0.166  1.00 13.71 ? 171 ALA B CB  1 
ATOM   1302 N N   . ILE B 1 72 ? 12.176  -15.846 -2.248  1.00 15.21 ? 172 ILE B N   1 
ATOM   1303 C CA  . ILE B 1 72 ? 12.336  -16.240 -3.639  1.00 13.29 ? 172 ILE B CA  1 
ATOM   1304 C C   . ILE B 1 72 ? 10.946  -16.264 -4.235  1.00 11.02 ? 172 ILE B C   1 
ATOM   1305 O O   . ILE B 1 72 ? 10.118  -17.090 -3.860  1.00 12.60 ? 172 ILE B O   1 
ATOM   1306 C CB  . ILE B 1 72 ? 12.953  -17.641 -3.793  1.00 11.08 ? 172 ILE B CB  1 
ATOM   1307 C CG1 . ILE B 1 72 ? 14.317  -17.700 -3.102  1.00 13.08 ? 172 ILE B CG1 1 
ATOM   1308 C CG2 . ILE B 1 72 ? 13.120  -17.958 -5.281  1.00 10.89 ? 172 ILE B CG2 1 
ATOM   1309 C CD1 . ILE B 1 72 ? 14.986  -19.054 -3.198  1.00 15.73 ? 172 ILE B CD1 1 
ATOM   1310 N N   . GLY B 1 73 ? 10.682  -15.354 -5.162  1.00 11.19 ? 173 GLY B N   1 
ATOM   1311 C CA  . GLY B 1 73 ? 9.363   -15.317 -5.754  1.00 11.84 ? 173 GLY B CA  1 
ATOM   1312 C C   . GLY B 1 73 ? 9.250   -14.452 -6.986  1.00 10.14 ? 173 GLY B C   1 
ATOM   1313 O O   . GLY B 1 73 ? 10.253  -14.068 -7.594  1.00 11.70 ? 173 GLY B O   1 
ATOM   1314 N N   . THR B 1 74 ? 8.011   -14.157 -7.352  1.00 10.20 ? 174 THR B N   1 
ATOM   1315 C CA  . THR B 1 74 ? 7.723   -13.351 -8.524  1.00 10.86 ? 174 THR B CA  1 
ATOM   1316 C C   . THR B 1 74 ? 7.980   -11.872 -8.279  1.00 10.40 ? 174 THR B C   1 
ATOM   1317 O O   . THR B 1 74 ? 7.525   -11.296 -7.293  1.00 10.12 ? 174 THR B O   1 
ATOM   1318 C CB  . THR B 1 74 ? 6.264   -13.550 -8.970  1.00 11.79 ? 174 THR B CB  1 
ATOM   1319 O OG1 . THR B 1 74 ? 6.045   -14.937 -9.268  1.00 16.16 ? 174 THR B OG1 1 
ATOM   1320 C CG2 . THR B 1 74 ? 5.964   -12.717 -10.212 1.00 10.51 ? 174 THR B CG2 1 
ATOM   1321 N N   . VAL B 1 75 ? 8.729   -11.265 -9.188  1.00 10.81 ? 175 VAL B N   1 
ATOM   1322 C CA  . VAL B 1 75 ? 9.045   -9.851  -9.099  1.00 12.91 ? 175 VAL B CA  1 
ATOM   1323 C C   . VAL B 1 75 ? 8.646   -9.215  -10.421 1.00 12.21 ? 175 VAL B C   1 
ATOM   1324 O O   . VAL B 1 75 ? 8.952   -9.747  -11.495 1.00 12.74 ? 175 VAL B O   1 
ATOM   1325 C CB  . VAL B 1 75 ? 10.553  -9.626  -8.869  1.00 15.27 ? 175 VAL B CB  1 
ATOM   1326 C CG1 . VAL B 1 75 ? 10.888  -8.144  -8.995  1.00 14.16 ? 175 VAL B CG1 1 
ATOM   1327 C CG2 . VAL B 1 75 ? 10.945  -10.138 -7.492  1.00 13.52 ? 175 VAL B CG2 1 
ATOM   1328 N N   . LEU B 1 76 ? 7.938   -8.097  -10.340 1.00 10.73 ? 176 LEU B N   1 
ATOM   1329 C CA  . LEU B 1 76 ? 7.505   -7.382  -11.531 1.00 9.27  ? 176 LEU B CA  1 
ATOM   1330 C C   . LEU B 1 76 ? 8.432   -6.191  -11.712 1.00 10.66 ? 176 LEU B C   1 
ATOM   1331 O O   . LEU B 1 76 ? 8.911   -5.614  -10.735 1.00 11.00 ? 176 LEU B O   1 
ATOM   1332 C CB  . LEU B 1 76 ? 6.066   -6.887  -11.364 1.00 8.92  ? 176 LEU B CB  1 
ATOM   1333 C CG  . LEU B 1 76 ? 5.051   -7.947  -10.935 1.00 9.44  ? 176 LEU B CG  1 
ATOM   1334 C CD1 . LEU B 1 76 ? 3.679   -7.309  -10.761 1.00 11.69 ? 176 LEU B CD1 1 
ATOM   1335 C CD2 . LEU B 1 76 ? 5.005   -9.057  -11.970 1.00 9.47  ? 176 LEU B CD2 1 
ATOM   1336 N N   . VAL B 1 77 ? 8.692   -5.833  -12.962 1.00 10.99 ? 177 VAL B N   1 
ATOM   1337 C CA  . VAL B 1 77 ? 9.552   -4.701  -13.255 1.00 10.80 ? 177 VAL B CA  1 
ATOM   1338 C C   . VAL B 1 77 ? 8.827   -3.793  -14.233 1.00 13.36 ? 177 VAL B C   1 
ATOM   1339 O O   . VAL B 1 77 ? 8.336   -4.237  -15.269 1.00 12.06 ? 177 VAL B O   1 
ATOM   1340 C CB  . VAL B 1 77 ? 10.894  -5.156  -13.865 1.00 11.61 ? 177 VAL B CB  1 
ATOM   1341 C CG1 . VAL B 1 77 ? 11.753  -3.940  -14.215 1.00 10.86 ? 177 VAL B CG1 1 
ATOM   1342 C CG2 . VAL B 1 77 ? 11.625  -6.052  -12.866 1.00 13.65 ? 177 VAL B CG2 1 
ATOM   1343 N N   . GLY B 1 78 ? 8.744   -2.516  -13.889 1.00 13.41 ? 178 GLY B N   1 
ATOM   1344 C CA  . GLY B 1 78 ? 8.058   -1.588  -14.764 1.00 14.25 ? 178 GLY B CA  1 
ATOM   1345 C C   . GLY B 1 78 ? 8.138   -0.167  -14.265 1.00 15.28 ? 178 GLY B C   1 
ATOM   1346 O O   . GLY B 1 78 ? 8.823   0.113   -13.274 1.00 14.91 ? 178 GLY B O   1 
ATOM   1347 N N   . PRO B 1 79 ? 7.424   0.757   -14.924 1.00 15.41 ? 179 PRO B N   1 
ATOM   1348 C CA  . PRO B 1 79 ? 7.408   2.175   -14.564 1.00 15.16 ? 179 PRO B CA  1 
ATOM   1349 C C   . PRO B 1 79 ? 6.689   2.507   -13.267 1.00 15.41 ? 179 PRO B C   1 
ATOM   1350 O O   . PRO B 1 79 ? 5.789   3.342   -13.244 1.00 14.66 ? 179 PRO B O   1 
ATOM   1351 C CB  . PRO B 1 79 ? 6.754   2.822   -15.780 1.00 14.78 ? 179 PRO B CB  1 
ATOM   1352 C CG  . PRO B 1 79 ? 5.763   1.778   -16.202 1.00 15.27 ? 179 PRO B CG  1 
ATOM   1353 C CD  . PRO B 1 79 ? 6.566   0.503   -16.097 1.00 15.87 ? 179 PRO B CD  1 
ATOM   1354 N N   . THR B 1 80 ? 7.084   1.850   -12.185 1.00 13.81 ? 180 THR B N   1 
ATOM   1355 C CA  . THR B 1 80 ? 6.482   2.120   -10.887 1.00 13.12 ? 180 THR B CA  1 
ATOM   1356 C C   . THR B 1 80 ? 7.162   3.351   -10.292 1.00 11.52 ? 180 THR B C   1 
ATOM   1357 O O   . THR B 1 80 ? 8.355   3.573   -10.493 1.00 11.55 ? 180 THR B O   1 
ATOM   1358 C CB  . THR B 1 80 ? 6.651   0.913   -9.933  1.00 13.24 ? 180 THR B CB  1 
ATOM   1359 O OG1 . THR B 1 80 ? 6.156   1.257   -8.636  1.00 15.04 ? 180 THR B OG1 1 
ATOM   1360 C CG2 . THR B 1 80 ? 8.107   0.509   -9.832  1.00 15.30 ? 180 THR B CG2 1 
ATOM   1361 N N   . PRO B 1 81 ? 6.408   4.177   -9.555  1.00 12.01 ? 181 PRO B N   1 
ATOM   1362 C CA  . PRO B 1 81 ? 6.963   5.390   -8.941  1.00 13.61 ? 181 PRO B CA  1 
ATOM   1363 C C   . PRO B 1 81 ? 8.027   5.106   -7.884  1.00 15.36 ? 181 PRO B C   1 
ATOM   1364 O O   . PRO B 1 81 ? 8.925   5.920   -7.669  1.00 15.11 ? 181 PRO B O   1 
ATOM   1365 C CB  . PRO B 1 81 ? 5.736   6.065   -8.336  1.00 12.21 ? 181 PRO B CB  1 
ATOM   1366 C CG  . PRO B 1 81 ? 4.622   5.600   -9.203  1.00 14.45 ? 181 PRO B CG  1 
ATOM   1367 C CD  . PRO B 1 81 ? 4.945   4.139   -9.388  1.00 13.91 ? 181 PRO B CD  1 
ATOM   1368 N N   . VAL B 1 82 ? 7.904   3.956   -7.219  1.00 13.75 ? 182 VAL B N   1 
ATOM   1369 C CA  . VAL B 1 82 ? 8.840   3.542   -6.171  1.00 10.60 ? 182 VAL B CA  1 
ATOM   1370 C C   . VAL B 1 82 ? 8.917   2.021   -6.140  1.00 10.97 ? 182 VAL B C   1 
ATOM   1371 O O   . VAL B 1 82 ? 8.024   1.343   -6.653  1.00 11.70 ? 182 VAL B O   1 
ATOM   1372 C CB  . VAL B 1 82 ? 8.373   3.998   -4.764  1.00 13.12 ? 182 VAL B CB  1 
ATOM   1373 C CG1 . VAL B 1 82 ? 8.387   5.509   -4.663  1.00 15.75 ? 182 VAL B CG1 1 
ATOM   1374 C CG2 . VAL B 1 82 ? 6.973   3.460   -4.483  1.00 12.53 ? 182 VAL B CG2 1 
ATOM   1375 N N   . ASN B 1 83 ? 9.976   1.482   -5.540  1.00 8.53  ? 183 ASN B N   1 
ATOM   1376 C CA  . ASN B 1 83 ? 10.105  0.032   -5.437  1.00 8.70  ? 183 ASN B CA  1 
ATOM   1377 C C   . ASN B 1 83 ? 9.098   -0.409  -4.386  1.00 9.30  ? 183 ASN B C   1 
ATOM   1378 O O   . ASN B 1 83 ? 9.060   0.143   -3.288  1.00 9.24  ? 183 ASN B O   1 
ATOM   1379 C CB  . ASN B 1 83 ? 11.520  -0.364  -5.017  1.00 9.78  ? 183 ASN B CB  1 
ATOM   1380 C CG  . ASN B 1 83 ? 12.543  -0.050  -6.085  1.00 12.63 ? 183 ASN B CG  1 
ATOM   1381 O OD1 . ASN B 1 83 ? 12.294  -0.262  -7.268  1.00 13.48 ? 183 ASN B OD1 1 
ATOM   1382 N ND2 . ASN B 1 83 ? 13.703  0.450   -5.674  1.00 11.21 ? 183 ASN B ND2 1 
ATOM   1383 N N   . ILE B 1 84 ? 8.286   -1.401  -4.737  1.00 9.25  ? 184 ILE B N   1 
ATOM   1384 C CA  . ILE B 1 84 ? 7.235   -1.892  -3.858  1.00 9.96  ? 184 ILE B CA  1 
ATOM   1385 C C   . ILE B 1 84 ? 7.336   -3.372  -3.523  1.00 9.75  ? 184 ILE B C   1 
ATOM   1386 O O   . ILE B 1 84 ? 7.398   -4.212  -4.414  1.00 9.67  ? 184 ILE B O   1 
ATOM   1387 C CB  . ILE B 1 84 ? 5.851   -1.670  -4.510  1.00 9.33  ? 184 ILE B CB  1 
ATOM   1388 C CG1 . ILE B 1 84 ? 5.593   -0.177  -4.685  1.00 10.52 ? 184 ILE B CG1 1 
ATOM   1389 C CG2 . ILE B 1 84 ? 4.757   -2.323  -3.672  1.00 10.91 ? 184 ILE B CG2 1 
ATOM   1390 C CD1 . ILE B 1 84 ? 4.472   0.113   -5.656  1.00 15.49 ? 184 ILE B CD1 1 
ATOM   1391 N N   . ILE B 1 85 ? 7.346   -3.681  -2.230  1.00 8.14  ? 185 ILE B N   1 
ATOM   1392 C CA  . ILE B 1 85 ? 7.371   -5.061  -1.777  1.00 9.19  ? 185 ILE B CA  1 
ATOM   1393 C C   . ILE B 1 85 ? 5.909   -5.344  -1.435  1.00 10.50 ? 185 ILE B C   1 
ATOM   1394 O O   . ILE B 1 85 ? 5.374   -4.784  -0.477  1.00 11.84 ? 185 ILE B O   1 
ATOM   1395 C CB  . ILE B 1 85 ? 8.240   -5.233  -0.517  1.00 9.89  ? 185 ILE B CB  1 
ATOM   1396 C CG1 . ILE B 1 85 ? 9.688   -4.842  -0.831  1.00 10.10 ? 185 ILE B CG1 1 
ATOM   1397 C CG2 . ILE B 1 85 ? 8.181   -6.673  -0.038  1.00 10.15 ? 185 ILE B CG2 1 
ATOM   1398 C CD1 . ILE B 1 85 ? 10.297  -5.622  -1.985  1.00 12.02 ? 185 ILE B CD1 1 
ATOM   1399 N N   . GLY B 1 86 ? 5.270   -6.192  -2.237  1.00 9.75  ? 186 GLY B N   1 
ATOM   1400 C CA  . GLY B 1 86 ? 3.866   -6.508  -2.038  1.00 9.15  ? 186 GLY B CA  1 
ATOM   1401 C C   . GLY B 1 86 ? 3.574   -7.742  -1.208  1.00 9.95  ? 186 GLY B C   1 
ATOM   1402 O O   . GLY B 1 86 ? 4.483   -8.412  -0.725  1.00 9.90  ? 186 GLY B O   1 
ATOM   1403 N N   . ARG B 1 87 ? 2.292   -8.051  -1.055  1.00 8.50  ? 187 ARG B N   1 
ATOM   1404 C CA  . ARG B 1 87 ? 1.885   -9.189  -0.240  1.00 8.28  ? 187 ARG B CA  1 
ATOM   1405 C C   . ARG B 1 87 ? 2.502   -10.529 -0.611  1.00 10.17 ? 187 ARG B C   1 
ATOM   1406 O O   . ARG B 1 87 ? 2.719   -11.359 0.268   1.00 10.72 ? 187 ARG B O   1 
ATOM   1407 C CB  . ARG B 1 87 ? 0.354   -9.312  -0.213  1.00 8.67  ? 187 ARG B CB  1 
ATOM   1408 C CG  . ARG B 1 87 ? -0.328  -8.174  0.551   1.00 6.77  ? 187 ARG B CG  1 
ATOM   1409 C CD  . ARG B 1 87 ? -1.831  -8.399  0.749   1.00 10.22 ? 187 ARG B CD  1 
ATOM   1410 N NE  . ARG B 1 87 ? -2.535  -8.572  -0.520  1.00 11.41 ? 187 ARG B NE  1 
ATOM   1411 C CZ  . ARG B 1 87 ? -2.880  -9.749  -1.033  1.00 9.72  ? 187 ARG B CZ  1 
ATOM   1412 N NH1 . ARG B 1 87 ? -2.596  -10.873 -0.384  1.00 9.80  ? 187 ARG B NH1 1 
ATOM   1413 N NH2 . ARG B 1 87 ? -3.498  -9.807  -2.206  1.00 13.59 ? 187 ARG B NH2 1 
ATOM   1414 N N   . ASN B 1 88 ? 2.803   -10.756 -1.888  1.00 10.00 ? 188 ASN B N   1 
ATOM   1415 C CA  . ASN B 1 88 ? 3.381   -12.045 -2.264  1.00 10.42 ? 188 ASN B CA  1 
ATOM   1416 C C   . ASN B 1 88 ? 4.694   -12.316 -1.530  1.00 10.86 ? 188 ASN B C   1 
ATOM   1417 O O   . ASN B 1 88 ? 4.985   -13.461 -1.192  1.00 12.85 ? 188 ASN B O   1 
ATOM   1418 C CB  . ASN B 1 88 ? 3.592   -12.143 -3.783  1.00 10.78 ? 188 ASN B CB  1 
ATOM   1419 C CG  . ASN B 1 88 ? 4.696   -11.236 -4.283  1.00 10.78 ? 188 ASN B CG  1 
ATOM   1420 O OD1 . ASN B 1 88 ? 4.677   -10.032 -4.050  1.00 9.34  ? 188 ASN B OD1 1 
ATOM   1421 N ND2 . ASN B 1 88 ? 5.668   -11.816 -4.983  1.00 12.10 ? 188 ASN B ND2 1 
ATOM   1422 N N   . LEU B 1 89 ? 5.484   -11.273 -1.277  1.00 10.56 ? 189 LEU B N   1 
ATOM   1423 C CA  . LEU B 1 89 ? 6.753   -11.454 -0.570  1.00 10.73 ? 189 LEU B CA  1 
ATOM   1424 C C   . LEU B 1 89 ? 6.627   -11.143 0.915   1.00 10.40 ? 189 LEU B C   1 
ATOM   1425 O O   . LEU B 1 89 ? 7.371   -11.686 1.734   1.00 10.01 ? 189 LEU B O   1 
ATOM   1426 C CB  . LEU B 1 89 ? 7.853   -10.589 -1.190  1.00 10.23 ? 189 LEU B CB  1 
ATOM   1427 C CG  . LEU B 1 89 ? 8.199   -10.929 -2.644  1.00 10.10 ? 189 LEU B CG  1 
ATOM   1428 C CD1 . LEU B 1 89 ? 9.389   -10.087 -3.090  1.00 10.08 ? 189 LEU B CD1 1 
ATOM   1429 C CD2 . LEU B 1 89 ? 8.528   -12.412 -2.768  1.00 12.79 ? 189 LEU B CD2 1 
ATOM   1430 N N   . LEU B 1 90 ? 5.700   -10.260 1.269   1.00 9.89  ? 190 LEU B N   1 
ATOM   1431 C CA  . LEU B 1 90 ? 5.501   -9.933  2.676   1.00 11.87 ? 190 LEU B CA  1 
ATOM   1432 C C   . LEU B 1 90 ? 5.124   -11.210 3.434   1.00 13.44 ? 190 LEU B C   1 
ATOM   1433 O O   . LEU B 1 90 ? 5.560   -11.417 4.570   1.00 13.25 ? 190 LEU B O   1 
ATOM   1434 C CB  . LEU B 1 90 ? 4.401   -8.879  2.835   1.00 12.14 ? 190 LEU B CB  1 
ATOM   1435 C CG  . LEU B 1 90 ? 4.723   -7.490  2.275   1.00 12.06 ? 190 LEU B CG  1 
ATOM   1436 C CD1 . LEU B 1 90 ? 3.528   -6.566  2.464   1.00 12.23 ? 190 LEU B CD1 1 
ATOM   1437 C CD2 . LEU B 1 90 ? 5.957   -6.928  2.977   1.00 15.94 ? 190 LEU B CD2 1 
ATOM   1438 N N   . THR B 1 91 ? 4.322   -12.067 2.802   1.00 12.85 ? 191 THR B N   1 
ATOM   1439 C CA  . THR B 1 91 ? 3.921   -13.324 3.432   1.00 13.26 ? 191 THR B CA  1 
ATOM   1440 C C   . THR B 1 91 ? 5.114   -14.262 3.588   1.00 15.65 ? 191 THR B C   1 
ATOM   1441 O O   . THR B 1 91 ? 5.182   -15.028 4.546   1.00 16.61 ? 191 THR B O   1 
ATOM   1442 C CB  . THR B 1 91 ? 2.843   -14.066 2.618   1.00 12.73 ? 191 THR B CB  1 
ATOM   1443 O OG1 . THR B 1 91 ? 3.265   -14.172 1.255   1.00 12.09 ? 191 THR B OG1 1 
ATOM   1444 C CG2 . THR B 1 91 ? 1.504   -13.333 2.695   1.00 11.07 ? 191 THR B CG2 1 
ATOM   1445 N N   . GLN B 1 92 ? 6.053   -14.209 2.647   1.00 15.34 ? 192 GLN B N   1 
ATOM   1446 C CA  . GLN B 1 92 ? 7.225   -15.072 2.726   1.00 14.26 ? 192 GLN B CA  1 
ATOM   1447 C C   . GLN B 1 92 ? 8.111   -14.745 3.918   1.00 15.87 ? 192 GLN B C   1 
ATOM   1448 O O   . GLN B 1 92 ? 8.751   -15.630 4.476   1.00 19.19 ? 192 GLN B O   1 
ATOM   1449 C CB  . GLN B 1 92 ? 8.059   -14.985 1.447   1.00 11.87 ? 192 GLN B CB  1 
ATOM   1450 C CG  . GLN B 1 92 ? 7.466   -15.736 0.271   1.00 11.26 ? 192 GLN B CG  1 
ATOM   1451 C CD  . GLN B 1 92 ? 8.492   -16.001 -0.806  1.00 12.69 ? 192 GLN B CD  1 
ATOM   1452 O OE1 . GLN B 1 92 ? 9.684   -16.123 -0.522  1.00 12.41 ? 192 GLN B OE1 1 
ATOM   1453 N NE2 . GLN B 1 92 ? 8.035   -16.115 -2.045  1.00 12.96 ? 192 GLN B NE2 1 
ATOM   1454 N N   . ILE B 1 93 ? 8.153   -13.477 4.308   1.00 17.89 ? 193 ILE B N   1 
ATOM   1455 C CA  . ILE B 1 93 ? 8.986   -13.082 5.435   1.00 16.88 ? 193 ILE B CA  1 
ATOM   1456 C C   . ILE B 1 93 ? 8.211   -13.064 6.754   1.00 16.61 ? 193 ILE B C   1 
ATOM   1457 O O   . ILE B 1 93 ? 8.752   -12.686 7.797   1.00 17.21 ? 193 ILE B O   1 
ATOM   1458 C CB  . ILE B 1 93 ? 9.637   -11.707 5.191   1.00 14.38 ? 193 ILE B CB  1 
ATOM   1459 C CG1 . ILE B 1 93 ? 8.563   -10.630 5.054   1.00 15.12 ? 193 ILE B CG1 1 
ATOM   1460 C CG2 . ILE B 1 93 ? 10.489  -11.755 3.924   1.00 15.15 ? 193 ILE B CG2 1 
ATOM   1461 C CD1 . ILE B 1 93 ? 9.130   -9.234  4.928   1.00 15.63 ? 193 ILE B CD1 1 
ATOM   1462 N N   . GLY B 1 94 ? 6.946   -13.477 6.697   1.00 16.20 ? 194 GLY B N   1 
ATOM   1463 C CA  . GLY B 1 94 ? 6.115   -13.541 7.891   1.00 15.82 ? 194 GLY B CA  1 
ATOM   1464 C C   . GLY B 1 94 ? 5.640   -12.206 8.423   1.00 14.89 ? 194 GLY B C   1 
ATOM   1465 O O   . GLY B 1 94 ? 5.383   -12.052 9.618   1.00 14.61 ? 194 GLY B O   1 
ATOM   1466 N N   . CYS B 1 95 ? 5.511   -11.235 7.535   1.00 14.43 ? 195 CYS B N   1 
ATOM   1467 C CA  . CYS B 1 95 ? 5.078   -9.907  7.934   1.00 14.70 ? 195 CYS B CA  1 
ATOM   1468 C C   . CYS B 1 95 ? 3.576   -9.847  8.174   1.00 15.20 ? 195 CYS B C   1 
ATOM   1469 O O   . CYS B 1 95 ? 2.789   -10.356 7.377   1.00 18.02 ? 195 CYS B O   1 
ATOM   1470 C CB  . CYS B 1 95 ? 5.468   -8.899  6.850   1.00 15.63 ? 195 CYS B CB  1 
ATOM   1471 S SG  . CYS B 1 95 ? 5.060   -7.212  7.262   1.00 18.26 ? 195 CYS B SG  1 
ATOM   1472 N N   . THR B 1 96 ? 3.176   -9.236  9.287   1.00 15.67 ? 196 THR B N   1 
ATOM   1473 C CA  . THR B 1 96 ? 1.759   -9.091  9.601   1.00 15.68 ? 196 THR B CA  1 
ATOM   1474 C C   . THR B 1 96 ? 1.471   -7.671  10.073  1.00 14.39 ? 196 THR B C   1 
ATOM   1475 O O   . THR B 1 96 ? 2.384   -6.936  10.453  1.00 13.08 ? 196 THR B O   1 
ATOM   1476 C CB  . THR B 1 96 ? 1.302   -10.052 10.722  1.00 14.48 ? 196 THR B CB  1 
ATOM   1477 O OG1 . THR B 1 96 ? 2.017   -9.755  11.926  1.00 11.90 ? 196 THR B OG1 1 
ATOM   1478 C CG2 . THR B 1 96 ? 1.547   -11.504 10.323  1.00 15.11 ? 196 THR B CG2 1 
ATOM   1479 N N   . LEU B 1 97 ? 0.198   -7.295  10.031  1.00 14.34 ? 197 LEU B N   1 
ATOM   1480 C CA  . LEU B 1 97 ? -0.238  -5.984  10.492  1.00 15.20 ? 197 LEU B CA  1 
ATOM   1481 C C   . LEU B 1 97 ? -0.779  -6.215  11.887  1.00 13.85 ? 197 LEU B C   1 
ATOM   1482 O O   . LEU B 1 97 ? -1.487  -7.192  12.122  1.00 15.75 ? 197 LEU B O   1 
ATOM   1483 C CB  . LEU B 1 97 ? -1.354  -5.427  9.604   1.00 15.52 ? 197 LEU B CB  1 
ATOM   1484 C CG  . LEU B 1 97 ? -0.936  -4.737  8.307   1.00 15.75 ? 197 LEU B CG  1 
ATOM   1485 C CD1 . LEU B 1 97 ? -2.169  -4.388  7.499   1.00 15.21 ? 197 LEU B CD1 1 
ATOM   1486 C CD2 . LEU B 1 97 ? -0.143  -3.484  8.636   1.00 14.81 ? 197 LEU B CD2 1 
ATOM   1487 N N   . ASN B 1 98 ? -0.455  -5.318  12.809  1.00 14.74 ? 198 ASN B N   1 
ATOM   1488 C CA  . ASN B 1 98 ? -0.904  -5.475  14.185  1.00 15.16 ? 198 ASN B CA  1 
ATOM   1489 C C   . ASN B 1 98 ? -1.346  -4.175  14.824  1.00 16.31 ? 198 ASN B C   1 
ATOM   1490 O O   . ASN B 1 98 ? -0.745  -3.129  14.596  1.00 15.60 ? 198 ASN B O   1 
ATOM   1491 C CB  . ASN B 1 98 ? 0.226   -6.062  15.034  1.00 15.69 ? 198 ASN B CB  1 
ATOM   1492 C CG  . ASN B 1 98 ? 0.652   -7.435  14.566  1.00 18.16 ? 198 ASN B CG  1 
ATOM   1493 O OD1 . ASN B 1 98 ? 0.109   -8.446  15.003  1.00 25.58 ? 198 ASN B OD1 1 
ATOM   1494 N ND2 . ASN B 1 98 ? 1.620   -7.475  13.664  1.00 16.68 ? 198 ASN B ND2 1 
ATOM   1495 N N   . PHE B 1 99 ? -2.404  -4.254  15.625  1.00 17.69 ? 199 PHE B N   1 
ATOM   1496 C CA  . PHE B 1 99 ? -2.903  -3.094  16.353  1.00 20.68 ? 199 PHE B CA  1 
ATOM   1497 C C   . PHE B 1 99 ? -3.896  -3.539  17.420  1.00 22.44 ? 199 PHE B C   1 
ATOM   1498 O O   . PHE B 1 99 ? -4.133  -4.760  17.516  1.00 19.10 ? 199 PHE B O   1 
ATOM   1499 C CB  . PHE B 1 99 ? -3.548  -2.066  15.411  1.00 22.23 ? 199 PHE B CB  1 
ATOM   1500 C CG  . PHE B 1 99 ? -4.752  -2.568  14.668  1.00 22.68 ? 199 PHE B CG  1 
ATOM   1501 C CD1 . PHE B 1 99 ? -4.611  -3.258  13.469  1.00 23.82 ? 199 PHE B CD1 1 
ATOM   1502 C CD2 . PHE B 1 99 ? -6.034  -2.318  15.148  1.00 26.23 ? 199 PHE B CD2 1 
ATOM   1503 C CE1 . PHE B 1 99 ? -5.729  -3.686  12.754  1.00 22.42 ? 199 PHE B CE1 1 
ATOM   1504 C CE2 . PHE B 1 99 ? -7.160  -2.743  14.442  1.00 24.84 ? 199 PHE B CE2 1 
ATOM   1505 C CZ  . PHE B 1 99 ? -7.005  -3.428  13.241  1.00 24.81 ? 199 PHE B CZ  1 
ATOM   1506 O OXT . PHE B 1 99 ? -4.411  -2.672  18.154  1.00 19.10 ? 199 PHE B OXT 1 
HETATM 1507 C C01 . BED C 2 .  ? -5.146  -0.399  -4.327  1.00 16.31 ? 501 BED A C01 1 
HETATM 1508 C C02 . BED C 2 .  ? -5.409  -1.797  -4.061  1.00 15.80 ? 501 BED A C02 1 
HETATM 1509 C C03 . BED C 2 .  ? -6.066  -2.633  -5.002  1.00 17.10 ? 501 BED A C03 1 
HETATM 1510 C C04 . BED C 2 .  ? -6.494  -2.094  -6.270  1.00 17.58 ? 501 BED A C04 1 
HETATM 1511 C C05 . BED C 2 .  ? -6.253  -0.714  -6.578  1.00 17.31 ? 501 BED A C05 1 
HETATM 1512 C C06 . BED C 2 .  ? -5.585  0.123   -5.612  1.00 17.32 ? 501 BED A C06 1 
HETATM 1513 C C07 . BED C 2 .  ? 3.289   3.932   -4.057  1.00 13.45 ? 501 BED A C07 1 
HETATM 1514 C C08 . BED C 2 .  ? 3.215   4.692   -5.289  1.00 13.68 ? 501 BED A C08 1 
HETATM 1515 C C09 . BED C 2 .  ? 3.717   6.042   -5.334  1.00 14.43 ? 501 BED A C09 1 
HETATM 1516 C C10 . BED C 2 .  ? 4.293   6.636   -4.158  1.00 17.89 ? 501 BED A C10 1 
HETATM 1517 C C11 . BED C 2 .  ? 4.367   5.881   -2.932  1.00 15.37 ? 501 BED A C11 1 
HETATM 1518 C C12 . BED C 2 .  ? 3.869   4.547   -2.886  1.00 13.83 ? 501 BED A C12 1 
HETATM 1519 C C13 . BED C 2 .  ? 2.752   2.502   -3.973  1.00 12.55 ? 501 BED A C13 1 
HETATM 1520 O O14 . BED C 2 .  ? 1.354   2.402   -4.304  1.00 15.07 ? 501 BED A O14 1 
HETATM 1521 C C15 . BED C 2 .  ? 0.459   2.983   -3.305  1.00 15.49 ? 501 BED A C15 1 
HETATM 1522 C C16 . BED C 2 .  ? -0.889  2.319   -3.317  1.00 16.72 ? 501 BED A C16 1 
HETATM 1523 C C17 . BED C 2 .  ? -0.788  0.847   -3.205  1.00 16.11 ? 501 BED A C17 1 
HETATM 1524 C C18 . BED C 2 .  ? -2.067  0.177   -3.769  1.00 13.26 ? 501 BED A C18 1 
HETATM 1525 C C19 . BED C 2 .  ? -1.943  -0.361  -5.176  1.00 11.98 ? 501 BED A C19 1 
HETATM 1526 O O20 . BED C 2 .  ? -1.759  0.373   -6.153  1.00 13.24 ? 501 BED A O20 1 
HETATM 1527 N N21 . BED C 2 .  ? -2.070  -1.730  -5.306  1.00 11.14 ? 501 BED A N21 1 
HETATM 1528 O O22 . BED C 2 .  ? -3.231  1.050   -3.742  1.00 16.79 ? 501 BED A O22 1 
HETATM 1529 C C23 . BED C 2 .  ? -4.431  0.432   -3.271  1.00 15.37 ? 501 BED A C23 1 
HETATM 1530 O O24 . BED C 2 .  ? -0.566  0.607   -1.807  1.00 14.50 ? 501 BED A O24 1 
HETATM 1531 O O25 . BED C 2 .  ? -1.771  2.839   -2.284  1.00 19.69 ? 501 BED A O25 1 
HETATM 1532 C C26 . BED C 2 .  ? 0.108   4.375   -3.657  1.00 15.83 ? 501 BED A C26 1 
HETATM 1533 O O27 . BED C 2 .  ? -0.361  4.617   -4.770  1.00 16.44 ? 501 BED A O27 1 
HETATM 1534 N N28 . BED C 2 .  ? 0.336   5.323   -2.719  1.00 11.13 ? 501 BED A N28 1 
HETATM 1535 C C29 . BED C 2 .  ? 0.035   6.705   -2.955  1.00 11.72 ? 501 BED A C29 1 
HETATM 1536 C C30 . BED C 2 .  ? -1.254  7.115   -2.297  1.00 14.07 ? 501 BED A C30 1 
HETATM 1537 C C31 . BED C 2 .  ? -1.173  8.473   -1.864  1.00 12.35 ? 501 BED A C31 1 
HETATM 1538 C C32 . BED C 2 .  ? -2.464  6.351   -2.069  1.00 13.70 ? 501 BED A C32 1 
HETATM 1539 C C33 . BED C 2 .  ? -3.580  6.978   -1.402  1.00 14.45 ? 501 BED A C33 1 
HETATM 1540 C C34 . BED C 2 .  ? -3.477  8.354   -0.974  1.00 12.93 ? 501 BED A C34 1 
HETATM 1541 C C35 . BED C 2 .  ? 1.012   7.741   -2.382  1.00 10.46 ? 501 BED A C35 1 
HETATM 1542 O O36 . BED C 2 .  ? 1.460   7.258   -1.118  1.00 10.96 ? 501 BED A O36 1 
HETATM 1543 C C37 . BED C 2 .  ? -2.270  9.114   -1.202  1.00 16.08 ? 501 BED A C37 1 
HETATM 1544 C C38 . BED C 2 .  ? 0.169   9.031   -2.212  1.00 10.58 ? 501 BED A C38 1 
HETATM 1545 C C39 . BED C 2 .  ? -1.999  -2.461  -6.562  1.00 10.05 ? 501 BED A C39 1 
HETATM 1546 C C40 . BED C 2 .  ? -0.626  -3.004  -6.867  1.00 9.88  ? 501 BED A C40 1 
HETATM 1547 C C41 . BED C 2 .  ? -0.720  -4.246  -7.562  1.00 10.51 ? 501 BED A C41 1 
HETATM 1548 C C42 . BED C 2 .  ? 0.665   -2.449  -6.556  1.00 9.92  ? 501 BED A C42 1 
HETATM 1549 C C43 . BED C 2 .  ? 1.852   -3.172  -6.961  1.00 12.50 ? 501 BED A C43 1 
HETATM 1550 C C44 . BED C 2 .  ? 1.737   -4.416  -7.657  1.00 12.61 ? 501 BED A C44 1 
HETATM 1551 C C45 . BED C 2 .  ? -2.847  -3.738  -6.663  1.00 8.80  ? 501 BED A C45 1 
HETATM 1552 O O46 . BED C 2 .  ? -2.851  -4.360  -5.367  1.00 10.86 ? 501 BED A O46 1 
HETATM 1553 C C47 . BED C 2 .  ? 0.453   -4.973  -7.969  1.00 11.27 ? 501 BED A C47 1 
HETATM 1554 C C48 . BED C 2 .  ? -2.155  -4.603  -7.759  1.00 8.53  ? 501 BED A C48 1 
HETATM 1555 F F49 . BED C 2 .  ? -5.398  1.371   -5.971  1.00 25.63 ? 501 BED A F49 1 
HETATM 1556 F F50 . BED C 2 .  ? 2.689   4.171   -6.374  1.00 18.71 ? 501 BED A F50 1 
HETATM 1557 O O   . HOH D 3 .  ? 1.232   -12.575 6.561   1.00 16.44 ? 601 HOH A O   1 
HETATM 1558 O O   . HOH D 3 .  ? -5.439  -9.941  5.279   1.00 20.43 ? 605 HOH A O   1 
HETATM 1559 O O   . HOH D 3 .  ? -7.217  -11.026 -1.328  1.00 25.32 ? 606 HOH A O   1 
HETATM 1560 O O   . HOH D 3 .  ? -9.565  20.759  3.452   1.00 31.52 ? 607 HOH A O   1 
HETATM 1561 O O   . HOH D 3 .  ? -1.443  11.293  -14.248 1.00 30.73 ? 608 HOH A O   1 
HETATM 1562 O O   . HOH D 3 .  ? 0.790   12.047  -4.278  1.00 24.37 ? 613 HOH A O   1 
HETATM 1563 O O   . HOH D 3 .  ? 2.409   9.913   -4.975  1.00 23.28 ? 614 HOH A O   1 
HETATM 1564 O O   . HOH D 3 .  ? -8.914  12.369  -11.732 1.00 21.31 ? 615 HOH A O   1 
HETATM 1565 O O   . HOH D 3 .  ? -6.796  10.205  16.147  1.00 18.99 ? 619 HOH A O   1 
HETATM 1566 O O   . HOH D 3 .  ? -6.976  7.843   17.696  1.00 25.41 ? 620 HOH A O   1 
HETATM 1567 O O   . HOH D 3 .  ? 1.210   4.131   15.666  1.00 14.68 ? 621 HOH A O   1 
HETATM 1568 O O   . HOH D 3 .  ? 2.288   3.245   13.350  1.00 16.38 ? 622 HOH A O   1 
HETATM 1569 O O   . HOH D 3 .  ? -17.625 10.220  10.925  1.00 41.10 ? 624 HOH A O   1 
HETATM 1570 O O   . HOH D 3 .  ? -15.714 7.146   -6.774  1.00 18.57 ? 625 HOH A O   1 
HETATM 1571 O O   . HOH D 3 .  ? -1.390  3.019   -6.707  1.00 11.52 ? 627 HOH A O   1 
HETATM 1572 O O   . HOH D 3 .  ? 3.498   4.848   2.730   1.00 10.89 ? 628 HOH A O   1 
HETATM 1573 O O   . HOH D 3 .  ? 0.360   9.964   10.864  1.00 17.47 ? 630 HOH A O   1 
HETATM 1574 O O   . HOH D 3 .  ? -5.760  11.426  3.958   1.00 20.96 ? 632 HOH A O   1 
HETATM 1575 O O   . HOH D 3 .  ? 3.878   5.917   0.434   1.00 26.26 ? 633 HOH A O   1 
HETATM 1576 O O   . HOH D 3 .  ? -4.290  13.479  8.794   1.00 8.50  ? 638 HOH A O   1 
HETATM 1577 O O   . HOH D 3 .  ? 0.964   10.368  6.070   1.00 21.12 ? 639 HOH A O   1 
HETATM 1578 O O   . HOH D 3 .  ? 2.945   4.384   -12.699 1.00 34.64 ? 641 HOH A O   1 
HETATM 1579 O O   . HOH D 3 .  ? 0.993   -2.489  17.042  1.00 24.12 ? 643 HOH A O   1 
HETATM 1580 O O   . HOH D 3 .  ? -7.237  16.622  9.529   1.00 24.53 ? 645 HOH A O   1 
HETATM 1581 O O   . HOH D 3 .  ? -10.140 -5.441  -2.601  1.00 37.54 ? 646 HOH A O   1 
HETATM 1582 O O   . HOH D 3 .  ? -7.245  -11.073 12.490  1.00 38.22 ? 652 HOH A O   1 
HETATM 1583 O O   . HOH D 3 .  ? -15.482 -0.165  12.488  1.00 37.84 ? 653 HOH A O   1 
HETATM 1584 O O   . HOH D 3 .  ? -11.978 20.183  5.692   1.00 36.06 ? 654 HOH A O   1 
HETATM 1585 O O   . HOH D 3 .  ? -4.930  9.045   -14.013 1.00 50.56 ? 655 HOH A O   1 
HETATM 1586 O O   . HOH D 3 .  ? -14.258 5.001   -7.367  1.00 28.35 ? 657 HOH A O   1 
HETATM 1587 O O   . HOH D 3 .  ? -16.867 6.203   -0.102  1.00 43.10 ? 660 HOH A O   1 
HETATM 1588 O O   . HOH D 3 .  ? -17.474 7.525   12.258  1.00 24.42 ? 668 HOH A O   1 
HETATM 1589 O O   . HOH D 3 .  ? -13.204 -0.872  -0.929  1.00 33.95 ? 672 HOH A O   1 
HETATM 1590 O O   . HOH D 3 .  ? -8.000  -4.734  -7.884  1.00 39.30 ? 673 HOH A O   1 
HETATM 1591 O O   . HOH D 3 .  ? -9.994  9.660   -12.544 1.00 47.11 ? 679 HOH A O   1 
HETATM 1592 O O   . HOH D 3 .  ? -17.525 -0.511  0.578   1.00 30.00 ? 680 HOH A O   1 
HETATM 1593 O O   . HOH D 3 .  ? -12.299 14.620  -7.811  1.00 42.52 ? 683 HOH A O   1 
HETATM 1594 O O   . HOH D 3 .  ? -5.232  23.312  -2.705  1.00 46.62 ? 685 HOH A O   1 
HETATM 1595 O O   . HOH D 3 .  ? 2.155   12.116  -0.239  1.00 35.43 ? 686 HOH A O   1 
HETATM 1596 O O   . HOH D 3 .  ? -6.093  -11.305 15.498  1.00 40.93 ? 687 HOH A O   1 
HETATM 1597 O O   . HOH D 3 .  ? -10.805 -7.919  -2.669  1.00 44.56 ? 688 HOH A O   1 
HETATM 1598 O O   . HOH D 3 .  ? 7.452   -7.462  16.109  1.00 39.93 ? 689 HOH A O   1 
HETATM 1599 O O   . HOH D 3 .  ? -0.123  -17.687 8.567   1.00 45.59 ? 690 HOH A O   1 
HETATM 1600 O O   . HOH D 3 .  ? -2.176  -14.724 13.008  1.00 34.19 ? 691 HOH A O   1 
HETATM 1601 O O   . HOH D 3 .  ? -16.282 13.527  10.930  1.00 31.33 ? 696 HOH A O   1 
HETATM 1602 O O   . HOH D 3 .  ? -4.277  3.746   19.847  1.00 37.50 ? 698 HOH A O   1 
HETATM 1603 O O   . HOH D 3 .  ? -12.767 -3.727  -1.927  1.00 33.39 ? 702 HOH A O   1 
HETATM 1604 O O   . HOH E 3 .  ? 1.610   -15.370 -0.625  1.00 23.53 ? 602 HOH B O   1 
HETATM 1605 O O   . HOH E 3 .  ? 10.113  -19.503 -5.048  1.00 14.63 ? 603 HOH B O   1 
HETATM 1606 O O   . HOH E 3 .  ? 4.500   -11.226 12.235  1.00 28.55 ? 604 HOH B O   1 
HETATM 1607 O O   . HOH E 3 .  ? 9.478   -13.330 10.336  1.00 28.46 ? 609 HOH B O   1 
HETATM 1608 O O   . HOH E 3 .  ? 5.283   -16.008 -2.734  1.00 21.94 ? 610 HOH B O   1 
HETATM 1609 O O   . HOH E 3 .  ? 5.638   -14.865 -5.485  1.00 10.96 ? 611 HOH B O   1 
HETATM 1610 O O   . HOH E 3 .  ? 8.027   -17.061 -8.744  1.00 20.55 ? 612 HOH B O   1 
HETATM 1611 O O   . HOH E 3 .  ? -0.378  -11.706 -3.373  1.00 23.09 ? 616 HOH B O   1 
HETATM 1612 O O   . HOH E 3 .  ? 11.578  2.435   -13.941 1.00 28.26 ? 617 HOH B O   1 
HETATM 1613 O O   . HOH E 3 .  ? 16.416  -11.607 -18.909 1.00 41.24 ? 618 HOH B O   1 
HETATM 1614 O O   . HOH E 3 .  ? 17.982  -6.944  2.759   1.00 27.05 ? 623 HOH B O   1 
HETATM 1615 O O   . HOH E 3 .  ? 18.788  -11.549 -6.793  1.00 18.56 ? 626 HOH B O   1 
HETATM 1616 O O   . HOH E 3 .  ? -3.867  -5.328  -10.827 1.00 26.29 ? 629 HOH B O   1 
HETATM 1617 O O   . HOH E 3 .  ? 17.414  -14.524 -8.757  1.00 31.45 ? 631 HOH B O   1 
HETATM 1618 O O   . HOH E 3 .  ? 5.189   -9.936  -7.761  1.00 13.05 ? 634 HOH B O   1 
HETATM 1619 O O   . HOH E 3 .  ? 8.114   -16.011 -21.271 1.00 22.55 ? 635 HOH B O   1 
HETATM 1620 O O   . HOH E 3 .  ? 2.832   0.991   -18.903 1.00 28.10 ? 636 HOH B O   1 
HETATM 1621 O O   . HOH E 3 .  ? 7.816   -14.936 -16.048 1.00 28.95 ? 637 HOH B O   1 
HETATM 1622 O O   . HOH E 3 .  ? 11.963  2.954   -3.896  1.00 23.65 ? 640 HOH B O   1 
HETATM 1623 O O   . HOH E 3 .  ? -3.187  -5.869  -0.756  1.00 18.44 ? 642 HOH B O   1 
HETATM 1624 O O   . HOH E 3 .  ? 2.036   -11.919 -10.749 1.00 29.10 ? 644 HOH B O   1 
HETATM 1625 O O   . HOH E 3 .  ? 8.017   9.431   4.980   1.00 21.93 ? 647 HOH B O   1 
HETATM 1626 O O   . HOH E 3 .  ? 11.690  5.360   -2.040  1.00 33.36 ? 648 HOH B O   1 
HETATM 1627 O O   . HOH E 3 .  ? 16.736  2.425   -4.340  1.00 21.27 ? 649 HOH B O   1 
HETATM 1628 O O   . HOH E 3 .  ? -0.146  -13.188 -0.908  1.00 38.98 ? 650 HOH B O   1 
HETATM 1629 O O   . HOH E 3 .  ? -4.332  -12.457 -2.866  1.00 35.19 ? 651 HOH B O   1 
HETATM 1630 O O   . HOH E 3 .  ? -6.630  0.670   -11.366 1.00 29.92 ? 656 HOH B O   1 
HETATM 1631 O O   . HOH E 3 .  ? 21.675  -10.674 -4.539  1.00 29.35 ? 658 HOH B O   1 
HETATM 1632 O O   . HOH E 3 .  ? 16.268  -2.110  6.184   1.00 32.97 ? 659 HOH B O   1 
HETATM 1633 O O   . HOH E 3 .  ? 8.049   -0.045  17.353  1.00 44.36 ? 661 HOH B O   1 
HETATM 1634 O O   . HOH E 3 .  ? -7.940  -1.666  -10.451 1.00 42.11 ? 662 HOH B O   1 
HETATM 1635 O O   . HOH E 3 .  ? 7.634   5.547   11.530  1.00 18.99 ? 663 HOH B O   1 
HETATM 1636 O O   . HOH E 3 .  ? 19.327  -11.360 -3.227  1.00 31.16 ? 664 HOH B O   1 
HETATM 1637 O O   . HOH E 3 .  ? -5.814  -3.542  -9.310  1.00 23.29 ? 665 HOH B O   1 
HETATM 1638 O O   . HOH E 3 .  ? 27.309  -7.131  -4.711  1.00 29.55 ? 666 HOH B O   1 
HETATM 1639 O O   . HOH E 3 .  ? -8.491  2.988   -11.949 1.00 43.85 ? 667 HOH B O   1 
HETATM 1640 O O   . HOH E 3 .  ? 11.958  -3.254  15.758  1.00 37.57 ? 669 HOH B O   1 
HETATM 1641 O O   . HOH E 3 .  ? -2.381  -9.252  -16.383 1.00 33.41 ? 670 HOH B O   1 
HETATM 1642 O O   . HOH E 3 .  ? 14.657  -1.301  -9.377  1.00 29.65 ? 671 HOH B O   1 
HETATM 1643 O O   . HOH E 3 .  ? 11.291  -15.442 -15.119 1.00 27.80 ? 674 HOH B O   1 
HETATM 1644 O O   . HOH E 3 .  ? 6.353   -16.626 -23.825 1.00 39.01 ? 675 HOH B O   1 
HETATM 1645 O O   . HOH E 3 .  ? 11.094  6.351   5.757   1.00 32.82 ? 676 HOH B O   1 
HETATM 1646 O O   . HOH E 3 .  ? 24.667  -1.902  -3.762  1.00 34.59 ? 677 HOH B O   1 
HETATM 1647 O O   . HOH E 3 .  ? 16.676  -2.893  -17.642 1.00 45.13 ? 678 HOH B O   1 
HETATM 1648 O O   . HOH E 3 .  ? 15.624  1.332   -7.441  1.00 25.99 ? 681 HOH B O   1 
HETATM 1649 O O   . HOH E 3 .  ? 3.177   -11.863 -7.717  1.00 36.82 ? 682 HOH B O   1 
HETATM 1650 O O   . HOH E 3 .  ? 9.650   6.870   -0.905  1.00 34.05 ? 684 HOH B O   1 
HETATM 1651 O O   . HOH E 3 .  ? 3.770   -6.421  -20.147 1.00 25.17 ? 692 HOH B O   1 
HETATM 1652 O O   . HOH E 3 .  ? 0.804   -6.553  -20.285 1.00 37.73 ? 693 HOH B O   1 
HETATM 1653 O O   . HOH E 3 .  ? 9.319   1.853   13.064  1.00 42.41 ? 694 HOH B O   1 
HETATM 1654 O O   . HOH E 3 .  ? 3.485   4.801   18.067  1.00 14.64 ? 695 HOH B O   1 
HETATM 1655 O O   . HOH E 3 .  ? 8.187   3.484   8.882   1.00 23.15 ? 697 HOH B O   1 
HETATM 1656 O O   . HOH E 3 .  ? -1.897  -7.626  -9.767  1.00 28.73 ? 699 HOH B O   1 
HETATM 1657 O O   . HOH E 3 .  ? 1.640   -12.695 -16.251 1.00 39.12 ? 700 HOH B O   1 
HETATM 1658 O O   . HOH E 3 .  ? -3.798  -8.623  -8.362  1.00 37.72 ? 701 HOH B O   1 
# 
